data_1X2N
#
_entry.id   1X2N
#
_entity_poly.entity_id   1
_entity_poly.type   'polypeptide(L)'
_entity_poly.pdbx_seq_one_letter_code
;GSSGSSGKNKRGVLPKHATNVMRSWLFQHIGHPYPTEDEKKQIAAQTNLTLLQVNNWFINARRRILQSGPSSG
;
_entity_poly.pdbx_strand_id   A
#
# COMPACT_ATOMS: atom_id res chain seq x y z
N GLY A 1 -13.66 -17.17 -8.62
CA GLY A 1 -13.69 -16.71 -7.25
C GLY A 1 -12.32 -16.32 -6.73
N SER A 2 -11.97 -15.04 -6.89
CA SER A 2 -10.68 -14.54 -6.46
C SER A 2 -10.51 -14.73 -4.95
N SER A 3 -9.32 -15.17 -4.55
CA SER A 3 -9.03 -15.41 -3.14
C SER A 3 -7.59 -15.01 -2.80
N GLY A 4 -7.37 -14.64 -1.55
CA GLY A 4 -6.03 -14.25 -1.12
C GLY A 4 -6.00 -13.81 0.33
N SER A 5 -6.98 -13.03 0.74
CA SER A 5 -7.06 -12.53 2.10
C SER A 5 -6.75 -13.65 3.10
N SER A 6 -7.39 -14.79 2.90
CA SER A 6 -7.19 -15.94 3.79
C SER A 6 -5.70 -16.23 3.97
N GLY A 7 -5.26 -16.22 5.23
CA GLY A 7 -3.86 -16.48 5.52
C GLY A 7 -2.98 -15.27 5.31
N LYS A 8 -2.14 -14.96 6.29
CA LYS A 8 -1.25 -13.82 6.22
C LYS A 8 0.20 -14.23 6.46
N ASN A 9 1.01 -14.18 5.42
CA ASN A 9 2.42 -14.55 5.53
C ASN A 9 3.06 -13.89 6.75
N LYS A 10 3.31 -14.70 7.78
CA LYS A 10 3.92 -14.20 9.00
C LYS A 10 5.03 -13.21 8.70
N ARG A 11 5.68 -13.39 7.55
CA ARG A 11 6.77 -12.52 7.13
C ARG A 11 6.77 -12.33 5.62
N GLY A 12 6.59 -11.09 5.18
CA GLY A 12 6.58 -10.80 3.75
C GLY A 12 7.37 -9.56 3.41
N VAL A 13 7.95 -9.55 2.21
CA VAL A 13 8.74 -8.41 1.75
C VAL A 13 8.61 -8.21 0.25
N LEU A 14 8.50 -6.95 -0.16
CA LEU A 14 8.36 -6.63 -1.59
C LEU A 14 9.62 -5.97 -2.11
N PRO A 15 9.85 -6.09 -3.42
CA PRO A 15 11.03 -5.51 -4.09
C PRO A 15 10.97 -3.99 -4.15
N LYS A 16 12.13 -3.35 -4.26
CA LYS A 16 12.21 -1.90 -4.32
C LYS A 16 11.36 -1.36 -5.47
N HIS A 17 11.33 -2.10 -6.58
CA HIS A 17 10.56 -1.70 -7.75
C HIS A 17 9.08 -1.52 -7.39
N ALA A 18 8.56 -2.44 -6.59
CA ALA A 18 7.16 -2.38 -6.16
C ALA A 18 6.93 -1.23 -5.19
N THR A 19 7.80 -1.11 -4.20
CA THR A 19 7.70 -0.05 -3.20
C THR A 19 7.87 1.33 -3.84
N ASN A 20 8.57 1.37 -4.97
CA ASN A 20 8.80 2.62 -5.68
C ASN A 20 7.49 3.21 -6.17
N VAL A 21 6.79 2.47 -7.02
CA VAL A 21 5.52 2.92 -7.57
C VAL A 21 4.56 3.34 -6.46
N MET A 22 4.25 2.41 -5.56
CA MET A 22 3.34 2.69 -4.45
C MET A 22 3.78 3.95 -3.71
N ARG A 23 5.06 4.00 -3.34
CA ARG A 23 5.60 5.14 -2.61
C ARG A 23 5.25 6.44 -3.33
N SER A 24 5.72 6.58 -4.56
CA SER A 24 5.46 7.78 -5.35
C SER A 24 4.00 8.20 -5.26
N TRP A 25 3.10 7.24 -5.50
CA TRP A 25 1.67 7.50 -5.44
C TRP A 25 1.26 8.03 -4.07
N LEU A 26 1.59 7.26 -3.03
CA LEU A 26 1.25 7.65 -1.66
C LEU A 26 1.66 9.10 -1.39
N PHE A 27 2.89 9.44 -1.76
CA PHE A 27 3.40 10.80 -1.57
C PHE A 27 2.56 11.81 -2.33
N GLN A 28 2.21 11.47 -3.57
CA GLN A 28 1.40 12.35 -4.41
C GLN A 28 0.06 12.64 -3.75
N HIS A 29 -0.45 11.68 -3.00
CA HIS A 29 -1.73 11.84 -2.31
C HIS A 29 -1.57 11.69 -0.81
N ILE A 30 -0.42 12.11 -0.29
CA ILE A 30 -0.13 12.02 1.14
C ILE A 30 -1.35 12.44 1.96
N GLY A 31 -1.97 13.54 1.56
CA GLY A 31 -3.14 14.03 2.27
C GLY A 31 -4.23 12.98 2.39
N HIS A 32 -4.54 12.31 1.29
CA HIS A 32 -5.57 11.29 1.28
C HIS A 32 -5.07 10.03 0.56
N PRO A 33 -4.32 9.19 1.29
CA PRO A 33 -3.77 7.95 0.74
C PRO A 33 -4.84 6.90 0.48
N TYR A 34 -5.55 7.05 -0.63
CA TYR A 34 -6.61 6.12 -1.00
C TYR A 34 -6.55 5.77 -2.48
N PRO A 35 -6.12 4.53 -2.78
CA PRO A 35 -6.01 4.05 -4.16
C PRO A 35 -7.37 3.84 -4.81
N THR A 36 -7.49 4.26 -6.07
CA THR A 36 -8.74 4.13 -6.81
C THR A 36 -8.81 2.77 -7.50
N GLU A 37 -10.03 2.25 -7.62
CA GLU A 37 -10.26 0.95 -8.25
C GLU A 37 -9.27 0.75 -9.41
N ASP A 38 -8.98 1.82 -10.12
CA ASP A 38 -8.06 1.76 -11.25
C ASP A 38 -6.61 1.65 -10.76
N GLU A 39 -6.22 2.59 -9.91
CA GLU A 39 -4.86 2.61 -9.37
C GLU A 39 -4.41 1.20 -8.96
N LYS A 40 -5.29 0.49 -8.27
CA LYS A 40 -4.99 -0.86 -7.81
C LYS A 40 -4.77 -1.79 -9.01
N LYS A 41 -5.49 -1.55 -10.09
CA LYS A 41 -5.37 -2.35 -11.29
C LYS A 41 -4.08 -2.02 -12.05
N GLN A 42 -3.90 -0.74 -12.35
CA GLN A 42 -2.71 -0.29 -13.06
C GLN A 42 -1.45 -0.58 -12.27
N ILE A 43 -1.40 -0.06 -11.04
CA ILE A 43 -0.24 -0.27 -10.18
C ILE A 43 0.14 -1.75 -10.12
N ALA A 44 -0.81 -2.59 -9.76
CA ALA A 44 -0.57 -4.03 -9.67
C ALA A 44 0.32 -4.50 -10.81
N ALA A 45 0.11 -3.95 -12.00
CA ALA A 45 0.90 -4.31 -13.17
C ALA A 45 2.32 -3.76 -13.06
N GLN A 46 2.43 -2.44 -12.92
CA GLN A 46 3.72 -1.79 -12.81
C GLN A 46 4.58 -2.44 -11.73
N THR A 47 3.94 -2.86 -10.65
CA THR A 47 4.63 -3.49 -9.54
C THR A 47 4.54 -5.02 -9.63
N ASN A 48 3.64 -5.49 -10.50
CA ASN A 48 3.45 -6.93 -10.68
C ASN A 48 2.86 -7.56 -9.42
N LEU A 49 2.09 -6.78 -8.67
CA LEU A 49 1.47 -7.26 -7.44
C LEU A 49 -0.03 -7.50 -7.65
N THR A 50 -0.62 -8.28 -6.75
CA THR A 50 -2.05 -8.59 -6.83
C THR A 50 -2.88 -7.56 -6.06
N LEU A 51 -4.06 -7.25 -6.60
CA LEU A 51 -4.94 -6.27 -5.97
C LEU A 51 -4.85 -6.35 -4.45
N LEU A 52 -4.65 -7.57 -3.93
CA LEU A 52 -4.54 -7.77 -2.50
C LEU A 52 -3.27 -7.14 -1.95
N GLN A 53 -2.14 -7.46 -2.59
CA GLN A 53 -0.85 -6.92 -2.16
C GLN A 53 -0.87 -5.40 -2.15
N VAL A 54 -1.10 -4.80 -3.33
CA VAL A 54 -1.15 -3.36 -3.45
C VAL A 54 -1.97 -2.74 -2.32
N ASN A 55 -3.05 -3.41 -1.95
CA ASN A 55 -3.91 -2.92 -0.87
C ASN A 55 -3.24 -3.05 0.48
N ASN A 56 -2.85 -4.28 0.82
CA ASN A 56 -2.19 -4.54 2.10
C ASN A 56 -1.04 -3.56 2.33
N TRP A 57 -0.14 -3.47 1.36
CA TRP A 57 1.00 -2.57 1.46
C TRP A 57 0.55 -1.16 1.82
N PHE A 58 -0.43 -0.65 1.09
CA PHE A 58 -0.96 0.69 1.33
C PHE A 58 -1.54 0.79 2.74
N ILE A 59 -2.49 -0.08 3.05
CA ILE A 59 -3.12 -0.08 4.36
C ILE A 59 -2.09 0.05 5.47
N ASN A 60 -1.03 -0.74 5.38
CA ASN A 60 0.04 -0.71 6.39
C ASN A 60 0.84 0.59 6.29
N ALA A 61 1.15 1.00 5.07
CA ALA A 61 1.90 2.22 4.83
C ALA A 61 1.17 3.43 5.39
N ARG A 62 0.00 3.72 4.82
CA ARG A 62 -0.80 4.85 5.26
C ARG A 62 -0.84 4.94 6.79
N ARG A 63 -0.87 3.78 7.44
CA ARG A 63 -0.91 3.72 8.90
C ARG A 63 0.35 4.34 9.50
N ARG A 64 1.50 4.01 8.92
CA ARG A 64 2.77 4.54 9.40
C ARG A 64 2.79 6.07 9.31
N ILE A 65 2.50 6.60 8.13
CA ILE A 65 2.49 8.04 7.93
C ILE A 65 1.35 8.70 8.70
N LEU A 66 0.24 7.98 8.83
CA LEU A 66 -0.92 8.50 9.54
C LEU A 66 -0.57 8.80 10.99
N GLN A 67 -0.01 7.81 11.69
CA GLN A 67 0.38 7.98 13.09
C GLN A 67 1.53 8.97 13.22
N SER A 68 2.55 8.81 12.38
CA SER A 68 3.71 9.69 12.41
C SER A 68 3.40 11.03 11.76
N GLY A 69 2.75 11.91 12.51
CA GLY A 69 2.39 13.21 11.99
C GLY A 69 1.67 14.08 13.01
N PRO A 70 0.42 13.70 13.33
CA PRO A 70 -0.40 14.43 14.29
C PRO A 70 0.11 14.28 15.73
N SER A 71 0.89 13.23 15.96
CA SER A 71 1.44 12.97 17.29
C SER A 71 2.80 13.64 17.45
N SER A 72 2.91 14.49 18.47
CA SER A 72 4.15 15.21 18.74
C SER A 72 5.12 14.33 19.51
N GLY A 73 5.87 13.50 18.78
CA GLY A 73 6.83 12.62 19.41
C GLY A 73 7.98 13.38 20.05
N GLY A 1 -16.97 -18.74 -7.94
CA GLY A 1 -16.50 -20.10 -8.22
C GLY A 1 -15.13 -20.12 -8.85
N SER A 2 -14.11 -19.86 -8.05
CA SER A 2 -12.73 -19.85 -8.54
C SER A 2 -11.87 -20.86 -7.79
N SER A 3 -10.96 -21.51 -8.51
CA SER A 3 -10.09 -22.51 -7.92
C SER A 3 -9.20 -21.88 -6.85
N GLY A 4 -8.92 -22.63 -5.78
CA GLY A 4 -8.08 -22.13 -4.71
C GLY A 4 -6.79 -22.91 -4.58
N SER A 5 -6.12 -22.73 -3.45
CA SER A 5 -4.85 -23.42 -3.20
C SER A 5 -4.43 -23.26 -1.73
N SER A 6 -3.72 -24.26 -1.23
CA SER A 6 -3.26 -24.25 0.16
C SER A 6 -1.87 -23.62 0.26
N GLY A 7 -0.91 -24.19 -0.47
CA GLY A 7 0.44 -23.68 -0.45
C GLY A 7 0.56 -22.33 -1.12
N LYS A 8 0.97 -21.32 -0.34
CA LYS A 8 1.12 -19.97 -0.87
C LYS A 8 2.56 -19.49 -0.73
N ASN A 9 3.23 -19.29 -1.86
CA ASN A 9 4.61 -18.84 -1.86
C ASN A 9 4.82 -17.72 -0.84
N LYS A 10 5.84 -17.89 0.01
CA LYS A 10 6.14 -16.89 1.03
C LYS A 10 6.99 -15.76 0.47
N ARG A 11 6.40 -14.58 0.37
CA ARG A 11 7.10 -13.41 -0.16
C ARG A 11 6.92 -12.21 0.76
N GLY A 12 7.94 -11.93 1.56
CA GLY A 12 7.88 -10.80 2.48
C GLY A 12 8.22 -9.49 1.81
N VAL A 13 9.30 -8.86 2.26
CA VAL A 13 9.75 -7.59 1.70
C VAL A 13 9.48 -7.53 0.19
N LEU A 14 9.09 -6.37 -0.29
CA LEU A 14 8.82 -6.17 -1.71
C LEU A 14 10.02 -5.58 -2.42
N PRO A 15 10.10 -5.81 -3.74
CA PRO A 15 11.19 -5.30 -4.58
C PRO A 15 11.12 -3.78 -4.75
N LYS A 16 12.25 -3.12 -4.52
CA LYS A 16 12.32 -1.66 -4.66
C LYS A 16 11.45 -1.19 -5.83
N HIS A 17 11.42 -1.98 -6.89
CA HIS A 17 10.62 -1.64 -8.07
C HIS A 17 9.15 -1.49 -7.71
N ALA A 18 8.63 -2.47 -6.97
CA ALA A 18 7.24 -2.45 -6.56
C ALA A 18 6.97 -1.32 -5.57
N THR A 19 7.83 -1.19 -4.58
CA THR A 19 7.69 -0.15 -3.57
C THR A 19 7.82 1.24 -4.18
N ASN A 20 8.59 1.33 -5.27
CA ASN A 20 8.79 2.60 -5.95
C ASN A 20 7.47 3.22 -6.37
N VAL A 21 6.72 2.50 -7.20
CA VAL A 21 5.42 2.97 -7.68
C VAL A 21 4.53 3.37 -6.51
N MET A 22 4.26 2.42 -5.62
CA MET A 22 3.41 2.68 -4.47
C MET A 22 3.88 3.93 -3.72
N ARG A 23 5.15 3.94 -3.35
CA ARG A 23 5.72 5.07 -2.62
C ARG A 23 5.39 6.39 -3.33
N SER A 24 5.79 6.49 -4.59
CA SER A 24 5.54 7.70 -5.37
C SER A 24 4.09 8.12 -5.27
N TRP A 25 3.19 7.19 -5.57
CA TRP A 25 1.76 7.46 -5.53
C TRP A 25 1.36 8.00 -4.15
N LEU A 26 1.66 7.23 -3.11
CA LEU A 26 1.33 7.64 -1.74
C LEU A 26 1.72 9.08 -1.50
N PHE A 27 2.97 9.42 -1.81
CA PHE A 27 3.47 10.78 -1.63
C PHE A 27 2.62 11.78 -2.39
N GLN A 28 2.28 11.44 -3.62
CA GLN A 28 1.46 12.32 -4.47
C GLN A 28 0.13 12.62 -3.79
N HIS A 29 -0.38 11.66 -3.04
CA HIS A 29 -1.66 11.83 -2.35
C HIS A 29 -1.48 11.67 -0.85
N ILE A 30 -0.32 12.09 -0.34
CA ILE A 30 -0.03 12.00 1.08
C ILE A 30 -1.22 12.43 1.92
N GLY A 31 -1.82 13.55 1.54
CA GLY A 31 -2.98 14.06 2.26
C GLY A 31 -4.07 13.01 2.43
N HIS A 32 -4.38 12.31 1.34
CA HIS A 32 -5.41 11.27 1.37
C HIS A 32 -4.92 10.01 0.67
N PRO A 33 -4.19 9.16 1.41
CA PRO A 33 -3.65 7.91 0.87
C PRO A 33 -4.74 6.88 0.60
N TYR A 34 -5.43 7.04 -0.53
CA TYR A 34 -6.50 6.12 -0.90
C TYR A 34 -6.43 5.77 -2.39
N PRO A 35 -6.01 4.53 -2.68
CA PRO A 35 -5.89 4.04 -4.06
C PRO A 35 -7.25 3.85 -4.73
N THR A 36 -7.33 4.26 -5.99
CA THR A 36 -8.57 4.15 -6.74
C THR A 36 -8.67 2.79 -7.43
N GLU A 37 -9.89 2.31 -7.62
CA GLU A 37 -10.13 1.03 -8.27
C GLU A 37 -9.16 0.83 -9.43
N ASP A 38 -8.91 1.90 -10.18
CA ASP A 38 -8.01 1.84 -11.32
C ASP A 38 -6.55 1.73 -10.86
N GLU A 39 -6.17 2.57 -9.90
CA GLU A 39 -4.81 2.56 -9.38
C GLU A 39 -4.40 1.15 -8.96
N LYS A 40 -5.26 0.49 -8.19
CA LYS A 40 -4.98 -0.86 -7.72
C LYS A 40 -4.73 -1.80 -8.89
N LYS A 41 -5.43 -1.56 -10.00
CA LYS A 41 -5.27 -2.38 -11.19
C LYS A 41 -3.98 -2.05 -11.92
N GLN A 42 -3.81 -0.79 -12.29
CA GLN A 42 -2.62 -0.34 -12.99
C GLN A 42 -1.36 -0.64 -12.18
N ILE A 43 -1.33 -0.12 -10.95
CA ILE A 43 -0.19 -0.33 -10.07
C ILE A 43 0.19 -1.81 -10.00
N ALA A 44 -0.78 -2.66 -9.73
CA ALA A 44 -0.56 -4.10 -9.63
C ALA A 44 0.37 -4.57 -10.75
N ALA A 45 0.22 -3.99 -11.93
CA ALA A 45 1.05 -4.34 -13.07
C ALA A 45 2.46 -3.76 -12.94
N GLN A 46 2.55 -2.43 -12.93
CA GLN A 46 3.83 -1.75 -12.81
C GLN A 46 4.67 -2.38 -11.71
N THR A 47 4.03 -2.78 -10.62
CA THR A 47 4.71 -3.40 -9.50
C THR A 47 4.69 -4.92 -9.60
N ASN A 48 3.73 -5.44 -10.36
CA ASN A 48 3.59 -6.87 -10.54
C ASN A 48 3.02 -7.52 -9.29
N LEU A 49 2.13 -6.81 -8.61
CA LEU A 49 1.51 -7.31 -7.38
C LEU A 49 0.01 -7.52 -7.59
N THR A 50 -0.58 -8.37 -6.75
CA THR A 50 -2.01 -8.65 -6.83
C THR A 50 -2.82 -7.61 -6.06
N LEU A 51 -4.03 -7.32 -6.56
CA LEU A 51 -4.91 -6.36 -5.93
C LEU A 51 -4.81 -6.45 -4.40
N LEU A 52 -4.65 -7.66 -3.90
CA LEU A 52 -4.54 -7.89 -2.46
C LEU A 52 -3.25 -7.28 -1.91
N GLN A 53 -2.13 -7.64 -2.51
CA GLN A 53 -0.83 -7.14 -2.08
C GLN A 53 -0.81 -5.61 -2.13
N VAL A 54 -1.04 -5.05 -3.31
CA VAL A 54 -1.04 -3.61 -3.49
C VAL A 54 -1.87 -2.92 -2.41
N ASN A 55 -2.99 -3.54 -2.06
CA ASN A 55 -3.87 -2.99 -1.03
C ASN A 55 -3.23 -3.08 0.35
N ASN A 56 -2.89 -4.29 0.76
CA ASN A 56 -2.26 -4.52 2.06
C ASN A 56 -1.18 -3.48 2.33
N TRP A 57 -0.24 -3.36 1.39
CA TRP A 57 0.85 -2.40 1.53
C TRP A 57 0.32 -1.01 1.85
N PHE A 58 -0.62 -0.54 1.05
CA PHE A 58 -1.21 0.78 1.27
C PHE A 58 -1.90 0.86 2.63
N ILE A 59 -2.87 -0.02 2.85
CA ILE A 59 -3.61 -0.05 4.10
C ILE A 59 -2.67 0.15 5.29
N ASN A 60 -1.50 -0.49 5.23
CA ASN A 60 -0.53 -0.37 6.30
C ASN A 60 0.21 0.96 6.22
N ALA A 61 0.65 1.33 5.03
CA ALA A 61 1.36 2.58 4.82
C ALA A 61 0.78 3.70 5.68
N ARG A 62 -0.54 3.87 5.58
CA ARG A 62 -1.23 4.90 6.34
C ARG A 62 -0.88 4.81 7.83
N ARG A 63 -0.81 3.58 8.33
CA ARG A 63 -0.49 3.35 9.73
C ARG A 63 0.89 3.91 10.08
N ARG A 64 1.72 4.11 9.06
CA ARG A 64 3.06 4.64 9.26
C ARG A 64 3.04 6.16 9.26
N ILE A 65 2.50 6.75 8.20
CA ILE A 65 2.43 8.20 8.09
C ILE A 65 1.66 8.80 9.26
N LEU A 66 0.52 8.20 9.59
CA LEU A 66 -0.30 8.68 10.69
C LEU A 66 0.37 8.43 12.03
N GLN A 67 0.85 7.19 12.23
CA GLN A 67 1.53 6.83 13.46
C GLN A 67 2.91 7.48 13.55
N SER A 68 3.22 8.06 14.71
CA SER A 68 4.50 8.73 14.91
C SER A 68 5.64 7.87 14.38
N GLY A 69 6.68 8.53 13.86
CA GLY A 69 7.82 7.81 13.32
C GLY A 69 8.75 8.71 12.54
N PRO A 70 8.60 8.72 11.21
CA PRO A 70 9.42 9.53 10.31
C PRO A 70 9.12 11.02 10.45
N SER A 71 10.08 11.76 10.99
CA SER A 71 9.91 13.21 11.17
C SER A 71 11.06 13.96 10.52
N SER A 72 12.28 13.49 10.74
CA SER A 72 13.46 14.14 10.18
C SER A 72 14.01 13.34 9.00
N GLY A 73 14.19 14.01 7.87
CA GLY A 73 14.70 13.34 6.69
C GLY A 73 16.07 13.84 6.29
N GLY A 1 -19.78 -3.08 -3.63
CA GLY A 1 -20.71 -4.01 -3.01
C GLY A 1 -20.58 -4.02 -1.50
N SER A 2 -19.90 -5.05 -0.98
CA SER A 2 -19.71 -5.18 0.46
C SER A 2 -19.09 -3.92 1.05
N SER A 3 -19.41 -3.64 2.31
CA SER A 3 -18.89 -2.46 2.98
C SER A 3 -17.37 -2.38 2.85
N GLY A 4 -16.71 -3.51 3.02
CA GLY A 4 -15.27 -3.55 2.92
C GLY A 4 -14.73 -4.96 2.80
N SER A 5 -13.75 -5.31 3.63
CA SER A 5 -13.14 -6.62 3.60
C SER A 5 -12.41 -6.92 4.91
N SER A 6 -12.15 -8.20 5.17
CA SER A 6 -11.47 -8.60 6.38
C SER A 6 -9.98 -8.27 6.30
N GLY A 7 -9.27 -8.49 7.41
CA GLY A 7 -7.84 -8.22 7.44
C GLY A 7 -7.01 -9.45 7.68
N LYS A 8 -5.73 -9.39 7.31
CA LYS A 8 -4.83 -10.51 7.49
C LYS A 8 -3.41 -10.04 7.77
N ASN A 9 -2.75 -10.67 8.74
CA ASN A 9 -1.40 -10.31 9.10
C ASN A 9 -0.40 -11.35 8.61
N LYS A 10 0.49 -10.93 7.71
CA LYS A 10 1.50 -11.84 7.16
C LYS A 10 2.84 -11.13 7.01
N ARG A 11 3.92 -11.87 7.24
CA ARG A 11 5.26 -11.31 7.14
C ARG A 11 5.93 -11.72 5.83
N GLY A 12 6.33 -10.74 5.04
CA GLY A 12 6.97 -11.03 3.76
C GLY A 12 7.92 -9.93 3.34
N VAL A 13 8.09 -9.76 2.02
CA VAL A 13 8.98 -8.74 1.49
C VAL A 13 8.65 -8.42 0.05
N LEU A 14 9.03 -7.22 -0.40
CA LEU A 14 8.76 -6.79 -1.77
C LEU A 14 9.97 -6.06 -2.35
N PRO A 15 10.12 -6.13 -3.67
CA PRO A 15 11.22 -5.48 -4.39
C PRO A 15 11.10 -3.96 -4.37
N LYS A 16 12.22 -3.28 -4.60
CA LYS A 16 12.24 -1.82 -4.62
C LYS A 16 11.37 -1.28 -5.75
N HIS A 17 11.34 -2.00 -6.87
CA HIS A 17 10.55 -1.59 -8.02
C HIS A 17 9.09 -1.43 -7.64
N ALA A 18 8.56 -2.39 -6.89
CA ALA A 18 7.17 -2.36 -6.45
C ALA A 18 6.93 -1.22 -5.46
N THR A 19 7.81 -1.12 -4.47
CA THR A 19 7.71 -0.08 -3.45
C THR A 19 7.82 1.30 -4.07
N ASN A 20 8.58 1.42 -5.15
CA ASN A 20 8.77 2.68 -5.83
C ASN A 20 7.43 3.28 -6.25
N VAL A 21 6.71 2.57 -7.11
CA VAL A 21 5.41 3.03 -7.59
C VAL A 21 4.51 3.42 -6.42
N MET A 22 4.22 2.46 -5.56
CA MET A 22 3.37 2.71 -4.40
C MET A 22 3.84 3.94 -3.63
N ARG A 23 5.13 3.99 -3.32
CA ARG A 23 5.69 5.11 -2.59
C ARG A 23 5.37 6.43 -3.28
N SER A 24 5.77 6.54 -4.54
CA SER A 24 5.53 7.75 -5.31
C SER A 24 4.07 8.18 -5.22
N TRP A 25 3.17 7.24 -5.52
CA TRP A 25 1.73 7.52 -5.47
C TRP A 25 1.32 7.99 -4.09
N LEU A 26 1.62 7.21 -3.07
CA LEU A 26 1.28 7.54 -1.69
C LEU A 26 1.68 8.98 -1.38
N PHE A 27 2.93 9.33 -1.69
CA PHE A 27 3.43 10.68 -1.44
C PHE A 27 2.60 11.71 -2.20
N GLN A 28 2.29 11.42 -3.47
CA GLN A 28 1.51 12.33 -4.29
C GLN A 28 0.16 12.63 -3.64
N HIS A 29 -0.40 11.64 -2.96
CA HIS A 29 -1.68 11.79 -2.28
C HIS A 29 -1.53 11.62 -0.78
N ILE A 30 -0.39 12.04 -0.25
CA ILE A 30 -0.12 11.92 1.18
C ILE A 30 -1.34 12.37 2.00
N GLY A 31 -1.91 13.50 1.62
CA GLY A 31 -3.08 14.01 2.33
C GLY A 31 -4.17 12.97 2.46
N HIS A 32 -4.49 12.29 1.36
CA HIS A 32 -5.52 11.27 1.36
C HIS A 32 -5.04 10.00 0.65
N PRO A 33 -4.32 9.14 1.40
CA PRO A 33 -3.79 7.89 0.85
C PRO A 33 -4.90 6.88 0.56
N TYR A 34 -5.56 7.05 -0.58
CA TYR A 34 -6.63 6.14 -0.98
C TYR A 34 -6.53 5.81 -2.46
N PRO A 35 -6.14 4.56 -2.76
CA PRO A 35 -5.99 4.08 -4.13
C PRO A 35 -7.33 3.92 -4.84
N THR A 36 -7.40 4.35 -6.09
CA THR A 36 -8.63 4.26 -6.87
C THR A 36 -8.77 2.87 -7.49
N GLU A 37 -10.01 2.41 -7.62
CA GLU A 37 -10.29 1.11 -8.21
C GLU A 37 -9.29 0.78 -9.31
N ASP A 38 -8.99 1.78 -10.13
CA ASP A 38 -8.04 1.61 -11.23
C ASP A 38 -6.60 1.54 -10.72
N GLU A 39 -6.22 2.53 -9.92
CA GLU A 39 -4.87 2.57 -9.37
C GLU A 39 -4.43 1.19 -8.89
N LYS A 40 -5.33 0.48 -8.21
CA LYS A 40 -5.03 -0.85 -7.71
C LYS A 40 -4.73 -1.81 -8.86
N LYS A 41 -5.49 -1.68 -9.94
CA LYS A 41 -5.30 -2.53 -11.11
C LYS A 41 -4.01 -2.16 -11.85
N GLN A 42 -3.90 -0.89 -12.21
CA GLN A 42 -2.72 -0.41 -12.92
C GLN A 42 -1.45 -0.67 -12.12
N ILE A 43 -1.42 -0.20 -10.89
CA ILE A 43 -0.27 -0.39 -10.02
C ILE A 43 0.12 -1.86 -9.94
N ALA A 44 -0.85 -2.72 -9.69
CA ALA A 44 -0.61 -4.15 -9.59
C ALA A 44 0.37 -4.61 -10.67
N ALA A 45 0.24 -4.05 -11.86
CA ALA A 45 1.11 -4.41 -12.97
C ALA A 45 2.50 -3.82 -12.78
N GLN A 46 2.60 -2.49 -12.82
CA GLN A 46 3.88 -1.80 -12.66
C GLN A 46 4.67 -2.41 -11.50
N THR A 47 3.96 -2.82 -10.46
CA THR A 47 4.60 -3.42 -9.29
C THR A 47 4.60 -4.94 -9.38
N ASN A 48 3.74 -5.48 -10.24
CA ASN A 48 3.65 -6.93 -10.42
C ASN A 48 3.09 -7.60 -9.16
N LEU A 49 2.16 -6.91 -8.50
CA LEU A 49 1.54 -7.43 -7.29
C LEU A 49 0.04 -7.63 -7.48
N THR A 50 -0.56 -8.45 -6.62
CA THR A 50 -1.99 -8.72 -6.68
C THR A 50 -2.78 -7.65 -5.94
N LEU A 51 -3.96 -7.32 -6.47
CA LEU A 51 -4.81 -6.31 -5.85
C LEU A 51 -4.70 -6.35 -4.33
N LEU A 52 -4.62 -7.57 -3.79
CA LEU A 52 -4.50 -7.75 -2.34
C LEU A 52 -3.20 -7.15 -1.83
N GLN A 53 -2.08 -7.57 -2.40
CA GLN A 53 -0.78 -7.07 -2.00
C GLN A 53 -0.72 -5.55 -2.07
N VAL A 54 -0.96 -5.01 -3.26
CA VAL A 54 -0.95 -3.56 -3.47
C VAL A 54 -1.81 -2.85 -2.43
N ASN A 55 -2.93 -3.47 -2.09
CA ASN A 55 -3.85 -2.89 -1.11
C ASN A 55 -3.23 -2.92 0.29
N ASN A 56 -2.87 -4.11 0.76
CA ASN A 56 -2.27 -4.27 2.08
C ASN A 56 -1.16 -3.25 2.28
N TRP A 57 -0.18 -3.26 1.39
CA TRP A 57 0.95 -2.34 1.47
C TRP A 57 0.48 -0.92 1.73
N PHE A 58 -0.49 -0.47 0.94
CA PHE A 58 -1.04 0.89 1.08
C PHE A 58 -1.70 1.06 2.45
N ILE A 59 -2.71 0.24 2.71
CA ILE A 59 -3.43 0.30 3.98
C ILE A 59 -2.46 0.43 5.15
N ASN A 60 -1.37 -0.32 5.09
CA ASN A 60 -0.36 -0.29 6.16
C ASN A 60 0.52 0.95 6.03
N ALA A 61 0.84 1.32 4.78
CA ALA A 61 1.68 2.48 4.54
C ALA A 61 1.04 3.76 5.08
N ARG A 62 -0.27 3.88 4.89
CA ARG A 62 -1.00 5.05 5.36
C ARG A 62 -1.10 5.05 6.88
N ARG A 63 -0.90 3.88 7.48
CA ARG A 63 -0.98 3.75 8.93
C ARG A 63 0.36 4.14 9.58
N ARG A 64 1.45 3.62 9.02
CA ARG A 64 2.78 3.91 9.53
C ARG A 64 3.05 5.40 9.54
N ILE A 65 2.47 6.10 8.57
CA ILE A 65 2.65 7.55 8.45
C ILE A 65 1.78 8.29 9.47
N LEU A 66 0.60 7.74 9.74
CA LEU A 66 -0.33 8.34 10.69
C LEU A 66 0.17 8.17 12.12
N GLN A 67 0.58 6.95 12.46
CA GLN A 67 1.07 6.66 13.80
C GLN A 67 2.41 7.34 14.04
N SER A 68 2.65 7.74 15.29
CA SER A 68 3.88 8.42 15.66
C SER A 68 4.70 7.57 16.64
N GLY A 69 6.02 7.56 16.44
CA GLY A 69 6.89 6.78 17.31
C GLY A 69 8.13 6.29 16.59
N PRO A 70 8.74 5.23 17.13
CA PRO A 70 9.96 4.64 16.56
C PRO A 70 9.69 3.93 15.24
N SER A 71 8.44 4.00 14.78
CA SER A 71 8.05 3.37 13.53
C SER A 71 9.19 3.42 12.51
N SER A 72 9.60 2.25 12.02
CA SER A 72 10.67 2.16 11.05
C SER A 72 10.13 2.18 9.62
N GLY A 73 11.01 2.44 8.66
CA GLY A 73 10.60 2.48 7.27
C GLY A 73 10.66 1.11 6.61
N GLY A 1 -23.55 -0.01 -2.70
CA GLY A 1 -22.44 0.31 -3.56
C GLY A 1 -21.32 -0.72 -3.49
N SER A 2 -20.27 -0.40 -2.73
CA SER A 2 -19.15 -1.31 -2.58
C SER A 2 -18.47 -1.10 -1.23
N SER A 3 -18.00 -2.20 -0.63
CA SER A 3 -17.33 -2.14 0.67
C SER A 3 -16.74 -3.49 1.03
N GLY A 4 -15.81 -3.49 1.98
CA GLY A 4 -15.18 -4.73 2.41
C GLY A 4 -15.00 -4.80 3.92
N SER A 5 -13.97 -4.12 4.42
CA SER A 5 -13.69 -4.10 5.85
C SER A 5 -13.28 -5.49 6.33
N SER A 6 -12.46 -6.17 5.54
CA SER A 6 -12.00 -7.51 5.88
C SER A 6 -10.61 -7.78 5.32
N GLY A 7 -9.69 -8.21 6.17
CA GLY A 7 -8.34 -8.49 5.74
C GLY A 7 -7.37 -8.66 6.90
N LYS A 8 -6.29 -9.37 6.66
CA LYS A 8 -5.28 -9.60 7.69
C LYS A 8 -3.97 -8.89 7.36
N ASN A 9 -3.16 -8.64 8.39
CA ASN A 9 -1.89 -7.97 8.21
C ASN A 9 -1.22 -8.41 6.90
N LYS A 10 -1.16 -9.71 6.69
CA LYS A 10 -0.54 -10.27 5.48
C LYS A 10 0.72 -9.50 5.12
N ARG A 11 1.54 -9.22 6.12
CA ARG A 11 2.79 -8.49 5.90
C ARG A 11 3.80 -9.36 5.15
N GLY A 12 4.68 -8.72 4.40
CA GLY A 12 5.69 -9.45 3.65
C GLY A 12 6.78 -8.55 3.12
N VAL A 13 7.72 -9.12 2.37
CA VAL A 13 8.83 -8.36 1.81
C VAL A 13 8.61 -8.11 0.32
N LEU A 14 8.58 -6.84 -0.06
CA LEU A 14 8.38 -6.47 -1.47
C LEU A 14 9.64 -5.84 -2.04
N PRO A 15 9.81 -5.97 -3.37
CA PRO A 15 10.96 -5.41 -4.07
C PRO A 15 10.95 -3.88 -4.12
N LYS A 16 12.11 -3.29 -4.36
CA LYS A 16 12.22 -1.83 -4.43
C LYS A 16 11.39 -1.28 -5.59
N HIS A 17 11.43 -1.96 -6.73
CA HIS A 17 10.68 -1.53 -7.90
C HIS A 17 9.20 -1.37 -7.55
N ALA A 18 8.66 -2.33 -6.83
CA ALA A 18 7.25 -2.28 -6.43
C ALA A 18 6.99 -1.14 -5.46
N THR A 19 7.80 -1.07 -4.40
CA THR A 19 7.66 -0.03 -3.40
C THR A 19 7.80 1.37 -4.02
N ASN A 20 8.59 1.45 -5.08
CA ASN A 20 8.81 2.72 -5.77
C ASN A 20 7.49 3.31 -6.26
N VAL A 21 6.79 2.56 -7.10
CA VAL A 21 5.51 3.00 -7.64
C VAL A 21 4.55 3.41 -6.53
N MET A 22 4.27 2.48 -5.63
CA MET A 22 3.36 2.74 -4.51
C MET A 22 3.79 3.98 -3.74
N ARG A 23 5.08 4.04 -3.40
CA ARG A 23 5.62 5.18 -2.66
C ARG A 23 5.26 6.49 -3.34
N SER A 24 5.72 6.65 -4.59
CA SER A 24 5.45 7.86 -5.35
C SER A 24 3.99 8.26 -5.25
N TRP A 25 3.10 7.34 -5.62
CA TRP A 25 1.67 7.59 -5.57
C TRP A 25 1.26 8.11 -4.20
N LEU A 26 1.57 7.35 -3.16
CA LEU A 26 1.24 7.73 -1.80
C LEU A 26 1.62 9.19 -1.54
N PHE A 27 2.84 9.56 -1.88
CA PHE A 27 3.32 10.92 -1.69
C PHE A 27 2.45 11.91 -2.46
N GLN A 28 2.17 11.60 -3.71
CA GLN A 28 1.34 12.46 -4.55
C GLN A 28 -0.02 12.71 -3.91
N HIS A 29 -0.49 11.73 -3.14
CA HIS A 29 -1.78 11.84 -2.48
C HIS A 29 -1.62 11.73 -0.96
N ILE A 30 -0.48 12.18 -0.46
CA ILE A 30 -0.21 12.13 0.98
C ILE A 30 -1.43 12.55 1.79
N GLY A 31 -2.05 13.66 1.38
CA GLY A 31 -3.21 14.16 2.09
C GLY A 31 -4.29 13.10 2.24
N HIS A 32 -4.59 12.41 1.14
CA HIS A 32 -5.62 11.37 1.16
C HIS A 32 -5.12 10.11 0.46
N PRO A 33 -4.37 9.27 1.20
CA PRO A 33 -3.82 8.02 0.67
C PRO A 33 -4.90 6.98 0.41
N TYR A 34 -5.58 7.12 -0.72
CA TYR A 34 -6.64 6.19 -1.09
C TYR A 34 -6.56 5.83 -2.58
N PRO A 35 -6.14 4.59 -2.86
CA PRO A 35 -6.00 4.10 -4.24
C PRO A 35 -7.35 3.90 -4.91
N THR A 36 -7.42 4.25 -6.20
CA THR A 36 -8.66 4.10 -6.95
C THR A 36 -8.71 2.75 -7.66
N GLU A 37 -9.92 2.21 -7.79
CA GLU A 37 -10.11 0.92 -8.45
C GLU A 37 -9.14 0.76 -9.61
N ASP A 38 -8.90 1.85 -10.33
CA ASP A 38 -7.98 1.83 -11.47
C ASP A 38 -6.53 1.73 -11.02
N GLU A 39 -6.19 2.52 -10.00
CA GLU A 39 -4.83 2.53 -9.45
C GLU A 39 -4.41 1.14 -9.03
N LYS A 40 -5.30 0.46 -8.31
CA LYS A 40 -5.03 -0.90 -7.82
C LYS A 40 -4.79 -1.85 -8.99
N LYS A 41 -5.45 -1.58 -10.11
CA LYS A 41 -5.31 -2.42 -11.30
C LYS A 41 -4.00 -2.10 -12.03
N GLN A 42 -3.81 -0.83 -12.37
CA GLN A 42 -2.60 -0.41 -13.08
C GLN A 42 -1.35 -0.69 -12.24
N ILE A 43 -1.36 -0.19 -11.01
CA ILE A 43 -0.23 -0.38 -10.10
C ILE A 43 0.16 -1.86 -10.02
N ALA A 44 -0.83 -2.70 -9.71
CA ALA A 44 -0.60 -4.14 -9.59
C ALA A 44 0.33 -4.64 -10.70
N ALA A 45 0.17 -4.06 -11.89
CA ALA A 45 0.99 -4.46 -13.04
C ALA A 45 2.41 -3.90 -12.91
N GLN A 46 2.52 -2.57 -12.93
CA GLN A 46 3.83 -1.92 -12.82
C GLN A 46 4.65 -2.54 -11.68
N THR A 47 3.98 -2.87 -10.59
CA THR A 47 4.64 -3.47 -9.44
C THR A 47 4.56 -4.99 -9.49
N ASN A 48 3.67 -5.52 -10.32
CA ASN A 48 3.51 -6.95 -10.46
C ASN A 48 2.91 -7.56 -9.19
N LEU A 49 2.06 -6.79 -8.52
CA LEU A 49 1.43 -7.24 -7.30
C LEU A 49 -0.07 -7.47 -7.50
N THR A 50 -0.67 -8.29 -6.64
CA THR A 50 -2.09 -8.58 -6.73
C THR A 50 -2.92 -7.54 -5.98
N LEU A 51 -4.11 -7.23 -6.51
CA LEU A 51 -4.99 -6.25 -5.90
C LEU A 51 -4.89 -6.32 -4.38
N LEU A 52 -4.72 -7.52 -3.84
CA LEU A 52 -4.62 -7.72 -2.40
C LEU A 52 -3.31 -7.11 -1.87
N GLN A 53 -2.20 -7.53 -2.44
CA GLN A 53 -0.89 -7.03 -2.02
C GLN A 53 -0.85 -5.51 -2.08
N VAL A 54 -1.12 -4.96 -3.25
CA VAL A 54 -1.11 -3.51 -3.44
C VAL A 54 -1.91 -2.81 -2.35
N ASN A 55 -3.04 -3.41 -1.96
CA ASN A 55 -3.89 -2.85 -0.92
C ASN A 55 -3.22 -2.96 0.45
N ASN A 56 -2.89 -4.18 0.84
CA ASN A 56 -2.25 -4.42 2.13
C ASN A 56 -1.14 -3.40 2.38
N TRP A 57 -0.21 -3.32 1.43
CA TRP A 57 0.91 -2.39 1.55
C TRP A 57 0.41 -0.98 1.88
N PHE A 58 -0.57 -0.51 1.12
CA PHE A 58 -1.13 0.81 1.34
C PHE A 58 -1.77 0.93 2.71
N ILE A 59 -2.76 0.08 2.97
CA ILE A 59 -3.46 0.07 4.25
C ILE A 59 -2.47 0.16 5.42
N ASN A 60 -1.44 -0.69 5.37
CA ASN A 60 -0.42 -0.71 6.42
C ASN A 60 0.45 0.54 6.35
N ALA A 61 0.79 0.95 5.13
CA ALA A 61 1.62 2.13 4.92
C ALA A 61 1.03 3.35 5.62
N ARG A 62 -0.21 3.68 5.26
CA ARG A 62 -0.89 4.83 5.84
C ARG A 62 -0.67 4.87 7.35
N ARG A 63 -0.94 3.76 8.02
CA ARG A 63 -0.78 3.67 9.47
C ARG A 63 0.63 4.07 9.88
N ARG A 64 1.59 3.81 9.00
CA ARG A 64 2.99 4.14 9.27
C ARG A 64 3.20 5.66 9.29
N ILE A 65 2.79 6.32 8.21
CA ILE A 65 2.93 7.76 8.11
C ILE A 65 2.20 8.47 9.24
N LEU A 66 1.03 7.95 9.60
CA LEU A 66 0.23 8.54 10.67
C LEU A 66 0.87 8.27 12.03
N GLN A 67 1.48 7.10 12.18
CA GLN A 67 2.13 6.74 13.42
C GLN A 67 3.53 7.32 13.50
N SER A 68 3.61 8.60 13.85
CA SER A 68 4.90 9.29 13.96
C SER A 68 5.71 8.74 15.13
N GLY A 69 6.98 9.14 15.20
CA GLY A 69 7.84 8.67 16.27
C GLY A 69 8.54 9.81 16.98
N PRO A 70 9.58 9.48 17.75
CA PRO A 70 10.36 10.48 18.51
C PRO A 70 11.18 11.37 17.61
N SER A 71 11.09 11.15 16.30
CA SER A 71 11.84 11.94 15.33
C SER A 71 11.67 13.43 15.61
N SER A 72 12.55 13.97 16.44
CA SER A 72 12.51 15.39 16.79
C SER A 72 13.80 16.09 16.39
N GLY A 73 13.71 17.38 16.12
CA GLY A 73 14.89 18.14 15.73
C GLY A 73 15.62 17.52 14.56
N GLY A 1 -16.50 -4.66 -3.46
CA GLY A 1 -16.00 -5.94 -2.99
C GLY A 1 -16.35 -6.20 -1.54
N SER A 2 -17.40 -6.99 -1.32
CA SER A 2 -17.84 -7.33 0.03
C SER A 2 -16.90 -8.34 0.68
N SER A 3 -16.79 -9.51 0.06
CA SER A 3 -15.93 -10.58 0.57
C SER A 3 -14.59 -10.01 1.03
N GLY A 4 -13.97 -10.70 1.99
CA GLY A 4 -12.68 -10.25 2.50
C GLY A 4 -12.09 -11.22 3.51
N SER A 5 -10.77 -11.20 3.62
CA SER A 5 -10.09 -12.09 4.56
C SER A 5 -8.60 -11.73 4.66
N SER A 6 -8.07 -11.80 5.88
CA SER A 6 -6.67 -11.49 6.11
C SER A 6 -6.12 -12.25 7.31
N GLY A 7 -4.81 -12.17 7.52
CA GLY A 7 -4.19 -12.87 8.64
C GLY A 7 -2.72 -12.51 8.79
N LYS A 8 -2.19 -12.76 9.99
CA LYS A 8 -0.79 -12.46 10.26
C LYS A 8 0.08 -13.69 10.03
N ASN A 9 0.53 -13.88 8.80
CA ASN A 9 1.38 -15.01 8.45
C ASN A 9 2.81 -14.56 8.16
N LYS A 10 2.97 -13.74 7.13
CA LYS A 10 4.27 -13.24 6.74
C LYS A 10 4.14 -11.94 5.95
N ARG A 11 4.84 -10.90 6.41
CA ARG A 11 4.81 -9.60 5.74
C ARG A 11 4.98 -9.77 4.23
N GLY A 12 5.91 -10.61 3.84
CA GLY A 12 6.16 -10.83 2.42
C GLY A 12 7.04 -9.76 1.81
N VAL A 13 8.33 -10.03 1.72
CA VAL A 13 9.27 -9.07 1.15
C VAL A 13 8.86 -8.68 -0.27
N LEU A 14 8.93 -7.39 -0.57
CA LEU A 14 8.57 -6.88 -1.89
C LEU A 14 9.77 -6.24 -2.57
N PRO A 15 9.76 -6.25 -3.91
CA PRO A 15 10.84 -5.68 -4.72
C PRO A 15 10.88 -4.16 -4.63
N LYS A 16 12.06 -3.59 -4.80
CA LYS A 16 12.23 -2.14 -4.75
C LYS A 16 11.22 -1.44 -5.66
N HIS A 17 11.09 -1.94 -6.88
CA HIS A 17 10.15 -1.37 -7.84
C HIS A 17 8.75 -1.28 -7.26
N ALA A 18 8.26 -2.39 -6.72
CA ALA A 18 6.93 -2.44 -6.13
C ALA A 18 6.73 -1.29 -5.15
N THR A 19 7.71 -1.09 -4.27
CA THR A 19 7.63 -0.03 -3.28
C THR A 19 7.77 1.35 -3.94
N ASN A 20 8.56 1.40 -5.01
CA ASN A 20 8.78 2.66 -5.73
C ASN A 20 7.46 3.24 -6.21
N VAL A 21 6.72 2.46 -7.00
CA VAL A 21 5.44 2.90 -7.52
C VAL A 21 4.50 3.34 -6.40
N MET A 22 4.25 2.43 -5.46
CA MET A 22 3.37 2.73 -4.33
C MET A 22 3.84 3.97 -3.59
N ARG A 23 5.14 4.08 -3.38
CA ARG A 23 5.72 5.23 -2.69
C ARG A 23 5.37 6.52 -3.40
N SER A 24 5.80 6.64 -4.66
CA SER A 24 5.54 7.84 -5.44
C SER A 24 4.07 8.25 -5.35
N TRP A 25 3.18 7.31 -5.67
CA TRP A 25 1.75 7.57 -5.62
C TRP A 25 1.34 8.07 -4.24
N LEU A 26 1.65 7.29 -3.21
CA LEU A 26 1.31 7.66 -1.84
C LEU A 26 1.69 9.10 -1.55
N PHE A 27 2.90 9.48 -1.96
CA PHE A 27 3.39 10.84 -1.75
C PHE A 27 2.54 11.84 -2.52
N GLN A 28 2.25 11.53 -3.77
CA GLN A 28 1.44 12.41 -4.61
C GLN A 28 0.10 12.71 -3.96
N HIS A 29 -0.41 11.74 -3.20
CA HIS A 29 -1.69 11.90 -2.52
C HIS A 29 -1.53 11.75 -1.02
N ILE A 30 -0.38 12.17 -0.50
CA ILE A 30 -0.10 12.09 0.92
C ILE A 30 -1.31 12.53 1.74
N GLY A 31 -1.92 13.63 1.34
CA GLY A 31 -3.08 14.14 2.06
C GLY A 31 -4.18 13.12 2.15
N HIS A 32 -4.46 12.42 1.05
CA HIS A 32 -5.50 11.40 1.01
C HIS A 32 -5.00 10.14 0.33
N PRO A 33 -4.28 9.30 1.09
CA PRO A 33 -3.73 8.05 0.58
C PRO A 33 -4.82 7.00 0.31
N TYR A 34 -5.49 7.15 -0.83
CA TYR A 34 -6.56 6.22 -1.21
C TYR A 34 -6.47 5.86 -2.68
N PRO A 35 -6.04 4.62 -2.97
CA PRO A 35 -5.91 4.11 -4.33
C PRO A 35 -7.25 3.92 -5.02
N THR A 36 -7.34 4.36 -6.28
CA THR A 36 -8.58 4.23 -7.04
C THR A 36 -8.66 2.87 -7.71
N GLU A 37 -9.90 2.38 -7.90
CA GLU A 37 -10.11 1.09 -8.53
C GLU A 37 -9.15 0.88 -9.70
N ASP A 38 -8.90 1.95 -10.45
CA ASP A 38 -8.00 1.88 -11.60
C ASP A 38 -6.54 1.85 -11.14
N GLU A 39 -6.25 2.55 -10.05
CA GLU A 39 -4.90 2.60 -9.51
C GLU A 39 -4.45 1.23 -9.06
N LYS A 40 -5.34 0.51 -8.37
CA LYS A 40 -5.02 -0.83 -7.87
C LYS A 40 -4.74 -1.78 -9.03
N LYS A 41 -5.48 -1.61 -10.13
CA LYS A 41 -5.32 -2.46 -11.30
C LYS A 41 -4.05 -2.09 -12.06
N GLN A 42 -3.87 -0.79 -12.31
CA GLN A 42 -2.70 -0.30 -13.02
C GLN A 42 -1.42 -0.55 -12.23
N ILE A 43 -1.40 -0.08 -11.00
CA ILE A 43 -0.24 -0.25 -10.13
C ILE A 43 0.16 -1.72 -10.04
N ALA A 44 -0.82 -2.57 -9.73
CA ALA A 44 -0.56 -4.00 -9.61
C ALA A 44 0.38 -4.49 -10.71
N ALA A 45 0.20 -3.96 -11.92
CA ALA A 45 1.04 -4.35 -13.05
C ALA A 45 2.45 -3.79 -12.89
N GLN A 46 2.56 -2.47 -12.88
CA GLN A 46 3.86 -1.82 -12.74
C GLN A 46 4.65 -2.42 -11.58
N THR A 47 3.93 -2.83 -10.54
CA THR A 47 4.56 -3.43 -9.37
C THR A 47 4.51 -4.95 -9.42
N ASN A 48 3.70 -5.48 -10.34
CA ASN A 48 3.56 -6.92 -10.49
C ASN A 48 2.98 -7.55 -9.22
N LEU A 49 2.11 -6.81 -8.55
CA LEU A 49 1.48 -7.29 -7.32
C LEU A 49 -0.02 -7.50 -7.52
N THR A 50 -0.60 -8.34 -6.68
CA THR A 50 -2.03 -8.63 -6.76
C THR A 50 -2.84 -7.61 -5.96
N LEU A 51 -4.01 -7.26 -6.48
CA LEU A 51 -4.88 -6.29 -5.82
C LEU A 51 -4.77 -6.41 -4.31
N LEU A 52 -4.63 -7.64 -3.82
CA LEU A 52 -4.51 -7.90 -2.39
C LEU A 52 -3.23 -7.31 -1.84
N GLN A 53 -2.10 -7.66 -2.45
CA GLN A 53 -0.81 -7.15 -2.03
C GLN A 53 -0.77 -5.63 -2.05
N VAL A 54 -1.03 -5.05 -3.22
CA VAL A 54 -1.03 -3.60 -3.38
C VAL A 54 -1.84 -2.93 -2.28
N ASN A 55 -2.94 -3.57 -1.89
CA ASN A 55 -3.80 -3.02 -0.84
C ASN A 55 -3.14 -3.14 0.52
N ASN A 56 -2.79 -4.37 0.89
CA ASN A 56 -2.14 -4.62 2.19
C ASN A 56 -1.04 -3.60 2.44
N TRP A 57 -0.16 -3.43 1.45
CA TRP A 57 0.94 -2.49 1.57
C TRP A 57 0.44 -1.09 1.89
N PHE A 58 -0.49 -0.59 1.09
CA PHE A 58 -1.06 0.74 1.28
C PHE A 58 -1.67 0.86 2.67
N ILE A 59 -2.50 -0.10 3.04
CA ILE A 59 -3.15 -0.09 4.35
C ILE A 59 -2.14 0.16 5.46
N ASN A 60 -0.95 -0.40 5.31
CA ASN A 60 0.11 -0.23 6.29
C ASN A 60 0.85 1.09 6.09
N ALA A 61 1.02 1.48 4.83
CA ALA A 61 1.70 2.72 4.50
C ALA A 61 0.98 3.92 5.11
N ARG A 62 -0.33 3.79 5.33
CA ARG A 62 -1.11 4.86 5.90
C ARG A 62 -1.07 4.81 7.43
N ARG A 63 -0.96 3.60 7.97
CA ARG A 63 -0.90 3.42 9.42
C ARG A 63 0.48 3.78 9.95
N ARG A 64 1.46 3.84 9.06
CA ARG A 64 2.83 4.17 9.45
C ARG A 64 3.06 5.68 9.39
N ILE A 65 2.41 6.33 8.44
CA ILE A 65 2.53 7.77 8.28
C ILE A 65 1.64 8.52 9.27
N LEU A 66 0.38 8.10 9.36
CA LEU A 66 -0.57 8.72 10.27
C LEU A 66 -0.10 8.61 11.71
N GLN A 67 0.37 7.41 12.09
CA GLN A 67 0.84 7.18 13.44
C GLN A 67 2.15 7.94 13.70
N SER A 68 2.10 8.87 14.65
CA SER A 68 3.27 9.68 14.99
C SER A 68 4.01 9.08 16.19
N GLY A 69 5.28 8.78 16.00
CA GLY A 69 6.08 8.21 17.07
C GLY A 69 7.49 7.87 16.62
N PRO A 70 8.15 6.95 17.36
CA PRO A 70 9.51 6.53 17.06
C PRO A 70 9.59 5.70 15.78
N SER A 71 10.79 5.59 15.23
CA SER A 71 11.01 4.83 14.00
C SER A 71 12.45 4.36 13.90
N SER A 72 12.62 3.05 13.71
CA SER A 72 13.96 2.46 13.60
C SER A 72 14.79 3.20 12.55
N GLY A 73 15.92 3.76 12.99
CA GLY A 73 16.78 4.48 12.07
C GLY A 73 16.45 5.96 12.01
N GLY A 1 -19.20 0.64 5.67
CA GLY A 1 -19.05 -0.73 6.12
C GLY A 1 -18.23 -1.57 5.17
N SER A 2 -18.56 -2.85 5.08
CA SER A 2 -17.85 -3.77 4.20
C SER A 2 -16.34 -3.75 4.49
N SER A 3 -16.00 -3.79 5.77
CA SER A 3 -14.60 -3.78 6.19
C SER A 3 -14.21 -5.11 6.83
N GLY A 4 -13.17 -5.72 6.29
CA GLY A 4 -12.71 -7.00 6.82
C GLY A 4 -11.20 -7.14 6.74
N SER A 5 -10.47 -6.19 7.31
CA SER A 5 -9.02 -6.21 7.29
C SER A 5 -8.48 -7.37 8.14
N SER A 6 -7.91 -8.36 7.48
CA SER A 6 -7.36 -9.53 8.18
C SER A 6 -5.96 -9.85 7.67
N GLY A 7 -5.16 -10.48 8.52
CA GLY A 7 -3.81 -10.83 8.15
C GLY A 7 -3.13 -11.72 9.18
N LYS A 8 -2.90 -11.17 10.36
CA LYS A 8 -2.25 -11.92 11.44
C LYS A 8 -0.90 -12.47 10.99
N ASN A 9 -0.13 -11.63 10.29
CA ASN A 9 1.18 -12.03 9.80
C ASN A 9 2.16 -10.86 9.84
N LYS A 10 3.44 -11.16 9.66
CA LYS A 10 4.48 -10.13 9.67
C LYS A 10 5.28 -10.15 8.38
N ARG A 11 5.77 -11.34 8.02
CA ARG A 11 6.56 -11.50 6.80
C ARG A 11 5.82 -10.94 5.59
N GLY A 12 6.57 -10.44 4.62
CA GLY A 12 5.96 -9.88 3.42
C GLY A 12 6.82 -8.80 2.78
N VAL A 13 8.01 -9.18 2.34
CA VAL A 13 8.92 -8.24 1.71
C VAL A 13 8.58 -8.04 0.24
N LEU A 14 8.99 -6.90 -0.31
CA LEU A 14 8.72 -6.58 -1.71
C LEU A 14 9.92 -5.90 -2.35
N PRO A 15 10.04 -6.05 -3.67
CA PRO A 15 11.15 -5.45 -4.44
C PRO A 15 11.03 -3.93 -4.52
N LYS A 16 12.17 -3.25 -4.46
CA LYS A 16 12.20 -1.79 -4.52
C LYS A 16 11.31 -1.29 -5.66
N HIS A 17 11.32 -2.01 -6.78
CA HIS A 17 10.52 -1.64 -7.93
C HIS A 17 9.05 -1.50 -7.56
N ALA A 18 8.58 -2.39 -6.68
CA ALA A 18 7.19 -2.37 -6.24
C ALA A 18 6.94 -1.21 -5.28
N THR A 19 7.81 -1.08 -4.28
CA THR A 19 7.68 -0.01 -3.30
C THR A 19 7.81 1.36 -3.95
N ASN A 20 8.55 1.43 -5.04
CA ASN A 20 8.75 2.68 -5.77
C ASN A 20 7.41 3.26 -6.22
N VAL A 21 6.70 2.51 -7.05
CA VAL A 21 5.40 2.94 -7.56
C VAL A 21 4.49 3.38 -6.42
N MET A 22 4.20 2.44 -5.52
CA MET A 22 3.33 2.73 -4.38
C MET A 22 3.81 3.97 -3.62
N ARG A 23 5.13 4.06 -3.42
CA ARG A 23 5.70 5.19 -2.71
C ARG A 23 5.34 6.51 -3.39
N SER A 24 5.77 6.67 -4.63
CA SER A 24 5.48 7.88 -5.40
C SER A 24 4.01 8.26 -5.27
N TRP A 25 3.13 7.34 -5.64
CA TRP A 25 1.69 7.58 -5.56
C TRP A 25 1.30 8.08 -4.18
N LEU A 26 1.63 7.30 -3.16
CA LEU A 26 1.30 7.67 -1.79
C LEU A 26 1.69 9.10 -1.49
N PHE A 27 2.92 9.46 -1.86
CA PHE A 27 3.43 10.82 -1.64
C PHE A 27 2.55 11.84 -2.36
N GLN A 28 2.22 11.55 -3.62
CA GLN A 28 1.40 12.46 -4.41
C GLN A 28 0.06 12.71 -3.73
N HIS A 29 -0.45 11.70 -3.04
CA HIS A 29 -1.73 11.81 -2.34
C HIS A 29 -1.54 11.67 -0.84
N ILE A 30 -0.39 12.14 -0.35
CA ILE A 30 -0.09 12.06 1.07
C ILE A 30 -1.28 12.47 1.91
N GLY A 31 -1.94 13.56 1.53
CA GLY A 31 -3.10 14.04 2.26
C GLY A 31 -4.17 12.98 2.40
N HIS A 32 -4.46 12.28 1.31
CA HIS A 32 -5.47 11.24 1.33
C HIS A 32 -4.97 9.98 0.61
N PRO A 33 -4.19 9.16 1.33
CA PRO A 33 -3.64 7.92 0.77
C PRO A 33 -4.71 6.86 0.53
N TYR A 34 -5.43 7.00 -0.58
CA TYR A 34 -6.49 6.05 -0.92
C TYR A 34 -6.44 5.72 -2.41
N PRO A 35 -6.00 4.49 -2.72
CA PRO A 35 -5.89 4.00 -4.10
C PRO A 35 -7.27 3.78 -4.74
N THR A 36 -7.41 4.20 -5.99
CA THR A 36 -8.66 4.04 -6.72
C THR A 36 -8.72 2.69 -7.43
N GLU A 37 -9.91 2.12 -7.51
CA GLU A 37 -10.10 0.84 -8.16
C GLU A 37 -9.18 0.70 -9.37
N ASP A 38 -8.92 1.81 -10.03
CA ASP A 38 -8.04 1.82 -11.21
C ASP A 38 -6.58 1.73 -10.79
N GLU A 39 -6.20 2.54 -9.81
CA GLU A 39 -4.82 2.55 -9.33
C GLU A 39 -4.39 1.15 -8.87
N LYS A 40 -5.29 0.46 -8.18
CA LYS A 40 -5.00 -0.88 -7.69
C LYS A 40 -4.73 -1.84 -8.86
N LYS A 41 -5.43 -1.63 -9.97
CA LYS A 41 -5.26 -2.48 -11.15
C LYS A 41 -3.99 -2.10 -11.90
N GLN A 42 -3.86 -0.81 -12.23
CA GLN A 42 -2.70 -0.32 -12.95
C GLN A 42 -1.41 -0.62 -12.18
N ILE A 43 -1.36 -0.15 -10.93
CA ILE A 43 -0.19 -0.35 -10.09
C ILE A 43 0.21 -1.82 -10.05
N ALA A 44 -0.76 -2.68 -9.71
CA ALA A 44 -0.50 -4.11 -9.65
C ALA A 44 0.44 -4.56 -10.76
N ALA A 45 0.27 -3.99 -11.95
CA ALA A 45 1.11 -4.33 -13.08
C ALA A 45 2.53 -3.79 -12.90
N GLN A 46 2.65 -2.46 -12.84
CA GLN A 46 3.95 -1.82 -12.67
C GLN A 46 4.73 -2.46 -11.53
N THR A 47 4.01 -2.89 -10.49
CA THR A 47 4.64 -3.52 -9.34
C THR A 47 4.53 -5.04 -9.42
N ASN A 48 3.76 -5.52 -10.39
CA ASN A 48 3.56 -6.95 -10.57
C ASN A 48 3.00 -7.59 -9.30
N LEU A 49 2.13 -6.85 -8.61
CA LEU A 49 1.52 -7.34 -7.38
C LEU A 49 0.03 -7.60 -7.58
N THR A 50 -0.56 -8.40 -6.68
CA THR A 50 -1.97 -8.71 -6.76
C THR A 50 -2.81 -7.70 -5.99
N LEU A 51 -3.98 -7.39 -6.53
CA LEU A 51 -4.88 -6.43 -5.89
C LEU A 51 -4.78 -6.52 -4.37
N LEU A 52 -4.58 -7.73 -3.87
CA LEU A 52 -4.47 -7.95 -2.43
C LEU A 52 -3.19 -7.33 -1.88
N GLN A 53 -2.06 -7.63 -2.50
CA GLN A 53 -0.77 -7.10 -2.08
C GLN A 53 -0.77 -5.58 -2.13
N VAL A 54 -1.07 -5.04 -3.31
CA VAL A 54 -1.11 -3.59 -3.50
C VAL A 54 -1.96 -2.92 -2.43
N ASN A 55 -3.07 -3.56 -2.08
CA ASN A 55 -3.98 -3.03 -1.07
C ASN A 55 -3.34 -3.05 0.31
N ASN A 56 -2.97 -4.25 0.76
CA ASN A 56 -2.34 -4.41 2.07
C ASN A 56 -1.25 -3.36 2.28
N TRP A 57 -0.27 -3.34 1.37
CA TRP A 57 0.82 -2.38 1.46
C TRP A 57 0.31 -0.98 1.76
N PHE A 58 -0.66 -0.54 0.97
CA PHE A 58 -1.24 0.80 1.14
C PHE A 58 -1.92 0.91 2.50
N ILE A 59 -2.92 0.06 2.73
CA ILE A 59 -3.66 0.08 3.98
C ILE A 59 -2.72 0.28 5.17
N ASN A 60 -1.54 -0.34 5.10
CA ASN A 60 -0.55 -0.21 6.17
C ASN A 60 0.27 1.05 6.01
N ALA A 61 0.60 1.39 4.76
CA ALA A 61 1.39 2.57 4.46
C ALA A 61 0.92 3.76 5.29
N ARG A 62 -0.35 4.13 5.12
CA ARG A 62 -0.93 5.25 5.85
C ARG A 62 -0.75 5.08 7.35
N ARG A 63 -0.84 3.83 7.81
CA ARG A 63 -0.68 3.52 9.22
C ARG A 63 0.71 3.90 9.73
N ARG A 64 1.71 3.66 8.88
CA ARG A 64 3.09 3.97 9.22
C ARG A 64 3.28 5.48 9.38
N ILE A 65 3.00 6.22 8.31
CA ILE A 65 3.15 7.66 8.33
C ILE A 65 2.27 8.30 9.41
N LEU A 66 1.10 7.71 9.63
CA LEU A 66 0.17 8.21 10.63
C LEU A 66 0.77 8.09 12.03
N GLN A 67 1.32 6.92 12.33
CA GLN A 67 1.91 6.66 13.63
C GLN A 67 0.89 6.82 14.76
N SER A 68 -0.32 6.32 14.51
CA SER A 68 -1.39 6.41 15.50
C SER A 68 -1.14 5.45 16.66
N GLY A 69 -1.75 5.75 17.81
CA GLY A 69 -1.60 4.91 18.98
C GLY A 69 -0.62 5.49 19.98
N PRO A 70 -1.11 6.41 20.82
CA PRO A 70 -0.29 7.05 21.85
C PRO A 70 0.11 6.10 22.96
N SER A 71 -0.80 5.20 23.33
CA SER A 71 -0.53 4.23 24.38
C SER A 71 0.64 3.32 24.01
N SER A 72 0.56 2.70 22.83
CA SER A 72 1.61 1.82 22.36
C SER A 72 1.92 2.08 20.89
N GLY A 73 3.20 2.28 20.58
CA GLY A 73 3.61 2.54 19.23
C GLY A 73 4.29 1.34 18.58
N GLY A 1 -24.92 -4.79 5.64
CA GLY A 1 -23.74 -4.66 6.47
C GLY A 1 -22.64 -5.61 6.05
N SER A 2 -21.44 -5.42 6.62
CA SER A 2 -20.30 -6.26 6.31
C SER A 2 -19.53 -6.63 7.57
N SER A 3 -18.60 -7.57 7.43
CA SER A 3 -17.79 -8.01 8.56
C SER A 3 -16.36 -7.48 8.46
N GLY A 4 -15.72 -7.76 7.33
CA GLY A 4 -14.35 -7.31 7.13
C GLY A 4 -13.38 -8.46 6.93
N SER A 5 -12.12 -8.23 7.27
CA SER A 5 -11.08 -9.25 7.12
C SER A 5 -10.10 -9.21 8.29
N SER A 6 -9.87 -10.36 8.91
CA SER A 6 -8.95 -10.46 10.03
C SER A 6 -7.88 -11.51 9.78
N GLY A 7 -6.89 -11.56 10.66
CA GLY A 7 -5.82 -12.53 10.53
C GLY A 7 -4.50 -12.03 11.06
N LYS A 8 -3.41 -12.34 10.37
CA LYS A 8 -2.09 -11.91 10.78
C LYS A 8 -1.23 -11.55 9.57
N ASN A 9 -0.21 -10.73 9.79
CA ASN A 9 0.69 -10.30 8.72
C ASN A 9 1.86 -11.26 8.58
N LYS A 10 2.08 -11.76 7.38
CA LYS A 10 3.18 -12.68 7.12
C LYS A 10 4.39 -11.95 6.54
N ARG A 11 5.55 -12.58 6.62
CA ARG A 11 6.78 -11.98 6.11
C ARG A 11 6.82 -12.04 4.58
N GLY A 12 7.69 -11.23 4.00
CA GLY A 12 7.81 -11.21 2.55
C GLY A 12 8.20 -9.83 2.02
N VAL A 13 9.46 -9.49 2.15
CA VAL A 13 9.96 -8.20 1.69
C VAL A 13 9.68 -8.01 0.20
N LEU A 14 9.11 -6.85 -0.14
CA LEU A 14 8.79 -6.54 -1.53
C LEU A 14 9.98 -5.90 -2.24
N PRO A 15 10.03 -6.05 -3.57
CA PRO A 15 11.10 -5.49 -4.40
C PRO A 15 11.05 -3.97 -4.46
N LYS A 16 12.22 -3.34 -4.55
CA LYS A 16 12.30 -1.89 -4.62
C LYS A 16 11.41 -1.35 -5.74
N HIS A 17 11.42 -2.04 -6.88
CA HIS A 17 10.62 -1.63 -8.03
C HIS A 17 9.15 -1.46 -7.63
N ALA A 18 8.64 -2.41 -6.85
CA ALA A 18 7.25 -2.36 -6.40
C ALA A 18 7.03 -1.22 -5.42
N THR A 19 7.91 -1.12 -4.42
CA THR A 19 7.81 -0.08 -3.41
C THR A 19 7.96 1.31 -4.04
N ASN A 20 8.69 1.37 -5.14
CA ASN A 20 8.92 2.64 -5.84
C ASN A 20 7.59 3.27 -6.25
N VAL A 21 6.82 2.55 -7.05
CA VAL A 21 5.53 3.04 -7.53
C VAL A 21 4.62 3.37 -6.35
N MET A 22 4.36 2.39 -5.50
CA MET A 22 3.50 2.58 -4.33
C MET A 22 3.91 3.83 -3.57
N ARG A 23 5.22 4.01 -3.37
CA ARG A 23 5.73 5.17 -2.65
C ARG A 23 5.45 6.46 -3.42
N SER A 24 5.70 6.42 -4.72
CA SER A 24 5.47 7.59 -5.57
C SER A 24 4.02 8.04 -5.50
N TRP A 25 3.10 7.09 -5.58
CA TRP A 25 1.67 7.38 -5.53
C TRP A 25 1.27 7.89 -4.14
N LEU A 26 1.56 7.09 -3.12
CA LEU A 26 1.24 7.45 -1.75
C LEU A 26 1.67 8.89 -1.45
N PHE A 27 2.91 9.21 -1.78
CA PHE A 27 3.44 10.54 -1.55
C PHE A 27 2.63 11.59 -2.30
N GLN A 28 2.25 11.28 -3.54
CA GLN A 28 1.47 12.19 -4.35
C GLN A 28 0.14 12.51 -3.70
N HIS A 29 -0.40 11.53 -2.97
CA HIS A 29 -1.68 11.71 -2.28
C HIS A 29 -1.51 11.52 -0.77
N ILE A 30 -0.36 11.93 -0.26
CA ILE A 30 -0.09 11.81 1.17
C ILE A 30 -1.28 12.25 2.00
N GLY A 31 -1.84 13.41 1.65
CA GLY A 31 -2.99 13.92 2.38
C GLY A 31 -4.10 12.90 2.51
N HIS A 32 -4.41 12.22 1.41
CA HIS A 32 -5.45 11.21 1.41
C HIS A 32 -4.99 9.94 0.70
N PRO A 33 -4.31 9.06 1.44
CA PRO A 33 -3.79 7.80 0.90
C PRO A 33 -4.91 6.81 0.59
N TYR A 34 -5.56 7.00 -0.55
CA TYR A 34 -6.65 6.12 -0.96
C TYR A 34 -6.54 5.79 -2.46
N PRO A 35 -6.16 4.55 -2.76
CA PRO A 35 -6.02 4.09 -4.14
C PRO A 35 -7.36 3.95 -4.85
N THR A 36 -7.39 4.33 -6.13
CA THR A 36 -8.61 4.26 -6.91
C THR A 36 -8.75 2.89 -7.58
N GLU A 37 -9.98 2.39 -7.65
CA GLU A 37 -10.25 1.09 -8.26
C GLU A 37 -9.30 0.83 -9.42
N ASP A 38 -9.00 1.88 -10.18
CA ASP A 38 -8.11 1.78 -11.33
C ASP A 38 -6.66 1.70 -10.87
N GLU A 39 -6.28 2.58 -9.96
CA GLU A 39 -4.91 2.61 -9.45
C GLU A 39 -4.46 1.21 -9.00
N LYS A 40 -5.34 0.52 -8.29
CA LYS A 40 -5.04 -0.83 -7.81
C LYS A 40 -4.75 -1.76 -8.97
N LYS A 41 -5.50 -1.61 -10.06
CA LYS A 41 -5.33 -2.45 -11.23
C LYS A 41 -4.05 -2.07 -11.98
N GLN A 42 -3.95 -0.80 -12.37
CA GLN A 42 -2.78 -0.33 -13.09
C GLN A 42 -1.49 -0.60 -12.30
N ILE A 43 -1.45 -0.12 -11.06
CA ILE A 43 -0.30 -0.32 -10.20
C ILE A 43 0.11 -1.78 -10.15
N ALA A 44 -0.84 -2.64 -9.75
CA ALA A 44 -0.58 -4.07 -9.66
C ALA A 44 0.35 -4.54 -10.78
N ALA A 45 0.19 -3.94 -11.96
CA ALA A 45 1.02 -4.30 -13.10
C ALA A 45 2.41 -3.70 -12.98
N GLN A 46 2.48 -2.38 -12.91
CA GLN A 46 3.77 -1.69 -12.80
C GLN A 46 4.60 -2.29 -11.67
N THR A 47 3.94 -2.73 -10.61
CA THR A 47 4.61 -3.33 -9.47
C THR A 47 4.54 -4.85 -9.52
N ASN A 48 3.75 -5.37 -10.44
CA ASN A 48 3.59 -6.81 -10.59
C ASN A 48 3.02 -7.43 -9.32
N LEU A 49 2.15 -6.69 -8.64
CA LEU A 49 1.54 -7.17 -7.41
C LEU A 49 0.05 -7.43 -7.60
N THR A 50 -0.53 -8.22 -6.69
CA THR A 50 -1.95 -8.55 -6.77
C THR A 50 -2.79 -7.53 -6.00
N LEU A 51 -3.98 -7.25 -6.53
CA LEU A 51 -4.89 -6.29 -5.89
C LEU A 51 -4.79 -6.39 -4.37
N LEU A 52 -4.59 -7.60 -3.86
CA LEU A 52 -4.48 -7.81 -2.42
C LEU A 52 -3.22 -7.16 -1.87
N GLN A 53 -2.08 -7.47 -2.49
CA GLN A 53 -0.80 -6.92 -2.06
C GLN A 53 -0.83 -5.40 -2.07
N VAL A 54 -1.06 -4.82 -3.25
CA VAL A 54 -1.12 -3.38 -3.41
C VAL A 54 -1.95 -2.74 -2.29
N ASN A 55 -3.01 -3.43 -1.90
CA ASN A 55 -3.90 -2.94 -0.85
C ASN A 55 -3.23 -3.03 0.52
N ASN A 56 -2.81 -4.23 0.89
CA ASN A 56 -2.14 -4.45 2.16
C ASN A 56 -1.05 -3.41 2.40
N TRP A 57 -0.11 -3.34 1.46
CA TRP A 57 0.99 -2.39 1.57
C TRP A 57 0.48 -0.99 1.86
N PHE A 58 -0.47 -0.52 1.06
CA PHE A 58 -1.05 0.80 1.24
C PHE A 58 -1.68 0.94 2.63
N ILE A 59 -2.65 0.09 2.94
CA ILE A 59 -3.31 0.12 4.23
C ILE A 59 -2.30 0.19 5.37
N ASN A 60 -1.21 -0.57 5.24
CA ASN A 60 -0.18 -0.60 6.26
C ASN A 60 0.61 0.72 6.27
N ALA A 61 0.96 1.19 5.08
CA ALA A 61 1.71 2.44 4.96
C ALA A 61 0.95 3.60 5.58
N ARG A 62 -0.25 3.86 5.09
CA ARG A 62 -1.07 4.95 5.60
C ARG A 62 -1.06 4.96 7.12
N ARG A 63 -0.95 3.79 7.72
CA ARG A 63 -0.93 3.67 9.18
C ARG A 63 0.40 4.18 9.74
N ARG A 64 1.47 3.96 8.99
CA ARG A 64 2.80 4.39 9.42
C ARG A 64 2.90 5.91 9.43
N ILE A 65 2.29 6.55 8.44
CA ILE A 65 2.29 8.00 8.34
C ILE A 65 1.27 8.63 9.29
N LEU A 66 0.16 7.94 9.48
CA LEU A 66 -0.90 8.42 10.36
C LEU A 66 -0.49 8.33 11.82
N GLN A 67 0.05 7.17 12.20
CA GLN A 67 0.49 6.96 13.58
C GLN A 67 1.56 5.87 13.63
N SER A 68 2.77 6.24 14.03
CA SER A 68 3.88 5.30 14.12
C SER A 68 4.36 5.16 15.57
N GLY A 69 4.50 3.93 16.03
CA GLY A 69 4.96 3.70 17.39
C GLY A 69 3.99 4.23 18.43
N PRO A 70 2.78 3.65 18.45
CA PRO A 70 1.74 4.06 19.41
C PRO A 70 2.07 3.66 20.84
N SER A 71 2.44 4.66 21.64
CA SER A 71 2.79 4.41 23.04
C SER A 71 2.14 5.45 23.95
N SER A 72 1.51 4.99 25.02
CA SER A 72 0.85 5.87 25.97
C SER A 72 1.73 6.12 27.19
N GLY A 73 2.10 5.05 27.88
CA GLY A 73 2.95 5.18 29.06
C GLY A 73 2.43 6.23 30.02
N GLY A 1 -21.98 -0.95 11.89
CA GLY A 1 -20.99 -1.91 12.35
C GLY A 1 -20.59 -2.89 11.26
N SER A 2 -20.80 -4.18 11.52
CA SER A 2 -20.46 -5.22 10.57
C SER A 2 -18.97 -5.18 10.22
N SER A 3 -18.15 -4.98 11.23
CA SER A 3 -16.69 -4.91 11.03
C SER A 3 -15.95 -5.57 12.19
N GLY A 4 -14.87 -6.27 11.88
CA GLY A 4 -14.09 -6.93 12.90
C GLY A 4 -12.76 -7.43 12.39
N SER A 5 -12.10 -6.61 11.58
CA SER A 5 -10.81 -6.97 11.00
C SER A 5 -9.67 -6.55 11.94
N SER A 6 -8.81 -7.51 12.26
CA SER A 6 -7.67 -7.25 13.14
C SER A 6 -6.43 -6.85 12.34
N GLY A 7 -6.13 -7.62 11.30
CA GLY A 7 -4.99 -7.33 10.47
C GLY A 7 -3.67 -7.67 11.16
N LYS A 8 -3.49 -8.94 11.48
CA LYS A 8 -2.28 -9.40 12.15
C LYS A 8 -1.45 -10.29 11.23
N ASN A 9 -0.42 -9.70 10.62
CA ASN A 9 0.46 -10.44 9.71
C ASN A 9 1.86 -9.86 9.72
N LYS A 10 2.86 -10.73 9.64
CA LYS A 10 4.25 -10.31 9.64
C LYS A 10 4.85 -10.41 8.24
N ARG A 11 4.86 -11.62 7.69
CA ARG A 11 5.40 -11.85 6.36
C ARG A 11 4.82 -10.86 5.36
N GLY A 12 5.71 -10.07 4.74
CA GLY A 12 5.27 -9.09 3.77
C GLY A 12 6.42 -8.30 3.18
N VAL A 13 7.28 -8.99 2.43
CA VAL A 13 8.44 -8.35 1.81
C VAL A 13 8.19 -8.12 0.32
N LEU A 14 8.58 -6.94 -0.16
CA LEU A 14 8.41 -6.60 -1.57
C LEU A 14 9.67 -5.93 -2.13
N PRO A 15 9.88 -6.07 -3.44
CA PRO A 15 11.03 -5.48 -4.12
C PRO A 15 10.96 -3.96 -4.19
N LYS A 16 12.12 -3.32 -4.27
CA LYS A 16 12.19 -1.87 -4.35
C LYS A 16 11.35 -1.34 -5.52
N HIS A 17 11.39 -2.05 -6.64
CA HIS A 17 10.64 -1.67 -7.82
C HIS A 17 9.16 -1.48 -7.48
N ALA A 18 8.61 -2.42 -6.72
CA ALA A 18 7.21 -2.37 -6.33
C ALA A 18 6.96 -1.23 -5.33
N THR A 19 7.85 -1.10 -4.36
CA THR A 19 7.73 -0.06 -3.34
C THR A 19 7.84 1.32 -3.97
N ASN A 20 8.61 1.42 -5.05
CA ASN A 20 8.79 2.69 -5.74
C ASN A 20 7.45 3.27 -6.19
N VAL A 21 6.76 2.54 -7.05
CA VAL A 21 5.47 2.99 -7.56
C VAL A 21 4.53 3.37 -6.42
N MET A 22 4.24 2.39 -5.56
CA MET A 22 3.36 2.62 -4.42
C MET A 22 3.77 3.86 -3.64
N ARG A 23 5.08 4.01 -3.43
CA ARG A 23 5.61 5.15 -2.70
C ARG A 23 5.27 6.46 -3.41
N SER A 24 5.70 6.57 -4.65
CA SER A 24 5.44 7.77 -5.44
C SER A 24 3.98 8.20 -5.33
N TRP A 25 3.08 7.26 -5.66
CA TRP A 25 1.65 7.53 -5.61
C TRP A 25 1.25 8.04 -4.22
N LEU A 26 1.55 7.26 -3.20
CA LEU A 26 1.22 7.62 -1.83
C LEU A 26 1.63 9.06 -1.54
N PHE A 27 2.88 9.40 -1.88
CA PHE A 27 3.39 10.74 -1.66
C PHE A 27 2.57 11.77 -2.43
N GLN A 28 2.25 11.46 -3.68
CA GLN A 28 1.47 12.36 -4.52
C GLN A 28 0.12 12.67 -3.88
N HIS A 29 -0.42 11.71 -3.15
CA HIS A 29 -1.70 11.89 -2.48
C HIS A 29 -1.55 11.75 -0.97
N ILE A 30 -0.39 12.16 -0.45
CA ILE A 30 -0.13 12.09 0.99
C ILE A 30 -1.34 12.55 1.79
N GLY A 31 -1.95 13.66 1.37
CA GLY A 31 -3.10 14.18 2.07
C GLY A 31 -4.21 13.16 2.20
N HIS A 32 -4.51 12.47 1.10
CA HIS A 32 -5.56 11.46 1.10
C HIS A 32 -5.07 10.18 0.42
N PRO A 33 -4.35 9.34 1.17
CA PRO A 33 -3.82 8.07 0.67
C PRO A 33 -4.92 7.05 0.40
N TYR A 34 -5.59 7.19 -0.73
CA TYR A 34 -6.67 6.26 -1.10
C TYR A 34 -6.58 5.88 -2.56
N PRO A 35 -6.17 4.64 -2.84
CA PRO A 35 -6.03 4.11 -4.20
C PRO A 35 -7.38 3.93 -4.89
N THR A 36 -7.45 4.30 -6.16
CA THR A 36 -8.68 4.19 -6.92
C THR A 36 -8.76 2.83 -7.63
N GLU A 37 -9.97 2.27 -7.71
CA GLU A 37 -10.18 0.99 -8.35
C GLU A 37 -9.22 0.80 -9.52
N ASP A 38 -8.95 1.88 -10.24
CA ASP A 38 -8.05 1.84 -11.38
C ASP A 38 -6.60 1.74 -10.92
N GLU A 39 -6.21 2.58 -9.97
CA GLU A 39 -4.85 2.58 -9.45
C GLU A 39 -4.43 1.17 -9.03
N LYS A 40 -5.29 0.51 -8.26
CA LYS A 40 -5.01 -0.85 -7.79
C LYS A 40 -4.77 -1.79 -8.96
N LYS A 41 -5.44 -1.52 -10.08
CA LYS A 41 -5.30 -2.35 -11.27
C LYS A 41 -4.01 -2.02 -12.01
N GLN A 42 -3.84 -0.75 -12.37
CA GLN A 42 -2.64 -0.31 -13.08
C GLN A 42 -1.39 -0.59 -12.26
N ILE A 43 -1.36 -0.08 -11.04
CA ILE A 43 -0.22 -0.28 -10.15
C ILE A 43 0.16 -1.76 -10.07
N ALA A 44 -0.81 -2.58 -9.71
CA ALA A 44 -0.59 -4.02 -9.60
C ALA A 44 0.34 -4.53 -10.69
N ALA A 45 0.16 -3.99 -11.90
CA ALA A 45 0.97 -4.38 -13.04
C ALA A 45 2.40 -3.85 -12.91
N GLN A 46 2.54 -2.53 -12.90
CA GLN A 46 3.85 -1.90 -12.78
C GLN A 46 4.63 -2.50 -11.61
N THR A 47 3.91 -2.91 -10.58
CA THR A 47 4.55 -3.50 -9.40
C THR A 47 4.47 -5.02 -9.45
N ASN A 48 3.68 -5.55 -10.36
CA ASN A 48 3.52 -6.99 -10.51
C ASN A 48 2.90 -7.61 -9.26
N LEU A 49 2.07 -6.83 -8.57
CA LEU A 49 1.42 -7.29 -7.36
C LEU A 49 -0.09 -7.49 -7.58
N THR A 50 -0.70 -8.31 -6.74
CA THR A 50 -2.14 -8.57 -6.85
C THR A 50 -2.95 -7.54 -6.07
N LEU A 51 -4.13 -7.22 -6.59
CA LEU A 51 -5.01 -6.25 -5.95
C LEU A 51 -4.90 -6.33 -4.43
N LEU A 52 -4.79 -7.55 -3.91
CA LEU A 52 -4.67 -7.77 -2.48
C LEU A 52 -3.36 -7.19 -1.95
N GLN A 53 -2.25 -7.57 -2.59
CA GLN A 53 -0.94 -7.10 -2.18
C GLN A 53 -0.87 -5.57 -2.21
N VAL A 54 -1.16 -4.98 -3.36
CA VAL A 54 -1.14 -3.54 -3.52
C VAL A 54 -1.92 -2.86 -2.40
N ASN A 55 -3.03 -3.45 -2.01
CA ASN A 55 -3.87 -2.90 -0.95
C ASN A 55 -3.19 -3.05 0.40
N ASN A 56 -2.84 -4.27 0.76
CA ASN A 56 -2.18 -4.54 2.04
C ASN A 56 -1.08 -3.53 2.30
N TRP A 57 -0.14 -3.43 1.37
CA TRP A 57 0.97 -2.48 1.50
C TRP A 57 0.47 -1.09 1.84
N PHE A 58 -0.53 -0.62 1.08
CA PHE A 58 -1.10 0.70 1.30
C PHE A 58 -1.68 0.82 2.71
N ILE A 59 -2.53 -0.13 3.06
CA ILE A 59 -3.16 -0.14 4.37
C ILE A 59 -2.13 0.05 5.48
N ASN A 60 -0.95 -0.54 5.28
CA ASN A 60 0.12 -0.44 6.27
C ASN A 60 0.85 0.89 6.14
N ALA A 61 0.95 1.39 4.91
CA ALA A 61 1.62 2.66 4.66
C ALA A 61 0.87 3.82 5.30
N ARG A 62 -0.45 3.68 5.39
CA ARG A 62 -1.29 4.71 5.98
C ARG A 62 -1.22 4.67 7.51
N ARG A 63 -0.72 3.56 8.04
CA ARG A 63 -0.60 3.39 9.48
C ARG A 63 0.77 3.84 9.97
N ARG A 64 1.68 4.07 9.02
CA ARG A 64 3.03 4.51 9.37
C ARG A 64 3.15 6.03 9.24
N ILE A 65 2.39 6.61 8.32
CA ILE A 65 2.42 8.05 8.11
C ILE A 65 1.62 8.78 9.18
N LEU A 66 0.46 8.22 9.54
CA LEU A 66 -0.40 8.81 10.55
C LEU A 66 0.28 8.81 11.91
N GLN A 67 0.87 7.68 12.26
CA GLN A 67 1.55 7.55 13.54
C GLN A 67 2.93 8.21 13.49
N SER A 68 3.46 8.54 14.67
CA SER A 68 4.77 9.19 14.76
C SER A 68 5.72 8.37 15.63
N GLY A 69 6.82 7.93 15.05
CA GLY A 69 7.79 7.13 15.78
C GLY A 69 7.30 5.74 16.07
N PRO A 70 7.89 5.08 17.08
CA PRO A 70 7.53 3.72 17.47
C PRO A 70 6.15 3.64 18.11
N SER A 71 5.21 3.01 17.40
CA SER A 71 3.84 2.88 17.88
C SER A 71 3.84 2.37 19.33
N SER A 72 4.60 1.31 19.59
CA SER A 72 4.67 0.73 20.92
C SER A 72 4.77 1.81 21.98
N GLY A 73 5.67 2.77 21.76
CA GLY A 73 5.85 3.85 22.71
C GLY A 73 4.53 4.43 23.20
N GLY A 1 -11.32 -4.20 -4.71
CA GLY A 1 -10.68 -4.43 -3.42
C GLY A 1 -10.15 -5.84 -3.28
N SER A 2 -9.78 -6.22 -2.06
CA SER A 2 -9.25 -7.54 -1.79
C SER A 2 -10.36 -8.60 -1.81
N SER A 3 -11.45 -8.29 -1.12
CA SER A 3 -12.59 -9.21 -1.04
C SER A 3 -12.13 -10.59 -0.58
N GLY A 4 -11.25 -10.63 0.40
CA GLY A 4 -10.75 -11.90 0.91
C GLY A 4 -10.88 -12.00 2.42
N SER A 5 -10.97 -13.22 2.92
CA SER A 5 -11.10 -13.45 4.35
C SER A 5 -9.82 -13.05 5.09
N SER A 6 -9.95 -12.80 6.39
CA SER A 6 -8.81 -12.41 7.21
C SER A 6 -7.75 -13.51 7.23
N GLY A 7 -6.50 -13.12 6.98
CA GLY A 7 -5.41 -14.09 6.97
C GLY A 7 -4.16 -13.54 6.32
N LYS A 8 -3.10 -13.40 7.10
CA LYS A 8 -1.83 -12.88 6.60
C LYS A 8 -0.67 -13.77 7.04
N ASN A 9 -0.27 -14.69 6.16
CA ASN A 9 0.84 -15.59 6.47
C ASN A 9 2.15 -15.06 5.90
N LYS A 10 2.22 -14.93 4.59
CA LYS A 10 3.41 -14.42 3.93
C LYS A 10 3.96 -13.18 4.65
N ARG A 11 5.22 -13.26 5.07
CA ARG A 11 5.84 -12.15 5.78
C ARG A 11 7.17 -11.78 5.11
N GLY A 12 7.18 -11.77 3.79
CA GLY A 12 8.38 -11.42 3.06
C GLY A 12 8.44 -9.96 2.66
N VAL A 13 9.63 -9.47 2.35
CA VAL A 13 9.81 -8.08 1.96
C VAL A 13 9.63 -7.90 0.45
N LEU A 14 8.88 -6.88 0.07
CA LEU A 14 8.63 -6.60 -1.34
C LEU A 14 9.85 -5.93 -1.98
N PRO A 15 9.96 -6.06 -3.31
CA PRO A 15 11.07 -5.48 -4.08
C PRO A 15 10.99 -3.96 -4.14
N LYS A 16 12.13 -3.32 -4.37
CA LYS A 16 12.19 -1.87 -4.46
C LYS A 16 11.35 -1.35 -5.63
N HIS A 17 11.39 -2.08 -6.75
CA HIS A 17 10.64 -1.71 -7.93
C HIS A 17 9.16 -1.50 -7.60
N ALA A 18 8.60 -2.43 -6.82
CA ALA A 18 7.20 -2.36 -6.43
C ALA A 18 6.97 -1.22 -5.44
N THR A 19 7.80 -1.15 -4.41
CA THR A 19 7.69 -0.11 -3.40
C THR A 19 7.84 1.28 -4.01
N ASN A 20 8.60 1.35 -5.10
CA ASN A 20 8.81 2.62 -5.79
C ASN A 20 7.49 3.24 -6.24
N VAL A 21 6.77 2.50 -7.09
CA VAL A 21 5.48 2.98 -7.60
C VAL A 21 4.56 3.39 -6.46
N MET A 22 4.27 2.44 -5.57
CA MET A 22 3.40 2.70 -4.44
C MET A 22 3.87 3.92 -3.66
N ARG A 23 5.17 3.98 -3.37
CA ARG A 23 5.74 5.09 -2.62
C ARG A 23 5.38 6.43 -3.29
N SER A 24 5.79 6.59 -4.54
CA SER A 24 5.51 7.81 -5.28
C SER A 24 4.04 8.21 -5.15
N TRP A 25 3.15 7.29 -5.50
CA TRP A 25 1.71 7.54 -5.42
C TRP A 25 1.34 8.06 -4.04
N LEU A 26 1.69 7.31 -3.01
CA LEU A 26 1.38 7.69 -1.63
C LEU A 26 1.78 9.14 -1.37
N PHE A 27 2.99 9.51 -1.80
CA PHE A 27 3.48 10.87 -1.61
C PHE A 27 2.60 11.88 -2.35
N GLN A 28 2.27 11.55 -3.60
CA GLN A 28 1.44 12.43 -4.41
C GLN A 28 0.08 12.68 -3.73
N HIS A 29 -0.39 11.69 -2.99
CA HIS A 29 -1.67 11.80 -2.29
C HIS A 29 -1.48 11.66 -0.78
N ILE A 30 -0.34 12.12 -0.29
CA ILE A 30 -0.04 12.04 1.13
C ILE A 30 -1.22 12.48 1.97
N GLY A 31 -1.84 13.59 1.59
CA GLY A 31 -2.99 14.11 2.31
C GLY A 31 -4.06 13.06 2.50
N HIS A 32 -4.40 12.36 1.42
CA HIS A 32 -5.42 11.32 1.48
C HIS A 32 -4.96 10.06 0.75
N PRO A 33 -4.20 9.22 1.47
CA PRO A 33 -3.68 7.96 0.91
C PRO A 33 -4.77 6.93 0.68
N TYR A 34 -5.49 7.09 -0.43
CA TYR A 34 -6.57 6.17 -0.77
C TYR A 34 -6.54 5.82 -2.26
N PRO A 35 -6.13 4.59 -2.57
CA PRO A 35 -6.05 4.11 -3.95
C PRO A 35 -7.43 3.91 -4.58
N THR A 36 -7.52 4.17 -5.88
CA THR A 36 -8.78 4.03 -6.60
C THR A 36 -8.84 2.69 -7.33
N GLU A 37 -10.06 2.15 -7.45
CA GLU A 37 -10.26 0.87 -8.12
C GLU A 37 -9.26 0.70 -9.26
N ASP A 38 -9.00 1.79 -9.97
CA ASP A 38 -8.07 1.76 -11.10
C ASP A 38 -6.63 1.62 -10.61
N GLU A 39 -6.18 2.57 -9.80
CA GLU A 39 -4.83 2.54 -9.27
C GLU A 39 -4.45 1.14 -8.82
N LYS A 40 -5.33 0.51 -8.06
CA LYS A 40 -5.09 -0.84 -7.56
C LYS A 40 -4.82 -1.81 -8.71
N LYS A 41 -5.48 -1.58 -9.84
CA LYS A 41 -5.31 -2.42 -11.01
C LYS A 41 -4.03 -2.06 -11.77
N GLN A 42 -3.90 -0.77 -12.10
CA GLN A 42 -2.72 -0.30 -12.82
C GLN A 42 -1.44 -0.60 -12.04
N ILE A 43 -1.39 -0.15 -10.80
CA ILE A 43 -0.22 -0.38 -9.95
C ILE A 43 0.17 -1.85 -9.94
N ALA A 44 -0.82 -2.72 -9.72
CA ALA A 44 -0.59 -4.15 -9.68
C ALA A 44 0.37 -4.58 -10.79
N ALA A 45 0.23 -3.96 -11.95
CA ALA A 45 1.08 -4.28 -13.09
C ALA A 45 2.49 -3.73 -12.90
N GLN A 46 2.61 -2.40 -12.90
CA GLN A 46 3.91 -1.76 -12.73
C GLN A 46 4.70 -2.42 -11.60
N THR A 47 4.00 -2.78 -10.52
CA THR A 47 4.64 -3.43 -9.39
C THR A 47 4.55 -4.95 -9.49
N ASN A 48 3.72 -5.43 -10.41
CA ASN A 48 3.55 -6.86 -10.60
C ASN A 48 2.98 -7.52 -9.35
N LEU A 49 2.09 -6.81 -8.66
CA LEU A 49 1.48 -7.33 -7.44
C LEU A 49 -0.02 -7.55 -7.65
N THR A 50 -0.61 -8.35 -6.76
CA THR A 50 -2.03 -8.66 -6.85
C THR A 50 -2.86 -7.60 -6.10
N LEU A 51 -4.03 -7.29 -6.64
CA LEU A 51 -4.91 -6.31 -6.02
C LEU A 51 -4.82 -6.36 -4.51
N LEU A 52 -4.69 -7.57 -3.97
CA LEU A 52 -4.59 -7.77 -2.53
C LEU A 52 -3.28 -7.19 -1.99
N GLN A 53 -2.17 -7.60 -2.59
CA GLN A 53 -0.85 -7.13 -2.18
C GLN A 53 -0.80 -5.60 -2.19
N VAL A 54 -1.04 -5.01 -3.35
CA VAL A 54 -1.02 -3.55 -3.49
C VAL A 54 -1.81 -2.89 -2.36
N ASN A 55 -3.00 -3.43 -2.08
CA ASN A 55 -3.85 -2.88 -1.03
C ASN A 55 -3.18 -2.99 0.33
N ASN A 56 -2.86 -4.22 0.73
CA ASN A 56 -2.22 -4.46 2.02
C ASN A 56 -1.10 -3.45 2.26
N TRP A 57 -0.15 -3.39 1.33
CA TRP A 57 0.98 -2.47 1.44
C TRP A 57 0.50 -1.07 1.78
N PHE A 58 -0.49 -0.58 1.04
CA PHE A 58 -1.03 0.75 1.26
C PHE A 58 -1.66 0.85 2.65
N ILE A 59 -2.61 -0.03 2.93
CA ILE A 59 -3.29 -0.04 4.22
C ILE A 59 -2.29 0.13 5.37
N ASN A 60 -1.16 -0.55 5.27
CA ASN A 60 -0.13 -0.48 6.29
C ASN A 60 0.65 0.82 6.17
N ALA A 61 0.80 1.31 4.94
CA ALA A 61 1.53 2.55 4.70
C ALA A 61 0.78 3.75 5.28
N ARG A 62 -0.40 4.02 4.75
CA ARG A 62 -1.21 5.14 5.23
C ARG A 62 -1.30 5.15 6.75
N ARG A 63 -1.02 3.99 7.35
CA ARG A 63 -1.07 3.87 8.81
C ARG A 63 0.28 4.22 9.43
N ARG A 64 1.36 3.81 8.77
CA ARG A 64 2.70 4.08 9.26
C ARG A 64 3.00 5.58 9.25
N ILE A 65 2.47 6.26 8.24
CA ILE A 65 2.67 7.70 8.10
C ILE A 65 2.05 8.46 9.28
N LEU A 66 0.88 7.99 9.70
CA LEU A 66 0.18 8.62 10.82
C LEU A 66 0.93 8.44 12.12
N GLN A 67 1.18 7.19 12.50
CA GLN A 67 1.91 6.88 13.72
C GLN A 67 3.33 7.43 13.66
N SER A 68 3.82 7.89 14.81
CA SER A 68 5.16 8.45 14.88
C SER A 68 6.11 7.49 15.60
N GLY A 69 7.15 7.07 14.90
CA GLY A 69 8.11 6.15 15.49
C GLY A 69 9.52 6.72 15.52
N PRO A 70 10.20 6.69 14.37
CA PRO A 70 11.57 7.22 14.25
C PRO A 70 11.63 8.74 14.36
N SER A 71 12.83 9.27 14.55
CA SER A 71 13.02 10.71 14.67
C SER A 71 13.73 11.27 13.46
N SER A 72 14.84 10.64 13.08
CA SER A 72 15.62 11.08 11.93
C SER A 72 16.73 10.07 11.60
N GLY A 73 16.83 9.71 10.33
CA GLY A 73 17.84 8.76 9.91
C GLY A 73 18.23 8.95 8.45
N GLY A 1 -18.76 1.92 1.23
CA GLY A 1 -18.28 1.00 2.25
C GLY A 1 -17.22 1.62 3.14
N SER A 2 -15.98 1.60 2.65
CA SER A 2 -14.86 2.16 3.41
C SER A 2 -14.77 1.51 4.80
N SER A 3 -14.95 0.20 4.84
CA SER A 3 -14.89 -0.54 6.09
C SER A 3 -13.51 -0.41 6.73
N GLY A 4 -12.48 -0.80 5.98
CA GLY A 4 -11.12 -0.72 6.50
C GLY A 4 -10.60 -2.07 6.95
N SER A 5 -9.49 -2.05 7.67
CA SER A 5 -8.88 -3.28 8.18
C SER A 5 -7.90 -2.98 9.31
N SER A 6 -7.67 -3.97 10.16
CA SER A 6 -6.76 -3.81 11.29
C SER A 6 -5.50 -4.64 11.09
N GLY A 7 -4.35 -4.03 11.33
CA GLY A 7 -3.08 -4.73 11.17
C GLY A 7 -2.61 -5.37 12.46
N LYS A 8 -3.24 -6.49 12.83
CA LYS A 8 -2.87 -7.21 14.04
C LYS A 8 -1.45 -7.74 13.95
N ASN A 9 -1.20 -8.58 12.96
CA ASN A 9 0.12 -9.17 12.76
C ASN A 9 0.28 -9.69 11.33
N LYS A 10 1.16 -9.04 10.57
CA LYS A 10 1.41 -9.45 9.20
C LYS A 10 2.91 -9.60 8.93
N ARG A 11 3.26 -10.45 7.97
CA ARG A 11 4.65 -10.67 7.63
C ARG A 11 4.82 -10.78 6.11
N GLY A 12 5.96 -10.29 5.61
CA GLY A 12 6.23 -10.33 4.19
C GLY A 12 7.11 -9.20 3.73
N VAL A 13 7.80 -9.40 2.61
CA VAL A 13 8.69 -8.38 2.06
C VAL A 13 8.43 -8.17 0.58
N LEU A 14 8.55 -6.91 0.14
CA LEU A 14 8.34 -6.56 -1.26
C LEU A 14 9.57 -5.93 -1.86
N PRO A 15 9.73 -6.07 -3.19
CA PRO A 15 10.87 -5.50 -3.92
C PRO A 15 10.82 -3.99 -3.99
N LYS A 16 11.96 -3.37 -4.27
CA LYS A 16 12.05 -1.91 -4.37
C LYS A 16 11.20 -1.41 -5.53
N HIS A 17 11.32 -2.06 -6.68
CA HIS A 17 10.56 -1.67 -7.86
C HIS A 17 9.08 -1.52 -7.53
N ALA A 18 8.55 -2.44 -6.73
CA ALA A 18 7.14 -2.40 -6.33
C ALA A 18 6.87 -1.25 -5.37
N THR A 19 7.72 -1.15 -4.33
CA THR A 19 7.58 -0.11 -3.33
C THR A 19 7.71 1.28 -3.96
N ASN A 20 8.50 1.37 -5.02
CA ASN A 20 8.71 2.64 -5.72
C ASN A 20 7.38 3.23 -6.19
N VAL A 21 6.68 2.49 -7.04
CA VAL A 21 5.40 2.95 -7.56
C VAL A 21 4.46 3.36 -6.43
N MET A 22 4.16 2.43 -5.54
CA MET A 22 3.28 2.70 -4.40
C MET A 22 3.76 3.92 -3.62
N ARG A 23 5.07 3.99 -3.39
CA ARG A 23 5.66 5.11 -2.65
C ARG A 23 5.31 6.43 -3.31
N SER A 24 5.77 6.61 -4.55
CA SER A 24 5.52 7.84 -5.29
C SER A 24 4.05 8.24 -5.19
N TRP A 25 3.16 7.34 -5.60
CA TRP A 25 1.73 7.59 -5.55
C TRP A 25 1.31 8.10 -4.18
N LEU A 26 1.62 7.32 -3.15
CA LEU A 26 1.27 7.68 -1.78
C LEU A 26 1.66 9.13 -1.49
N PHE A 27 2.91 9.48 -1.80
CA PHE A 27 3.42 10.82 -1.57
C PHE A 27 2.58 11.85 -2.32
N GLN A 28 2.28 11.56 -3.59
CA GLN A 28 1.49 12.45 -4.41
C GLN A 28 0.12 12.72 -3.77
N HIS A 29 -0.40 11.72 -3.08
CA HIS A 29 -1.69 11.83 -2.42
C HIS A 29 -1.56 11.67 -0.91
N ILE A 30 -0.41 12.07 -0.38
CA ILE A 30 -0.16 11.97 1.05
C ILE A 30 -1.37 12.43 1.86
N GLY A 31 -1.97 13.54 1.44
CA GLY A 31 -3.13 14.06 2.13
C GLY A 31 -4.25 13.04 2.24
N HIS A 32 -4.54 12.36 1.14
CA HIS A 32 -5.59 11.35 1.11
C HIS A 32 -5.11 10.07 0.42
N PRO A 33 -4.40 9.23 1.19
CA PRO A 33 -3.87 7.96 0.67
C PRO A 33 -4.97 6.94 0.39
N TYR A 34 -5.64 7.11 -0.74
CA TYR A 34 -6.72 6.20 -1.13
C TYR A 34 -6.61 5.84 -2.61
N PRO A 35 -6.21 4.59 -2.89
CA PRO A 35 -6.06 4.09 -4.26
C PRO A 35 -7.41 3.91 -4.95
N THR A 36 -7.48 4.32 -6.22
CA THR A 36 -8.70 4.21 -6.99
C THR A 36 -8.82 2.83 -7.64
N GLU A 37 -10.05 2.35 -7.78
CA GLU A 37 -10.28 1.04 -8.38
C GLU A 37 -9.30 0.77 -9.51
N ASP A 38 -9.00 1.82 -10.28
CA ASP A 38 -8.06 1.69 -11.40
C ASP A 38 -6.63 1.62 -10.90
N GLU A 39 -6.26 2.54 -10.01
CA GLU A 39 -4.91 2.58 -9.46
C GLU A 39 -4.47 1.19 -9.02
N LYS A 40 -5.35 0.49 -8.30
CA LYS A 40 -5.05 -0.84 -7.81
C LYS A 40 -4.77 -1.79 -8.98
N LYS A 41 -5.48 -1.61 -10.08
CA LYS A 41 -5.30 -2.44 -11.26
C LYS A 41 -4.01 -2.09 -12.00
N GLN A 42 -3.88 -0.83 -12.37
CA GLN A 42 -2.68 -0.36 -13.07
C GLN A 42 -1.43 -0.64 -12.25
N ILE A 43 -1.40 -0.12 -11.03
CA ILE A 43 -0.26 -0.31 -10.14
C ILE A 43 0.16 -1.78 -10.09
N ALA A 44 -0.81 -2.65 -9.80
CA ALA A 44 -0.54 -4.08 -9.71
C ALA A 44 0.42 -4.52 -10.81
N ALA A 45 0.26 -3.95 -12.00
CA ALA A 45 1.11 -4.28 -13.14
C ALA A 45 2.51 -3.71 -12.96
N GLN A 46 2.61 -2.39 -12.90
CA GLN A 46 3.89 -1.72 -12.73
C GLN A 46 4.69 -2.35 -11.60
N THR A 47 3.99 -2.78 -10.55
CA THR A 47 4.63 -3.40 -9.40
C THR A 47 4.56 -4.92 -9.49
N ASN A 48 3.77 -5.42 -10.43
CA ASN A 48 3.62 -6.85 -10.61
C ASN A 48 3.06 -7.52 -9.36
N LEU A 49 2.16 -6.81 -8.67
CA LEU A 49 1.56 -7.33 -7.44
C LEU A 49 0.06 -7.57 -7.63
N THR A 50 -0.52 -8.38 -6.76
CA THR A 50 -1.94 -8.69 -6.82
C THR A 50 -2.77 -7.66 -6.07
N LEU A 51 -3.94 -7.33 -6.61
CA LEU A 51 -4.82 -6.35 -5.98
C LEU A 51 -4.75 -6.46 -4.46
N LEU A 52 -4.57 -7.68 -3.96
CA LEU A 52 -4.49 -7.92 -2.52
C LEU A 52 -3.22 -7.32 -1.94
N GLN A 53 -2.09 -7.62 -2.58
CA GLN A 53 -0.80 -7.10 -2.12
C GLN A 53 -0.78 -5.58 -2.14
N VAL A 54 -0.98 -4.99 -3.31
CA VAL A 54 -1.00 -3.53 -3.45
C VAL A 54 -1.84 -2.89 -2.36
N ASN A 55 -2.96 -3.53 -2.02
CA ASN A 55 -3.85 -3.01 -0.99
C ASN A 55 -3.20 -3.09 0.39
N ASN A 56 -2.80 -4.29 0.78
CA ASN A 56 -2.16 -4.50 2.07
C ASN A 56 -1.08 -3.46 2.31
N TRP A 57 -0.16 -3.33 1.37
CA TRP A 57 0.93 -2.37 1.48
C TRP A 57 0.41 -0.99 1.83
N PHE A 58 -0.61 -0.53 1.10
CA PHE A 58 -1.20 0.77 1.34
C PHE A 58 -1.84 0.83 2.72
N ILE A 59 -2.78 -0.08 2.98
CA ILE A 59 -3.47 -0.13 4.26
C ILE A 59 -2.49 0.08 5.42
N ASN A 60 -1.33 -0.56 5.33
CA ASN A 60 -0.32 -0.44 6.36
C ASN A 60 0.42 0.89 6.26
N ALA A 61 0.83 1.23 5.04
CA ALA A 61 1.55 2.47 4.80
C ALA A 61 0.91 3.63 5.57
N ARG A 62 -0.37 3.84 5.33
CA ARG A 62 -1.10 4.93 6.00
C ARG A 62 -0.85 4.90 7.50
N ARG A 63 -0.75 3.69 8.06
CA ARG A 63 -0.52 3.53 9.49
C ARG A 63 0.86 4.04 9.88
N ARG A 64 1.79 4.00 8.92
CA ARG A 64 3.15 4.45 9.15
C ARG A 64 3.23 5.98 9.12
N ILE A 65 2.78 6.57 8.02
CA ILE A 65 2.79 8.01 7.86
C ILE A 65 1.93 8.69 8.91
N LEU A 66 0.86 8.01 9.33
CA LEU A 66 -0.05 8.56 10.33
C LEU A 66 0.59 8.53 11.72
N GLN A 67 1.14 7.37 12.09
CA GLN A 67 1.78 7.22 13.38
C GLN A 67 3.13 7.91 13.41
N SER A 68 3.16 9.13 13.96
CA SER A 68 4.39 9.90 14.04
C SER A 68 4.40 10.79 15.28
N GLY A 69 5.58 11.20 15.70
CA GLY A 69 5.71 12.05 16.87
C GLY A 69 6.93 11.71 17.71
N PRO A 70 6.72 10.91 18.76
CA PRO A 70 7.81 10.49 19.66
C PRO A 70 8.79 9.54 18.99
N SER A 71 10.02 9.99 18.82
CA SER A 71 11.06 9.18 18.18
C SER A 71 11.50 8.05 19.11
N SER A 72 11.60 6.85 18.56
CA SER A 72 12.02 5.68 19.33
C SER A 72 13.54 5.62 19.46
N GLY A 73 14.14 6.76 19.82
CA GLY A 73 15.58 6.82 19.96
C GLY A 73 16.10 8.23 20.13
N GLY A 1 -13.75 -8.26 -14.13
CA GLY A 1 -13.42 -7.82 -12.78
C GLY A 1 -13.78 -8.84 -11.73
N SER A 2 -12.97 -8.91 -10.67
CA SER A 2 -13.19 -9.87 -9.59
C SER A 2 -13.35 -9.15 -8.26
N SER A 3 -14.15 -9.72 -7.37
CA SER A 3 -14.39 -9.14 -6.05
C SER A 3 -13.13 -9.22 -5.20
N GLY A 4 -12.92 -8.21 -4.35
CA GLY A 4 -11.77 -8.19 -3.48
C GLY A 4 -12.00 -8.91 -2.17
N SER A 5 -10.94 -9.14 -1.42
CA SER A 5 -11.04 -9.84 -0.14
C SER A 5 -10.80 -8.88 1.02
N SER A 6 -11.54 -9.07 2.11
CA SER A 6 -11.42 -8.22 3.28
C SER A 6 -9.95 -7.92 3.59
N GLY A 7 -9.15 -8.98 3.72
CA GLY A 7 -7.74 -8.82 4.01
C GLY A 7 -7.34 -9.49 5.31
N LYS A 8 -6.76 -10.69 5.20
CA LYS A 8 -6.32 -11.44 6.36
C LYS A 8 -4.84 -11.19 6.65
N ASN A 9 -4.37 -11.67 7.80
CA ASN A 9 -2.98 -11.50 8.19
C ASN A 9 -2.06 -12.29 7.26
N LYS A 10 -1.26 -11.57 6.48
CA LYS A 10 -0.33 -12.19 5.55
C LYS A 10 0.98 -11.40 5.48
N ARG A 11 2.09 -12.12 5.45
CA ARG A 11 3.41 -11.49 5.37
C ARG A 11 4.09 -11.82 4.05
N GLY A 12 4.93 -10.90 3.57
CA GLY A 12 5.64 -11.11 2.33
C GLY A 12 6.35 -9.87 1.84
N VAL A 13 7.58 -9.67 2.30
CA VAL A 13 8.36 -8.50 1.91
C VAL A 13 8.29 -8.27 0.40
N LEU A 14 7.98 -7.04 0.01
CA LEU A 14 7.88 -6.68 -1.40
C LEU A 14 9.20 -6.12 -1.91
N PRO A 15 9.43 -6.27 -3.23
CA PRO A 15 10.66 -5.77 -3.87
C PRO A 15 10.70 -4.26 -3.94
N LYS A 16 11.91 -3.71 -3.95
CA LYS A 16 12.10 -2.27 -4.02
C LYS A 16 11.31 -1.66 -5.18
N HIS A 17 11.35 -2.33 -6.32
CA HIS A 17 10.65 -1.87 -7.51
C HIS A 17 9.19 -1.57 -7.19
N ALA A 18 8.57 -2.46 -6.42
CA ALA A 18 7.17 -2.29 -6.04
C ALA A 18 6.98 -1.07 -5.16
N THR A 19 7.86 -0.90 -4.19
CA THR A 19 7.79 0.24 -3.27
C THR A 19 7.93 1.56 -4.02
N ASN A 20 8.69 1.53 -5.11
CA ASN A 20 8.91 2.73 -5.92
C ASN A 20 7.57 3.30 -6.40
N VAL A 21 6.84 2.51 -7.18
CA VAL A 21 5.55 2.94 -7.70
C VAL A 21 4.62 3.38 -6.58
N MET A 22 4.32 2.45 -5.67
CA MET A 22 3.45 2.74 -4.54
C MET A 22 3.87 4.04 -3.85
N ARG A 23 5.15 4.13 -3.51
CA ARG A 23 5.67 5.30 -2.83
C ARG A 23 5.29 6.57 -3.57
N SER A 24 5.75 6.68 -4.82
CA SER A 24 5.46 7.86 -5.64
C SER A 24 3.98 8.25 -5.52
N TRP A 25 3.10 7.26 -5.68
CA TRP A 25 1.67 7.51 -5.61
C TRP A 25 1.28 8.04 -4.22
N LEU A 26 1.63 7.28 -3.19
CA LEU A 26 1.32 7.67 -1.82
C LEU A 26 1.71 9.12 -1.57
N PHE A 27 2.94 9.46 -1.90
CA PHE A 27 3.43 10.83 -1.72
C PHE A 27 2.56 11.83 -2.47
N GLN A 28 2.17 11.47 -3.68
CA GLN A 28 1.33 12.33 -4.51
C GLN A 28 0.00 12.62 -3.82
N HIS A 29 -0.48 11.65 -3.04
CA HIS A 29 -1.74 11.79 -2.33
C HIS A 29 -1.53 11.66 -0.82
N ILE A 30 -0.38 12.11 -0.35
CA ILE A 30 -0.06 12.04 1.07
C ILE A 30 -1.27 12.43 1.93
N GLY A 31 -1.92 13.51 1.55
CA GLY A 31 -3.09 13.97 2.29
C GLY A 31 -4.12 12.86 2.49
N HIS A 32 -4.45 12.17 1.40
CA HIS A 32 -5.43 11.09 1.47
C HIS A 32 -4.92 9.86 0.72
N PRO A 33 -4.12 9.04 1.41
CA PRO A 33 -3.55 7.82 0.84
C PRO A 33 -4.59 6.74 0.62
N TYR A 34 -5.35 6.88 -0.46
CA TYR A 34 -6.40 5.91 -0.80
C TYR A 34 -6.39 5.58 -2.28
N PRO A 35 -5.93 4.35 -2.61
CA PRO A 35 -5.86 3.89 -4.00
C PRO A 35 -7.24 3.64 -4.60
N THR A 36 -7.42 4.05 -5.85
CA THR A 36 -8.69 3.88 -6.54
C THR A 36 -8.72 2.56 -7.29
N GLU A 37 -9.90 1.95 -7.34
CA GLU A 37 -10.07 0.67 -8.04
C GLU A 37 -9.16 0.59 -9.26
N ASP A 38 -9.00 1.73 -9.94
CA ASP A 38 -8.17 1.79 -11.13
C ASP A 38 -6.69 1.71 -10.76
N GLU A 39 -6.29 2.51 -9.77
CA GLU A 39 -4.90 2.53 -9.32
C GLU A 39 -4.44 1.12 -8.94
N LYS A 40 -5.27 0.41 -8.18
CA LYS A 40 -4.94 -0.94 -7.74
C LYS A 40 -4.72 -1.86 -8.94
N LYS A 41 -5.47 -1.63 -10.00
CA LYS A 41 -5.35 -2.43 -11.21
C LYS A 41 -4.10 -2.05 -12.00
N GLN A 42 -3.96 -0.76 -12.30
CA GLN A 42 -2.81 -0.27 -13.05
C GLN A 42 -1.52 -0.55 -12.29
N ILE A 43 -1.45 -0.08 -11.05
CA ILE A 43 -0.26 -0.28 -10.23
C ILE A 43 0.14 -1.75 -10.19
N ALA A 44 -0.78 -2.60 -9.78
CA ALA A 44 -0.52 -4.04 -9.71
C ALA A 44 0.36 -4.50 -10.87
N ALA A 45 0.13 -3.91 -12.04
CA ALA A 45 0.90 -4.26 -13.24
C ALA A 45 2.31 -3.68 -13.16
N GLN A 46 2.39 -2.36 -13.04
CA GLN A 46 3.68 -1.69 -12.97
C GLN A 46 4.58 -2.33 -11.91
N THR A 47 3.97 -2.69 -10.78
CA THR A 47 4.72 -3.32 -9.69
C THR A 47 4.64 -4.84 -9.78
N ASN A 48 3.67 -5.34 -10.53
CA ASN A 48 3.48 -6.78 -10.70
C ASN A 48 2.91 -7.40 -9.43
N LEU A 49 2.13 -6.62 -8.69
CA LEU A 49 1.53 -7.10 -7.45
C LEU A 49 0.04 -7.36 -7.64
N THR A 50 -0.53 -8.19 -6.77
CA THR A 50 -1.94 -8.53 -6.84
C THR A 50 -2.79 -7.52 -6.07
N LEU A 51 -3.98 -7.23 -6.59
CA LEU A 51 -4.88 -6.28 -5.95
C LEU A 51 -4.76 -6.35 -4.44
N LEU A 52 -4.63 -7.56 -3.92
CA LEU A 52 -4.50 -7.77 -2.47
C LEU A 52 -3.20 -7.17 -1.95
N GLN A 53 -2.10 -7.51 -2.59
CA GLN A 53 -0.78 -7.00 -2.20
C GLN A 53 -0.76 -5.47 -2.21
N VAL A 54 -1.06 -4.90 -3.37
CA VAL A 54 -1.08 -3.45 -3.52
C VAL A 54 -1.88 -2.79 -2.40
N ASN A 55 -3.00 -3.42 -2.03
CA ASN A 55 -3.86 -2.89 -0.98
C ASN A 55 -3.18 -3.02 0.39
N ASN A 56 -2.85 -4.25 0.77
CA ASN A 56 -2.20 -4.51 2.04
C ASN A 56 -1.09 -3.50 2.30
N TRP A 57 -0.18 -3.36 1.33
CA TRP A 57 0.93 -2.43 1.46
C TRP A 57 0.43 -1.04 1.82
N PHE A 58 -0.52 -0.54 1.05
CA PHE A 58 -1.09 0.78 1.29
C PHE A 58 -1.73 0.86 2.66
N ILE A 59 -2.72 0.01 2.90
CA ILE A 59 -3.42 -0.02 4.17
C ILE A 59 -2.45 0.14 5.34
N ASN A 60 -1.30 -0.51 5.24
CA ASN A 60 -0.28 -0.44 6.29
C ASN A 60 0.49 0.87 6.20
N ALA A 61 0.95 1.21 5.00
CA ALA A 61 1.70 2.43 4.77
C ALA A 61 1.05 3.61 5.50
N ARG A 62 -0.16 3.95 5.09
CA ARG A 62 -0.89 5.06 5.69
C ARG A 62 -0.81 5.00 7.21
N ARG A 63 -0.98 3.81 7.76
CA ARG A 63 -0.93 3.61 9.20
C ARG A 63 0.46 3.96 9.75
N ARG A 64 1.48 3.78 8.92
CA ARG A 64 2.85 4.08 9.32
C ARG A 64 3.07 5.58 9.44
N ILE A 65 2.59 6.34 8.46
CA ILE A 65 2.73 7.79 8.46
C ILE A 65 1.90 8.41 9.57
N LEU A 66 0.69 7.89 9.77
CA LEU A 66 -0.20 8.40 10.81
C LEU A 66 0.35 8.09 12.20
N GLN A 67 0.77 6.85 12.39
CA GLN A 67 1.32 6.43 13.68
C GLN A 67 2.36 7.41 14.19
N SER A 68 2.20 7.85 15.43
CA SER A 68 3.12 8.80 16.04
C SER A 68 3.27 8.54 17.53
N GLY A 69 4.28 9.16 18.13
CA GLY A 69 4.52 8.99 19.56
C GLY A 69 5.82 8.24 19.84
N PRO A 70 5.72 6.91 20.01
CA PRO A 70 6.88 6.07 20.28
C PRO A 70 7.81 5.93 19.08
N SER A 71 7.36 6.46 17.95
CA SER A 71 8.16 6.41 16.73
C SER A 71 9.38 7.31 16.82
N SER A 72 10.56 6.71 16.80
CA SER A 72 11.81 7.47 16.88
C SER A 72 12.79 7.01 15.82
N GLY A 73 13.00 5.70 15.73
CA GLY A 73 13.92 5.16 14.75
C GLY A 73 15.35 5.58 15.00
N GLY A 1 -19.19 0.43 -2.69
CA GLY A 1 -18.74 0.24 -1.33
C GLY A 1 -18.46 -1.22 -1.01
N SER A 2 -19.08 -1.71 0.06
CA SER A 2 -18.89 -3.10 0.47
C SER A 2 -17.46 -3.56 0.19
N SER A 3 -16.51 -2.70 0.49
CA SER A 3 -15.10 -3.01 0.27
C SER A 3 -14.63 -4.10 1.24
N GLY A 4 -14.53 -5.32 0.73
CA GLY A 4 -14.09 -6.43 1.56
C GLY A 4 -13.95 -7.72 0.77
N SER A 5 -13.23 -8.68 1.33
CA SER A 5 -13.01 -9.96 0.67
C SER A 5 -12.68 -11.05 1.69
N SER A 6 -13.45 -12.14 1.65
CA SER A 6 -13.25 -13.24 2.58
C SER A 6 -12.49 -14.38 1.91
N GLY A 7 -11.16 -14.35 2.02
CA GLY A 7 -10.35 -15.38 1.40
C GLY A 7 -8.98 -15.47 2.04
N LYS A 8 -8.10 -16.28 1.44
CA LYS A 8 -6.75 -16.45 1.94
C LYS A 8 -5.94 -15.17 1.82
N ASN A 9 -5.13 -14.88 2.83
CA ASN A 9 -4.31 -13.68 2.83
C ASN A 9 -2.85 -14.01 2.54
N LYS A 10 -2.11 -13.03 2.01
CA LYS A 10 -0.71 -13.23 1.68
C LYS A 10 0.03 -11.89 1.67
N ARG A 11 1.21 -11.87 2.27
CA ARG A 11 2.02 -10.65 2.32
C ARG A 11 3.40 -10.95 2.89
N GLY A 12 4.42 -10.30 2.34
CA GLY A 12 5.78 -10.51 2.81
C GLY A 12 6.76 -9.56 2.16
N VAL A 13 7.70 -10.11 1.39
CA VAL A 13 8.71 -9.31 0.71
C VAL A 13 8.19 -8.81 -0.64
N LEU A 14 8.59 -7.59 -1.00
CA LEU A 14 8.16 -6.99 -2.26
C LEU A 14 9.36 -6.45 -3.02
N PRO A 15 9.24 -6.42 -4.36
CA PRO A 15 10.30 -5.92 -5.25
C PRO A 15 10.49 -4.41 -5.14
N LYS A 16 11.75 -3.98 -5.15
CA LYS A 16 12.06 -2.56 -5.05
C LYS A 16 11.16 -1.73 -5.96
N HIS A 17 10.94 -2.23 -7.17
CA HIS A 17 10.09 -1.54 -8.14
C HIS A 17 8.69 -1.33 -7.58
N ALA A 18 8.15 -2.37 -6.95
CA ALA A 18 6.82 -2.30 -6.37
C ALA A 18 6.70 -1.14 -5.38
N THR A 19 7.62 -1.10 -4.41
CA THR A 19 7.62 -0.04 -3.41
C THR A 19 7.78 1.32 -4.05
N ASN A 20 8.57 1.38 -5.12
CA ASN A 20 8.82 2.63 -5.84
C ASN A 20 7.50 3.27 -6.28
N VAL A 21 6.75 2.55 -7.10
CA VAL A 21 5.47 3.05 -7.59
C VAL A 21 4.55 3.45 -6.44
N MET A 22 4.25 2.50 -5.56
CA MET A 22 3.40 2.75 -4.41
C MET A 22 3.86 3.99 -3.65
N ARG A 23 5.15 4.07 -3.38
CA ARG A 23 5.73 5.21 -2.67
C ARG A 23 5.36 6.52 -3.35
N SER A 24 5.82 6.69 -4.59
CA SER A 24 5.53 7.90 -5.34
C SER A 24 4.06 8.30 -5.22
N TRP A 25 3.19 7.37 -5.59
CA TRP A 25 1.74 7.62 -5.52
C TRP A 25 1.34 8.11 -4.14
N LEU A 26 1.69 7.34 -3.11
CA LEU A 26 1.35 7.70 -1.74
C LEU A 26 1.75 9.14 -1.45
N PHE A 27 2.96 9.52 -1.84
CA PHE A 27 3.46 10.87 -1.62
C PHE A 27 2.60 11.89 -2.37
N GLN A 28 2.28 11.58 -3.63
CA GLN A 28 1.47 12.46 -4.45
C GLN A 28 0.12 12.74 -3.79
N HIS A 29 -0.39 11.74 -3.07
CA HIS A 29 -1.67 11.87 -2.38
C HIS A 29 -1.50 11.73 -0.88
N ILE A 30 -0.36 12.17 -0.36
CA ILE A 30 -0.08 12.10 1.06
C ILE A 30 -1.29 12.51 1.89
N GLY A 31 -1.92 13.61 1.48
CA GLY A 31 -3.09 14.10 2.20
C GLY A 31 -4.15 13.02 2.36
N HIS A 32 -4.47 12.33 1.28
CA HIS A 32 -5.48 11.27 1.32
C HIS A 32 -4.99 10.03 0.58
N PRO A 33 -4.21 9.19 1.28
CA PRO A 33 -3.65 7.96 0.71
C PRO A 33 -4.74 6.91 0.47
N TYR A 34 -5.47 7.06 -0.62
CA TYR A 34 -6.53 6.12 -0.96
C TYR A 34 -6.51 5.80 -2.45
N PRO A 35 -6.07 4.57 -2.78
CA PRO A 35 -5.98 4.10 -4.17
C PRO A 35 -7.35 3.88 -4.79
N THR A 36 -7.49 4.19 -6.07
CA THR A 36 -8.74 4.04 -6.78
C THR A 36 -8.81 2.68 -7.49
N GLU A 37 -10.02 2.16 -7.65
CA GLU A 37 -10.21 0.88 -8.32
C GLU A 37 -9.19 0.68 -9.43
N ASP A 38 -8.88 1.75 -10.14
CA ASP A 38 -7.91 1.70 -11.23
C ASP A 38 -6.49 1.56 -10.69
N GLU A 39 -6.05 2.57 -9.92
CA GLU A 39 -4.73 2.58 -9.35
C GLU A 39 -4.34 1.18 -8.87
N LYS A 40 -5.27 0.51 -8.22
CA LYS A 40 -5.04 -0.85 -7.71
C LYS A 40 -4.73 -1.81 -8.86
N LYS A 41 -5.47 -1.67 -9.95
CA LYS A 41 -5.29 -2.54 -11.12
C LYS A 41 -4.01 -2.17 -11.86
N GLN A 42 -3.86 -0.89 -12.19
CA GLN A 42 -2.68 -0.42 -12.91
C GLN A 42 -1.42 -0.66 -12.09
N ILE A 43 -1.42 -0.16 -10.86
CA ILE A 43 -0.27 -0.32 -9.98
C ILE A 43 0.16 -1.79 -9.88
N ALA A 44 -0.81 -2.66 -9.62
CA ALA A 44 -0.54 -4.09 -9.52
C ALA A 44 0.43 -4.55 -10.59
N ALA A 45 0.27 -4.00 -11.80
CA ALA A 45 1.15 -4.36 -12.92
C ALA A 45 2.54 -3.77 -12.73
N GLN A 46 2.63 -2.45 -12.71
CA GLN A 46 3.90 -1.76 -12.54
C GLN A 46 4.70 -2.36 -11.40
N THR A 47 3.99 -2.76 -10.33
CA THR A 47 4.63 -3.36 -9.17
C THR A 47 4.63 -4.88 -9.27
N ASN A 48 3.81 -5.41 -10.15
CA ASN A 48 3.70 -6.86 -10.34
C ASN A 48 3.15 -7.53 -9.08
N LEU A 49 2.23 -6.85 -8.41
CA LEU A 49 1.61 -7.38 -7.20
C LEU A 49 0.12 -7.59 -7.39
N THR A 50 -0.48 -8.40 -6.52
CA THR A 50 -1.90 -8.69 -6.58
C THR A 50 -2.72 -7.63 -5.84
N LEU A 51 -3.90 -7.33 -6.36
CA LEU A 51 -4.77 -6.34 -5.75
C LEU A 51 -4.67 -6.39 -4.22
N LEU A 52 -4.60 -7.59 -3.68
CA LEU A 52 -4.48 -7.78 -2.24
C LEU A 52 -3.19 -7.18 -1.70
N GLN A 53 -2.07 -7.57 -2.30
CA GLN A 53 -0.76 -7.07 -1.90
C GLN A 53 -0.70 -5.55 -1.99
N VAL A 54 -0.92 -5.02 -3.19
CA VAL A 54 -0.89 -3.59 -3.41
C VAL A 54 -1.74 -2.86 -2.36
N ASN A 55 -2.88 -3.44 -2.01
CA ASN A 55 -3.77 -2.85 -1.02
C ASN A 55 -3.14 -2.88 0.36
N ASN A 56 -2.77 -4.08 0.82
CA ASN A 56 -2.16 -4.25 2.13
C ASN A 56 -1.05 -3.23 2.34
N TRP A 57 -0.04 -3.28 1.48
CA TRP A 57 1.10 -2.38 1.56
C TRP A 57 0.63 -0.94 1.79
N PHE A 58 -0.23 -0.45 0.90
CA PHE A 58 -0.75 0.90 1.02
C PHE A 58 -1.38 1.13 2.38
N ILE A 59 -2.39 0.33 2.71
CA ILE A 59 -3.08 0.43 3.99
C ILE A 59 -2.08 0.54 5.14
N ASN A 60 -1.02 -0.25 5.07
CA ASN A 60 0.01 -0.25 6.10
C ASN A 60 0.85 1.01 6.03
N ALA A 61 1.13 1.47 4.81
CA ALA A 61 1.93 2.67 4.60
C ALA A 61 1.22 3.90 5.14
N ARG A 62 -0.05 4.04 4.79
CA ARG A 62 -0.85 5.18 5.24
C ARG A 62 -1.18 5.06 6.72
N ARG A 63 -1.20 3.83 7.22
CA ARG A 63 -1.50 3.58 8.62
C ARG A 63 -0.27 3.81 9.50
N ARG A 64 0.89 3.41 9.01
CA ARG A 64 2.13 3.58 9.74
C ARG A 64 2.49 5.06 9.88
N ILE A 65 2.15 5.84 8.86
CA ILE A 65 2.43 7.27 8.87
C ILE A 65 1.44 8.02 9.75
N LEU A 66 0.18 7.61 9.70
CA LEU A 66 -0.87 8.23 10.50
C LEU A 66 -0.55 8.13 11.99
N GLN A 67 -0.24 6.92 12.44
CA GLN A 67 0.08 6.68 13.85
C GLN A 67 1.38 7.38 14.23
N SER A 68 1.27 8.42 15.06
CA SER A 68 2.43 9.17 15.50
C SER A 68 2.06 10.16 16.61
N GLY A 69 3.06 10.63 17.34
CA GLY A 69 2.82 11.58 18.41
C GLY A 69 3.61 11.25 19.66
N PRO A 70 3.31 10.11 20.28
CA PRO A 70 3.99 9.66 21.50
C PRO A 70 5.44 9.26 21.24
N SER A 71 5.85 9.35 19.98
CA SER A 71 7.21 8.98 19.60
C SER A 71 8.11 10.22 19.51
N SER A 72 9.16 10.24 20.31
CA SER A 72 10.09 11.36 20.32
C SER A 72 9.34 12.69 20.49
N GLY A 73 8.41 12.72 21.43
CA GLY A 73 7.63 13.93 21.67
C GLY A 73 7.99 14.59 22.99
N GLY A 1 -18.49 -0.32 5.10
CA GLY A 1 -17.43 -0.51 6.07
C GLY A 1 -17.01 -1.96 6.20
N SER A 2 -15.71 -2.19 6.31
CA SER A 2 -15.18 -3.55 6.43
C SER A 2 -13.79 -3.53 7.07
N SER A 3 -13.47 -4.60 7.78
CA SER A 3 -12.18 -4.72 8.44
C SER A 3 -11.06 -4.98 7.44
N GLY A 4 -11.33 -5.89 6.50
CA GLY A 4 -10.34 -6.23 5.49
C GLY A 4 -9.03 -6.71 6.09
N SER A 5 -7.97 -6.71 5.28
CA SER A 5 -6.67 -7.16 5.74
C SER A 5 -6.77 -8.53 6.43
N SER A 6 -7.56 -9.41 5.84
CA SER A 6 -7.76 -10.76 6.39
C SER A 6 -6.89 -11.77 5.66
N GLY A 7 -6.02 -12.45 6.40
CA GLY A 7 -5.15 -13.45 5.81
C GLY A 7 -3.88 -13.67 6.61
N LYS A 8 -3.97 -14.52 7.63
CA LYS A 8 -2.83 -14.81 8.47
C LYS A 8 -1.54 -14.87 7.66
N ASN A 9 -1.61 -15.50 6.49
CA ASN A 9 -0.45 -15.63 5.62
C ASN A 9 0.24 -14.29 5.43
N LYS A 10 1.55 -14.32 5.32
CA LYS A 10 2.35 -13.10 5.14
C LYS A 10 3.33 -13.25 3.99
N ARG A 11 3.18 -12.43 2.96
CA ARG A 11 4.04 -12.47 1.80
C ARG A 11 5.44 -11.96 2.15
N GLY A 12 6.45 -12.44 1.43
CA GLY A 12 7.81 -12.03 1.68
C GLY A 12 8.03 -10.55 1.40
N VAL A 13 9.27 -10.11 1.51
CA VAL A 13 9.61 -8.70 1.25
C VAL A 13 9.39 -8.33 -0.21
N LEU A 14 8.80 -7.16 -0.43
CA LEU A 14 8.54 -6.69 -1.78
C LEU A 14 9.78 -6.06 -2.39
N PRO A 15 9.87 -6.08 -3.74
CA PRO A 15 11.00 -5.51 -4.48
C PRO A 15 11.02 -3.99 -4.40
N LYS A 16 12.18 -3.40 -4.71
CA LYS A 16 12.33 -1.96 -4.69
C LYS A 16 11.44 -1.29 -5.72
N HIS A 17 11.33 -1.91 -6.89
CA HIS A 17 10.50 -1.38 -7.96
C HIS A 17 9.05 -1.28 -7.53
N ALA A 18 8.57 -2.30 -6.84
CA ALA A 18 7.18 -2.33 -6.36
C ALA A 18 6.94 -1.19 -5.37
N THR A 19 7.77 -1.12 -4.34
CA THR A 19 7.63 -0.08 -3.32
C THR A 19 7.75 1.31 -3.93
N ASN A 20 8.56 1.43 -4.99
CA ASN A 20 8.76 2.70 -5.66
C ASN A 20 7.43 3.28 -6.14
N VAL A 21 6.74 2.52 -6.99
CA VAL A 21 5.45 2.96 -7.53
C VAL A 21 4.51 3.36 -6.41
N MET A 22 4.23 2.43 -5.51
CA MET A 22 3.33 2.69 -4.38
C MET A 22 3.77 3.95 -3.63
N ARG A 23 5.04 4.02 -3.28
CA ARG A 23 5.58 5.16 -2.56
C ARG A 23 5.25 6.46 -3.28
N SER A 24 5.70 6.57 -4.53
CA SER A 24 5.46 7.77 -5.32
C SER A 24 3.99 8.18 -5.23
N TRP A 25 3.10 7.26 -5.57
CA TRP A 25 1.66 7.54 -5.53
C TRP A 25 1.25 8.07 -4.16
N LEU A 26 1.55 7.30 -3.11
CA LEU A 26 1.21 7.69 -1.76
C LEU A 26 1.59 9.14 -1.49
N PHE A 27 2.83 9.49 -1.81
CA PHE A 27 3.32 10.85 -1.61
C PHE A 27 2.47 11.85 -2.37
N GLN A 28 2.23 11.56 -3.65
CA GLN A 28 1.42 12.44 -4.49
C GLN A 28 0.07 12.73 -3.84
N HIS A 29 -0.47 11.74 -3.14
CA HIS A 29 -1.75 11.88 -2.48
C HIS A 29 -1.60 11.74 -0.97
N ILE A 30 -0.45 12.17 -0.45
CA ILE A 30 -0.19 12.09 0.98
C ILE A 30 -1.40 12.55 1.80
N GLY A 31 -1.99 13.67 1.39
CA GLY A 31 -3.14 14.19 2.09
C GLY A 31 -4.24 13.17 2.23
N HIS A 32 -4.54 12.47 1.14
CA HIS A 32 -5.59 11.46 1.15
C HIS A 32 -5.12 10.18 0.46
N PRO A 33 -4.40 9.33 1.22
CA PRO A 33 -3.87 8.07 0.69
C PRO A 33 -4.98 7.05 0.43
N TYR A 34 -5.65 7.19 -0.70
CA TYR A 34 -6.73 6.29 -1.08
C TYR A 34 -6.65 5.91 -2.55
N PRO A 35 -6.24 4.66 -2.82
CA PRO A 35 -6.11 4.15 -4.19
C PRO A 35 -7.47 3.97 -4.87
N THR A 36 -7.51 4.21 -6.18
CA THR A 36 -8.73 4.07 -6.95
C THR A 36 -8.82 2.71 -7.62
N GLU A 37 -10.03 2.18 -7.71
CA GLU A 37 -10.25 0.88 -8.33
C GLU A 37 -9.26 0.64 -9.46
N ASP A 38 -8.92 1.70 -10.18
CA ASP A 38 -7.98 1.61 -11.29
C ASP A 38 -6.54 1.52 -10.78
N GLU A 39 -6.15 2.48 -9.94
CA GLU A 39 -4.81 2.52 -9.38
C GLU A 39 -4.37 1.13 -8.92
N LYS A 40 -5.24 0.46 -8.16
CA LYS A 40 -4.95 -0.87 -7.65
C LYS A 40 -4.63 -1.83 -8.79
N LYS A 41 -5.35 -1.67 -9.90
CA LYS A 41 -5.16 -2.52 -11.07
C LYS A 41 -3.86 -2.16 -11.79
N GLN A 42 -3.76 -0.91 -12.21
CA GLN A 42 -2.57 -0.43 -12.92
C GLN A 42 -1.31 -0.69 -12.10
N ILE A 43 -1.30 -0.19 -10.87
CA ILE A 43 -0.15 -0.37 -9.98
C ILE A 43 0.26 -1.84 -9.91
N ALA A 44 -0.73 -2.71 -9.71
CA ALA A 44 -0.47 -4.14 -9.62
C ALA A 44 0.49 -4.60 -10.72
N ALA A 45 0.36 -3.99 -11.89
CA ALA A 45 1.21 -4.34 -13.03
C ALA A 45 2.60 -3.77 -12.85
N GLN A 46 2.70 -2.44 -12.80
CA GLN A 46 3.99 -1.77 -12.63
C GLN A 46 4.78 -2.39 -11.49
N THR A 47 4.08 -2.80 -10.44
CA THR A 47 4.71 -3.41 -9.28
C THR A 47 4.65 -4.93 -9.35
N ASN A 48 3.82 -5.44 -10.25
CA ASN A 48 3.68 -6.88 -10.42
C ASN A 48 3.07 -7.52 -9.17
N LEU A 49 2.17 -6.81 -8.52
CA LEU A 49 1.52 -7.30 -7.31
C LEU A 49 0.03 -7.54 -7.55
N THR A 50 -0.58 -8.32 -6.67
CA THR A 50 -2.00 -8.63 -6.78
C THR A 50 -2.85 -7.60 -6.06
N LEU A 51 -4.02 -7.31 -6.61
CA LEU A 51 -4.93 -6.32 -6.02
C LEU A 51 -4.90 -6.40 -4.49
N LEU A 52 -4.71 -7.61 -3.97
CA LEU A 52 -4.65 -7.81 -2.52
C LEU A 52 -3.37 -7.21 -1.94
N GLN A 53 -2.25 -7.44 -2.62
CA GLN A 53 -0.96 -6.93 -2.16
C GLN A 53 -0.97 -5.41 -2.16
N VAL A 54 -1.17 -4.81 -3.33
CA VAL A 54 -1.20 -3.36 -3.45
C VAL A 54 -2.08 -2.73 -2.38
N ASN A 55 -3.18 -3.39 -2.06
CA ASN A 55 -4.09 -2.89 -1.04
C ASN A 55 -3.50 -3.02 0.36
N ASN A 56 -3.08 -4.23 0.71
CA ASN A 56 -2.47 -4.49 2.01
C ASN A 56 -1.33 -3.51 2.28
N TRP A 57 -0.41 -3.40 1.34
CA TRP A 57 0.73 -2.50 1.48
C TRP A 57 0.26 -1.09 1.80
N PHE A 58 -0.62 -0.55 0.96
CA PHE A 58 -1.14 0.80 1.15
C PHE A 58 -1.79 0.93 2.52
N ILE A 59 -2.76 0.06 2.79
CA ILE A 59 -3.47 0.08 4.06
C ILE A 59 -2.51 0.28 5.23
N ASN A 60 -1.37 -0.41 5.19
CA ASN A 60 -0.38 -0.30 6.23
C ASN A 60 0.46 0.96 6.06
N ALA A 61 0.74 1.31 4.81
CA ALA A 61 1.53 2.49 4.50
C ALA A 61 0.94 3.74 5.15
N ARG A 62 -0.38 3.72 5.34
CA ARG A 62 -1.07 4.85 5.95
C ARG A 62 -0.87 4.86 7.46
N ARG A 63 -0.66 3.68 8.03
CA ARG A 63 -0.46 3.55 9.48
C ARG A 63 0.96 3.93 9.86
N ARG A 64 1.87 3.84 8.89
CA ARG A 64 3.28 4.17 9.13
C ARG A 64 3.48 5.68 9.10
N ILE A 65 2.79 6.35 8.18
CA ILE A 65 2.90 7.80 8.05
C ILE A 65 2.19 8.52 9.19
N LEU A 66 1.07 7.95 9.63
CA LEU A 66 0.30 8.53 10.72
C LEU A 66 0.96 8.26 12.07
N GLN A 67 1.19 6.98 12.35
CA GLN A 67 1.82 6.58 13.61
C GLN A 67 3.12 5.84 13.35
N SER A 68 4.02 5.87 14.33
CA SER A 68 5.31 5.21 14.21
C SER A 68 5.14 3.70 14.08
N GLY A 69 6.14 3.04 13.51
CA GLY A 69 6.08 1.59 13.34
C GLY A 69 7.46 0.98 13.20
N PRO A 70 7.49 -0.27 12.70
CA PRO A 70 8.75 -1.01 12.51
C PRO A 70 9.61 -0.41 11.40
N SER A 71 9.10 0.62 10.75
CA SER A 71 9.82 1.28 9.66
C SER A 71 11.13 1.87 10.16
N SER A 72 12.07 2.08 9.23
CA SER A 72 13.37 2.64 9.59
C SER A 72 13.48 4.08 9.11
N GLY A 73 14.63 4.71 9.42
CA GLY A 73 14.84 6.09 9.01
C GLY A 73 16.10 6.67 9.61
N GLY A 1 -18.29 -4.50 7.47
CA GLY A 1 -17.64 -4.51 8.77
C GLY A 1 -17.58 -5.88 9.39
N SER A 2 -16.84 -6.79 8.76
CA SER A 2 -16.71 -8.15 9.25
C SER A 2 -15.31 -8.38 9.84
N SER A 3 -15.28 -8.72 11.12
CA SER A 3 -14.00 -8.97 11.80
C SER A 3 -14.23 -9.74 13.10
N GLY A 4 -13.29 -10.61 13.44
CA GLY A 4 -13.39 -11.40 14.65
C GLY A 4 -12.07 -11.55 15.36
N SER A 5 -11.28 -12.54 14.93
CA SER A 5 -9.98 -12.79 15.54
C SER A 5 -9.04 -13.48 14.54
N SER A 6 -7.96 -12.79 14.20
CA SER A 6 -6.98 -13.33 13.26
C SER A 6 -5.57 -12.93 13.66
N GLY A 7 -4.59 -13.71 13.19
CA GLY A 7 -3.20 -13.43 13.51
C GLY A 7 -2.25 -13.97 12.47
N LYS A 8 -2.44 -13.57 11.21
CA LYS A 8 -1.59 -14.02 10.12
C LYS A 8 -1.09 -12.84 9.29
N ASN A 9 0.10 -12.34 9.63
CA ASN A 9 0.68 -11.22 8.91
C ASN A 9 1.57 -11.70 7.77
N LYS A 10 1.07 -11.56 6.55
CA LYS A 10 1.83 -11.98 5.36
C LYS A 10 3.30 -11.61 5.50
N ARG A 11 4.13 -12.61 5.77
CA ARG A 11 5.56 -12.39 5.92
C ARG A 11 6.22 -12.16 4.56
N GLY A 12 7.40 -11.55 4.58
CA GLY A 12 8.12 -11.27 3.34
C GLY A 12 7.97 -9.84 2.90
N VAL A 13 9.09 -9.20 2.56
CA VAL A 13 9.08 -7.82 2.12
C VAL A 13 8.84 -7.72 0.61
N LEU A 14 8.66 -6.50 0.12
CA LEU A 14 8.42 -6.28 -1.30
C LEU A 14 9.66 -5.68 -1.97
N PRO A 15 9.75 -5.85 -3.30
CA PRO A 15 10.88 -5.34 -4.08
C PRO A 15 10.88 -3.81 -4.18
N LYS A 16 12.06 -3.24 -4.28
CA LYS A 16 12.20 -1.78 -4.38
C LYS A 16 11.33 -1.23 -5.49
N HIS A 17 11.34 -1.89 -6.65
CA HIS A 17 10.54 -1.46 -7.78
C HIS A 17 9.08 -1.29 -7.38
N ALA A 18 8.53 -2.31 -6.73
CA ALA A 18 7.13 -2.27 -6.29
C ALA A 18 6.90 -1.13 -5.31
N THR A 19 7.72 -1.09 -4.26
CA THR A 19 7.61 -0.04 -3.25
C THR A 19 7.73 1.35 -3.86
N ASN A 20 8.55 1.45 -4.90
CA ASN A 20 8.76 2.73 -5.58
C ASN A 20 7.43 3.31 -6.05
N VAL A 21 6.76 2.59 -6.94
CA VAL A 21 5.48 3.03 -7.47
C VAL A 21 4.52 3.44 -6.35
N MET A 22 4.20 2.48 -5.49
CA MET A 22 3.30 2.73 -4.37
C MET A 22 3.72 3.97 -3.60
N ARG A 23 5.00 4.02 -3.21
CA ARG A 23 5.52 5.16 -2.46
C ARG A 23 5.16 6.47 -3.16
N SER A 24 5.66 6.64 -4.38
CA SER A 24 5.40 7.85 -5.14
C SER A 24 3.92 8.23 -5.08
N TRP A 25 3.06 7.29 -5.42
CA TRP A 25 1.62 7.53 -5.39
C TRP A 25 1.18 8.05 -4.04
N LEU A 26 1.50 7.30 -2.99
CA LEU A 26 1.14 7.69 -1.62
C LEU A 26 1.50 9.14 -1.36
N PHE A 27 2.75 9.50 -1.69
CA PHE A 27 3.23 10.86 -1.48
C PHE A 27 2.35 11.87 -2.22
N GLN A 28 2.04 11.56 -3.48
CA GLN A 28 1.21 12.44 -4.29
C GLN A 28 -0.15 12.65 -3.65
N HIS A 29 -0.64 11.63 -2.94
CA HIS A 29 -1.94 11.70 -2.28
C HIS A 29 -1.78 11.54 -0.78
N ILE A 30 -0.67 12.01 -0.25
CA ILE A 30 -0.40 11.93 1.18
C ILE A 30 -1.62 12.33 2.01
N GLY A 31 -2.24 13.44 1.61
CA GLY A 31 -3.42 13.91 2.32
C GLY A 31 -4.50 12.86 2.43
N HIS A 32 -4.79 12.19 1.31
CA HIS A 32 -5.81 11.15 1.29
C HIS A 32 -5.30 9.90 0.57
N PRO A 33 -4.56 9.06 1.32
CA PRO A 33 -3.99 7.82 0.78
C PRO A 33 -5.06 6.78 0.49
N TYR A 34 -5.74 6.93 -0.65
CA TYR A 34 -6.79 6.00 -1.05
C TYR A 34 -6.69 5.67 -2.53
N PRO A 35 -6.25 4.44 -2.83
CA PRO A 35 -6.10 3.97 -4.21
C PRO A 35 -7.44 3.76 -4.90
N THR A 36 -7.51 4.08 -6.19
CA THR A 36 -8.72 3.93 -6.96
C THR A 36 -8.74 2.62 -7.72
N GLU A 37 -9.93 2.04 -7.86
CA GLU A 37 -10.08 0.76 -8.57
C GLU A 37 -9.10 0.67 -9.73
N ASP A 38 -8.87 1.79 -10.40
CA ASP A 38 -7.95 1.83 -11.54
C ASP A 38 -6.50 1.73 -11.07
N GLU A 39 -6.17 2.50 -10.03
CA GLU A 39 -4.81 2.51 -9.48
C GLU A 39 -4.39 1.10 -9.07
N LYS A 40 -5.28 0.41 -8.35
CA LYS A 40 -5.00 -0.94 -7.88
C LYS A 40 -4.74 -1.88 -9.07
N LYS A 41 -5.45 -1.65 -10.16
CA LYS A 41 -5.29 -2.46 -11.36
C LYS A 41 -3.98 -2.14 -12.07
N GLN A 42 -3.79 -0.86 -12.40
CA GLN A 42 -2.58 -0.42 -13.08
C GLN A 42 -1.34 -0.71 -12.24
N ILE A 43 -1.34 -0.20 -11.01
CA ILE A 43 -0.22 -0.41 -10.10
C ILE A 43 0.15 -1.88 -10.01
N ALA A 44 -0.85 -2.72 -9.77
CA ALA A 44 -0.64 -4.16 -9.66
C ALA A 44 0.31 -4.65 -10.76
N ALA A 45 0.19 -4.07 -11.94
CA ALA A 45 1.03 -4.45 -13.07
C ALA A 45 2.44 -3.91 -12.91
N GLN A 46 2.58 -2.59 -12.91
CA GLN A 46 3.88 -1.95 -12.77
C GLN A 46 4.67 -2.57 -11.63
N THR A 47 3.98 -2.89 -10.54
CA THR A 47 4.62 -3.49 -9.37
C THR A 47 4.51 -5.01 -9.42
N ASN A 48 3.66 -5.52 -10.30
CA ASN A 48 3.47 -6.96 -10.44
C ASN A 48 2.90 -7.56 -9.17
N LEU A 49 2.00 -6.82 -8.53
CA LEU A 49 1.37 -7.29 -7.31
C LEU A 49 -0.13 -7.50 -7.50
N THR A 50 -0.73 -8.33 -6.64
CA THR A 50 -2.16 -8.61 -6.73
C THR A 50 -2.98 -7.55 -6.00
N LEU A 51 -4.14 -7.23 -6.55
CA LEU A 51 -5.01 -6.24 -5.95
C LEU A 51 -4.94 -6.27 -4.42
N LEU A 52 -4.87 -7.48 -3.88
CA LEU A 52 -4.79 -7.67 -2.43
C LEU A 52 -3.47 -7.12 -1.89
N GLN A 53 -2.37 -7.53 -2.51
CA GLN A 53 -1.05 -7.08 -2.09
C GLN A 53 -0.95 -5.55 -2.12
N VAL A 54 -1.17 -4.98 -3.30
CA VAL A 54 -1.12 -3.54 -3.46
C VAL A 54 -1.89 -2.82 -2.37
N ASN A 55 -3.05 -3.36 -2.02
CA ASN A 55 -3.89 -2.77 -0.98
C ASN A 55 -3.23 -2.92 0.39
N ASN A 56 -2.96 -4.16 0.78
CA ASN A 56 -2.34 -4.44 2.07
C ASN A 56 -1.21 -3.44 2.35
N TRP A 57 -0.25 -3.39 1.44
CA TRP A 57 0.89 -2.48 1.59
C TRP A 57 0.42 -1.07 1.89
N PHE A 58 -0.55 -0.59 1.11
CA PHE A 58 -1.08 0.76 1.28
C PHE A 58 -1.70 0.91 2.67
N ILE A 59 -2.64 0.03 3.00
CA ILE A 59 -3.31 0.07 4.29
C ILE A 59 -2.31 0.20 5.43
N ASN A 60 -1.20 -0.52 5.32
CA ASN A 60 -0.15 -0.48 6.33
C ASN A 60 0.70 0.77 6.19
N ALA A 61 0.91 1.19 4.94
CA ALA A 61 1.71 2.39 4.66
C ALA A 61 1.07 3.63 5.25
N ARG A 62 -0.21 3.83 4.94
CA ARG A 62 -0.93 5.00 5.45
C ARG A 62 -0.90 5.04 6.97
N ARG A 63 -0.54 3.91 7.59
CA ARG A 63 -0.47 3.83 9.04
C ARG A 63 0.91 4.25 9.54
N ARG A 64 1.95 3.73 8.90
CA ARG A 64 3.32 4.05 9.28
C ARG A 64 3.61 5.54 9.09
N ILE A 65 2.99 6.12 8.08
CA ILE A 65 3.17 7.53 7.78
C ILE A 65 2.30 8.40 8.68
N LEU A 66 1.15 7.86 9.08
CA LEU A 66 0.23 8.59 9.94
C LEU A 66 0.76 8.66 11.37
N GLN A 67 1.30 7.55 11.85
CA GLN A 67 1.84 7.49 13.20
C GLN A 67 2.94 6.44 13.31
N SER A 68 4.15 6.89 13.62
CA SER A 68 5.29 5.99 13.73
C SER A 68 5.89 6.04 15.14
N GLY A 69 6.78 5.10 15.44
CA GLY A 69 7.41 5.07 16.75
C GLY A 69 8.72 5.82 16.78
N PRO A 70 9.03 6.42 17.95
CA PRO A 70 10.26 7.19 18.13
C PRO A 70 11.51 6.30 18.15
N SER A 71 12.52 6.70 17.39
CA SER A 71 13.76 5.94 17.31
C SER A 71 14.97 6.87 17.28
N SER A 72 16.03 6.48 17.98
CA SER A 72 17.24 7.29 18.03
C SER A 72 18.44 6.49 17.52
N GLY A 73 18.73 6.63 16.23
CA GLY A 73 19.84 5.92 15.63
C GLY A 73 19.40 4.92 14.59
N GLY A 1 -17.41 -5.05 9.77
CA GLY A 1 -16.13 -5.54 9.26
C GLY A 1 -16.09 -5.59 7.74
N SER A 2 -15.03 -5.03 7.16
CA SER A 2 -14.89 -5.02 5.71
C SER A 2 -14.03 -6.19 5.23
N SER A 3 -14.42 -6.78 4.11
CA SER A 3 -13.69 -7.91 3.56
C SER A 3 -13.26 -8.88 4.66
N GLY A 4 -14.16 -9.13 5.61
CA GLY A 4 -13.86 -10.03 6.70
C GLY A 4 -13.31 -9.30 7.92
N SER A 5 -12.47 -9.98 8.68
CA SER A 5 -11.89 -9.39 9.88
C SER A 5 -10.88 -8.30 9.53
N SER A 6 -10.32 -7.66 10.54
CA SER A 6 -9.35 -6.60 10.34
C SER A 6 -8.09 -6.84 11.17
N GLY A 7 -6.93 -6.63 10.55
CA GLY A 7 -5.67 -6.83 11.25
C GLY A 7 -4.96 -8.09 10.80
N LYS A 8 -4.71 -8.20 9.51
CA LYS A 8 -4.03 -9.37 8.95
C LYS A 8 -2.57 -9.06 8.67
N ASN A 9 -1.68 -9.57 9.53
CA ASN A 9 -0.25 -9.35 9.37
C ASN A 9 0.32 -10.26 8.28
N LYS A 10 1.14 -9.68 7.41
CA LYS A 10 1.75 -10.42 6.32
C LYS A 10 3.19 -10.82 6.67
N ARG A 11 3.94 -9.87 7.20
CA ARG A 11 5.32 -10.13 7.59
C ARG A 11 6.16 -10.50 6.37
N GLY A 12 5.94 -9.81 5.27
CA GLY A 12 6.68 -10.08 4.05
C GLY A 12 7.26 -8.83 3.43
N VAL A 13 8.50 -8.90 2.97
CA VAL A 13 9.17 -7.77 2.35
C VAL A 13 8.88 -7.71 0.86
N LEU A 14 8.88 -6.51 0.30
CA LEU A 14 8.62 -6.32 -1.12
C LEU A 14 9.83 -5.70 -1.81
N PRO A 15 9.94 -5.93 -3.13
CA PRO A 15 11.04 -5.40 -3.94
C PRO A 15 10.96 -3.88 -4.12
N LYS A 16 12.08 -3.20 -3.92
CA LYS A 16 12.13 -1.75 -4.05
C LYS A 16 11.29 -1.29 -5.23
N HIS A 17 11.29 -2.07 -6.30
CA HIS A 17 10.53 -1.74 -7.50
C HIS A 17 9.05 -1.51 -7.15
N ALA A 18 8.48 -2.44 -6.37
CA ALA A 18 7.10 -2.35 -5.97
C ALA A 18 6.86 -1.14 -5.07
N THR A 19 7.71 -1.00 -4.05
CA THR A 19 7.60 0.12 -3.11
C THR A 19 7.79 1.45 -3.82
N ASN A 20 8.55 1.43 -4.91
CA ASN A 20 8.81 2.65 -5.68
C ASN A 20 7.51 3.27 -6.17
N VAL A 21 6.77 2.52 -6.98
CA VAL A 21 5.51 3.00 -7.53
C VAL A 21 4.57 3.44 -6.42
N MET A 22 4.23 2.51 -5.52
CA MET A 22 3.33 2.82 -4.41
C MET A 22 3.79 4.07 -3.67
N ARG A 23 5.08 4.14 -3.38
CA ARG A 23 5.65 5.29 -2.67
C ARG A 23 5.28 6.59 -3.37
N SER A 24 5.72 6.73 -4.62
CA SER A 24 5.46 7.94 -5.40
C SER A 24 3.98 8.32 -5.30
N TRP A 25 3.10 7.38 -5.63
CA TRP A 25 1.67 7.62 -5.58
C TRP A 25 1.24 8.10 -4.20
N LEU A 26 1.57 7.34 -3.17
CA LEU A 26 1.23 7.69 -1.81
C LEU A 26 1.61 9.14 -1.50
N PHE A 27 2.83 9.52 -1.89
CA PHE A 27 3.33 10.87 -1.66
C PHE A 27 2.45 11.88 -2.39
N GLN A 28 2.14 11.59 -3.65
CA GLN A 28 1.31 12.48 -4.46
C GLN A 28 -0.03 12.72 -3.80
N HIS A 29 -0.54 11.70 -3.11
CA HIS A 29 -1.83 11.80 -2.44
C HIS A 29 -1.67 11.63 -0.93
N ILE A 30 -0.54 12.09 -0.41
CA ILE A 30 -0.27 11.99 1.02
C ILE A 30 -1.48 12.41 1.84
N GLY A 31 -2.10 13.52 1.46
CA GLY A 31 -3.26 14.01 2.17
C GLY A 31 -4.36 12.97 2.28
N HIS A 32 -4.64 12.29 1.17
CA HIS A 32 -5.67 11.25 1.14
C HIS A 32 -5.17 10.00 0.43
N PRO A 33 -4.42 9.16 1.17
CA PRO A 33 -3.87 7.91 0.63
C PRO A 33 -4.96 6.88 0.34
N TYR A 34 -5.65 7.04 -0.78
CA TYR A 34 -6.70 6.12 -1.17
C TYR A 34 -6.62 5.80 -2.66
N PRO A 35 -6.18 4.56 -2.97
CA PRO A 35 -6.06 4.11 -4.36
C PRO A 35 -7.41 3.91 -5.03
N THR A 36 -7.52 4.34 -6.28
CA THR A 36 -8.76 4.21 -7.04
C THR A 36 -8.86 2.83 -7.68
N GLU A 37 -10.08 2.30 -7.75
CA GLU A 37 -10.31 1.00 -8.34
C GLU A 37 -9.35 0.75 -9.51
N ASP A 38 -9.01 1.81 -10.22
CA ASP A 38 -8.11 1.72 -11.36
C ASP A 38 -6.66 1.63 -10.90
N GLU A 39 -6.25 2.60 -10.08
CA GLU A 39 -4.88 2.64 -9.57
C GLU A 39 -4.45 1.27 -9.07
N LYS A 40 -5.37 0.56 -8.42
CA LYS A 40 -5.09 -0.78 -7.90
C LYS A 40 -4.74 -1.73 -9.02
N LYS A 41 -5.48 -1.66 -10.12
CA LYS A 41 -5.24 -2.51 -11.27
C LYS A 41 -3.98 -2.08 -12.03
N GLN A 42 -3.93 -0.80 -12.38
CA GLN A 42 -2.77 -0.27 -13.10
C GLN A 42 -1.48 -0.52 -12.33
N ILE A 43 -1.47 -0.17 -11.06
CA ILE A 43 -0.30 -0.36 -10.21
C ILE A 43 0.13 -1.82 -10.19
N ALA A 44 -0.78 -2.70 -9.78
CA ALA A 44 -0.49 -4.13 -9.72
C ALA A 44 0.42 -4.55 -10.86
N ALA A 45 0.23 -3.94 -12.02
CA ALA A 45 1.04 -4.26 -13.19
C ALA A 45 2.44 -3.66 -13.07
N GLN A 46 2.50 -2.38 -12.72
CA GLN A 46 3.78 -1.70 -12.56
C GLN A 46 4.62 -2.34 -11.47
N THR A 47 3.95 -2.75 -10.39
CA THR A 47 4.63 -3.39 -9.27
C THR A 47 4.60 -4.90 -9.38
N ASN A 48 3.74 -5.40 -10.26
CA ASN A 48 3.61 -6.84 -10.47
C ASN A 48 3.02 -7.52 -9.23
N LEU A 49 2.20 -6.77 -8.50
CA LEU A 49 1.58 -7.30 -7.28
C LEU A 49 0.09 -7.55 -7.50
N THR A 50 -0.50 -8.38 -6.64
CA THR A 50 -1.92 -8.69 -6.74
C THR A 50 -2.77 -7.67 -5.98
N LEU A 51 -3.95 -7.39 -6.50
CA LEU A 51 -4.85 -6.44 -5.87
C LEU A 51 -4.76 -6.53 -4.35
N LEU A 52 -4.63 -7.74 -3.84
CA LEU A 52 -4.53 -7.96 -2.40
C LEU A 52 -3.25 -7.35 -1.84
N GLN A 53 -2.12 -7.67 -2.46
CA GLN A 53 -0.83 -7.14 -2.04
C GLN A 53 -0.83 -5.62 -2.07
N VAL A 54 -1.07 -5.05 -3.25
CA VAL A 54 -1.09 -3.61 -3.41
C VAL A 54 -1.93 -2.95 -2.34
N ASN A 55 -3.05 -3.58 -1.98
CA ASN A 55 -3.94 -3.05 -0.96
C ASN A 55 -3.30 -3.14 0.42
N ASN A 56 -2.91 -4.34 0.82
CA ASN A 56 -2.29 -4.56 2.11
C ASN A 56 -1.17 -3.54 2.36
N TRP A 57 -0.27 -3.42 1.40
CA TRP A 57 0.83 -2.48 1.50
C TRP A 57 0.34 -1.07 1.81
N PHE A 58 -0.61 -0.60 1.01
CA PHE A 58 -1.17 0.73 1.20
C PHE A 58 -1.82 0.86 2.57
N ILE A 59 -2.78 -0.01 2.85
CA ILE A 59 -3.48 -0.01 4.14
C ILE A 59 -2.51 0.22 5.29
N ASN A 60 -1.33 -0.39 5.19
CA ASN A 60 -0.32 -0.25 6.22
C ASN A 60 0.56 0.97 5.97
N ALA A 61 0.73 1.32 4.70
CA ALA A 61 1.54 2.46 4.31
C ALA A 61 1.01 3.75 4.92
N ARG A 62 -0.29 3.75 5.24
CA ARG A 62 -0.94 4.92 5.82
C ARG A 62 -0.69 4.97 7.33
N ARG A 63 -0.69 3.80 7.96
CA ARG A 63 -0.48 3.71 9.40
C ARG A 63 0.98 3.97 9.75
N ARG A 64 1.88 3.68 8.82
CA ARG A 64 3.30 3.87 9.02
C ARG A 64 3.67 5.35 8.89
N ILE A 65 2.96 6.06 8.03
CA ILE A 65 3.21 7.48 7.82
C ILE A 65 2.50 8.33 8.87
N LEU A 66 1.26 7.98 9.18
CA LEU A 66 0.47 8.70 10.17
C LEU A 66 1.09 8.53 11.56
N GLN A 67 1.47 7.31 11.90
CA GLN A 67 2.06 7.02 13.20
C GLN A 67 3.44 7.68 13.32
N SER A 68 3.57 8.58 14.30
CA SER A 68 4.83 9.28 14.52
C SER A 68 6.01 8.36 14.26
N GLY A 69 6.99 8.87 13.51
CA GLY A 69 8.18 8.07 13.20
C GLY A 69 9.21 8.86 12.41
N PRO A 70 9.17 8.72 11.08
CA PRO A 70 10.11 9.40 10.19
C PRO A 70 9.85 10.91 10.14
N SER A 71 8.79 11.36 10.81
CA SER A 71 8.44 12.77 10.83
C SER A 71 8.80 13.40 12.17
N SER A 72 9.44 14.56 12.12
CA SER A 72 9.85 15.27 13.32
C SER A 72 8.66 16.01 13.95
N GLY A 73 8.03 16.87 13.16
CA GLY A 73 6.89 17.63 13.65
C GLY A 73 6.35 18.60 12.62
N GLY A 1 -20.86 1.13 -0.56
CA GLY A 1 -20.62 0.17 0.52
C GLY A 1 -19.43 -0.72 0.25
N SER A 2 -18.43 -0.63 1.11
CA SER A 2 -17.22 -1.43 0.97
C SER A 2 -16.84 -2.09 2.29
N SER A 3 -16.17 -3.23 2.21
CA SER A 3 -15.75 -3.96 3.40
C SER A 3 -14.36 -4.57 3.21
N GLY A 4 -13.83 -5.19 4.26
CA GLY A 4 -12.52 -5.80 4.19
C GLY A 4 -12.45 -7.10 4.94
N SER A 5 -11.37 -7.84 4.75
CA SER A 5 -11.17 -9.13 5.43
C SER A 5 -9.73 -9.59 5.32
N SER A 6 -9.26 -10.29 6.34
CA SER A 6 -7.89 -10.78 6.37
C SER A 6 -7.85 -12.26 6.75
N GLY A 7 -6.66 -12.85 6.70
CA GLY A 7 -6.51 -14.26 7.04
C GLY A 7 -5.12 -14.78 6.76
N LYS A 8 -5.05 -15.93 6.11
CA LYS A 8 -3.76 -16.55 5.79
C LYS A 8 -3.19 -15.95 4.50
N ASN A 9 -2.50 -14.82 4.63
CA ASN A 9 -1.90 -14.15 3.48
C ASN A 9 -0.38 -14.34 3.48
N LYS A 10 0.19 -14.45 2.29
CA LYS A 10 1.64 -14.62 2.14
C LYS A 10 2.36 -13.32 2.45
N ARG A 11 2.61 -13.06 3.73
CA ARG A 11 3.30 -11.85 4.15
C ARG A 11 4.78 -11.92 3.79
N GLY A 12 5.45 -10.78 3.86
CA GLY A 12 6.86 -10.73 3.54
C GLY A 12 7.29 -9.39 2.97
N VAL A 13 8.60 -9.14 2.95
CA VAL A 13 9.13 -7.88 2.43
C VAL A 13 8.92 -7.79 0.92
N LEU A 14 8.52 -6.61 0.46
CA LEU A 14 8.28 -6.38 -0.96
C LEU A 14 9.51 -5.76 -1.63
N PRO A 15 9.63 -5.96 -2.95
CA PRO A 15 10.75 -5.43 -3.73
C PRO A 15 10.70 -3.92 -3.86
N LYS A 16 11.86 -3.30 -4.08
CA LYS A 16 11.96 -1.86 -4.22
C LYS A 16 11.11 -1.37 -5.39
N HIS A 17 11.21 -2.07 -6.51
CA HIS A 17 10.46 -1.71 -7.71
C HIS A 17 8.97 -1.51 -7.38
N ALA A 18 8.44 -2.39 -6.54
CA ALA A 18 7.04 -2.30 -6.14
C ALA A 18 6.81 -1.12 -5.22
N THR A 19 7.64 -1.00 -4.19
CA THR A 19 7.52 0.10 -3.23
C THR A 19 7.69 1.45 -3.91
N ASN A 20 8.49 1.47 -4.97
CA ASN A 20 8.74 2.70 -5.72
C ASN A 20 7.43 3.31 -6.21
N VAL A 21 6.71 2.56 -7.04
CA VAL A 21 5.45 3.04 -7.59
C VAL A 21 4.49 3.46 -6.47
N MET A 22 4.16 2.52 -5.59
CA MET A 22 3.26 2.79 -4.48
C MET A 22 3.69 4.04 -3.74
N ARG A 23 4.96 4.11 -3.37
CA ARG A 23 5.49 5.26 -2.65
C ARG A 23 5.14 6.56 -3.36
N SER A 24 5.63 6.71 -4.58
CA SER A 24 5.37 7.91 -5.37
C SER A 24 3.90 8.31 -5.29
N TRP A 25 3.02 7.37 -5.60
CA TRP A 25 1.59 7.62 -5.56
C TRP A 25 1.16 8.11 -4.18
N LEU A 26 1.48 7.34 -3.16
CA LEU A 26 1.13 7.71 -1.79
C LEU A 26 1.51 9.15 -1.50
N PHE A 27 2.74 9.51 -1.84
CA PHE A 27 3.23 10.87 -1.61
C PHE A 27 2.43 11.88 -2.41
N GLN A 28 2.12 11.53 -3.65
CA GLN A 28 1.34 12.41 -4.53
C GLN A 28 -0.01 12.73 -3.92
N HIS A 29 -0.56 11.77 -3.19
CA HIS A 29 -1.87 11.96 -2.54
C HIS A 29 -1.74 11.84 -1.03
N ILE A 30 -0.61 12.27 -0.50
CA ILE A 30 -0.36 12.23 0.94
C ILE A 30 -1.60 12.66 1.72
N GLY A 31 -2.22 13.74 1.28
CA GLY A 31 -3.41 14.25 1.94
C GLY A 31 -4.47 13.18 2.12
N HIS A 32 -4.77 12.46 1.04
CA HIS A 32 -5.77 11.39 1.09
C HIS A 32 -5.25 10.14 0.39
N PRO A 33 -4.49 9.32 1.14
CA PRO A 33 -3.93 8.07 0.61
C PRO A 33 -5.00 7.01 0.37
N TYR A 34 -5.70 7.14 -0.74
CA TYR A 34 -6.76 6.19 -1.10
C TYR A 34 -6.69 5.83 -2.58
N PRO A 35 -6.24 4.59 -2.87
CA PRO A 35 -6.12 4.10 -4.25
C PRO A 35 -7.48 3.87 -4.90
N THR A 36 -7.55 4.13 -6.20
CA THR A 36 -8.80 3.94 -6.94
C THR A 36 -8.79 2.63 -7.70
N GLU A 37 -9.97 2.02 -7.83
CA GLU A 37 -10.10 0.76 -8.55
C GLU A 37 -9.09 0.67 -9.70
N ASP A 38 -8.88 1.80 -10.37
CA ASP A 38 -7.95 1.85 -11.49
C ASP A 38 -6.51 1.74 -11.00
N GLU A 39 -6.14 2.58 -10.05
CA GLU A 39 -4.79 2.58 -9.50
C GLU A 39 -4.39 1.18 -9.04
N LYS A 40 -5.29 0.53 -8.31
CA LYS A 40 -5.03 -0.83 -7.82
C LYS A 40 -4.74 -1.78 -8.96
N LYS A 41 -5.44 -1.60 -10.08
CA LYS A 41 -5.25 -2.44 -11.24
C LYS A 41 -3.94 -2.11 -11.96
N GLN A 42 -3.77 -0.85 -12.33
CA GLN A 42 -2.57 -0.40 -13.00
C GLN A 42 -1.32 -0.68 -12.15
N ILE A 43 -1.32 -0.16 -10.93
CA ILE A 43 -0.20 -0.36 -10.03
C ILE A 43 0.18 -1.84 -9.93
N ALA A 44 -0.83 -2.68 -9.72
CA ALA A 44 -0.60 -4.11 -9.61
C ALA A 44 0.37 -4.60 -10.68
N ALA A 45 0.27 -4.04 -11.87
CA ALA A 45 1.14 -4.41 -12.97
C ALA A 45 2.55 -3.85 -12.77
N GLN A 46 2.65 -2.52 -12.79
CA GLN A 46 3.94 -1.86 -12.62
C GLN A 46 4.72 -2.48 -11.46
N THR A 47 4.00 -2.84 -10.40
CA THR A 47 4.63 -3.45 -9.22
C THR A 47 4.57 -4.96 -9.30
N ASN A 48 3.74 -5.48 -10.20
CA ASN A 48 3.60 -6.93 -10.36
C ASN A 48 2.98 -7.55 -9.12
N LEU A 49 2.09 -6.82 -8.47
CA LEU A 49 1.41 -7.30 -7.27
C LEU A 49 -0.08 -7.48 -7.50
N THR A 50 -0.70 -8.33 -6.70
CA THR A 50 -2.13 -8.59 -6.82
C THR A 50 -2.95 -7.56 -6.06
N LEU A 51 -4.11 -7.21 -6.61
CA LEU A 51 -4.99 -6.22 -5.98
C LEU A 51 -4.91 -6.31 -4.46
N LEU A 52 -4.85 -7.54 -3.95
CA LEU A 52 -4.76 -7.75 -2.51
C LEU A 52 -3.46 -7.19 -1.94
N GLN A 53 -2.34 -7.63 -2.50
CA GLN A 53 -1.03 -7.17 -2.06
C GLN A 53 -0.96 -5.65 -2.07
N VAL A 54 -1.15 -5.06 -3.25
CA VAL A 54 -1.11 -3.61 -3.39
C VAL A 54 -1.93 -2.92 -2.30
N ASN A 55 -3.10 -3.49 -2.01
CA ASN A 55 -3.97 -2.93 -0.99
C ASN A 55 -3.33 -3.02 0.40
N ASN A 56 -2.97 -4.24 0.80
CA ASN A 56 -2.34 -4.47 2.09
C ASN A 56 -1.22 -3.46 2.34
N TRP A 57 -0.22 -3.48 1.47
CA TRP A 57 0.91 -2.57 1.60
C TRP A 57 0.44 -1.14 1.87
N PHE A 58 -0.42 -0.63 0.99
CA PHE A 58 -0.95 0.72 1.14
C PHE A 58 -1.50 0.94 2.54
N ILE A 59 -2.46 0.12 2.93
CA ILE A 59 -3.07 0.23 4.25
C ILE A 59 -2.02 0.39 5.33
N ASN A 60 -0.87 -0.27 5.14
CA ASN A 60 0.23 -0.21 6.09
C ASN A 60 1.00 1.10 5.95
N ALA A 61 1.19 1.54 4.70
CA ALA A 61 1.91 2.76 4.42
C ALA A 61 1.18 3.97 5.02
N ARG A 62 -0.13 3.86 5.18
CA ARG A 62 -0.93 4.94 5.74
C ARG A 62 -0.89 4.90 7.26
N ARG A 63 -0.81 3.70 7.82
CA ARG A 63 -0.77 3.53 9.27
C ARG A 63 0.63 3.77 9.81
N ARG A 64 1.63 3.57 8.95
CA ARG A 64 3.02 3.76 9.34
C ARG A 64 3.42 5.23 9.24
N ILE A 65 2.73 5.96 8.36
CA ILE A 65 3.01 7.38 8.18
C ILE A 65 2.35 8.22 9.27
N LEU A 66 1.10 7.89 9.57
CA LEU A 66 0.36 8.62 10.60
C LEU A 66 0.90 8.30 11.99
N GLN A 67 1.15 7.02 12.24
CA GLN A 67 1.67 6.59 13.54
C GLN A 67 3.17 6.33 13.45
N SER A 68 3.95 7.17 14.15
CA SER A 68 5.40 7.03 14.15
C SER A 68 5.88 6.38 15.44
N GLY A 69 6.63 5.29 15.30
CA GLY A 69 7.14 4.59 16.46
C GLY A 69 8.30 3.66 16.13
N PRO A 70 7.98 2.52 15.51
CA PRO A 70 8.99 1.52 15.12
C PRO A 70 9.87 2.01 13.97
N SER A 71 9.48 3.12 13.37
CA SER A 71 10.23 3.69 12.26
C SER A 71 10.42 5.19 12.44
N SER A 72 11.66 5.60 12.70
CA SER A 72 11.98 7.01 12.91
C SER A 72 11.59 7.84 11.69
N GLY A 73 10.54 8.65 11.84
CA GLY A 73 10.08 9.47 10.75
C GLY A 73 9.33 10.70 11.23
N GLY A 1 -14.85 -10.23 -9.31
CA GLY A 1 -13.74 -10.35 -8.40
C GLY A 1 -14.19 -10.67 -6.98
N SER A 2 -13.91 -11.90 -6.54
CA SER A 2 -14.30 -12.33 -5.20
C SER A 2 -13.64 -11.46 -4.14
N SER A 3 -14.43 -10.56 -3.55
CA SER A 3 -13.93 -9.67 -2.52
C SER A 3 -13.16 -10.45 -1.44
N GLY A 4 -12.20 -9.78 -0.81
CA GLY A 4 -11.42 -10.43 0.22
C GLY A 4 -11.73 -9.89 1.61
N SER A 5 -11.52 -10.73 2.62
CA SER A 5 -11.80 -10.34 4.00
C SER A 5 -10.79 -9.30 4.48
N SER A 6 -11.01 -8.77 5.68
CA SER A 6 -10.13 -7.76 6.25
C SER A 6 -9.67 -8.18 7.64
N GLY A 7 -8.41 -7.86 7.96
CA GLY A 7 -7.87 -8.20 9.27
C GLY A 7 -6.56 -8.95 9.16
N LYS A 8 -6.59 -10.12 8.53
CA LYS A 8 -5.40 -10.94 8.37
C LYS A 8 -4.20 -10.08 7.99
N ASN A 9 -3.11 -10.23 8.74
CA ASN A 9 -1.89 -9.47 8.48
C ASN A 9 -0.66 -10.37 8.58
N LYS A 10 0.36 -10.05 7.79
CA LYS A 10 1.60 -10.81 7.79
C LYS A 10 2.76 -9.97 7.29
N ARG A 11 3.92 -10.13 7.92
CA ARG A 11 5.11 -9.39 7.52
C ARG A 11 5.74 -9.98 6.27
N GLY A 12 5.38 -9.42 5.12
CA GLY A 12 5.92 -9.91 3.85
C GLY A 12 7.05 -9.05 3.34
N VAL A 13 7.47 -9.31 2.11
CA VAL A 13 8.56 -8.55 1.49
C VAL A 13 8.24 -8.21 0.04
N LEU A 14 8.70 -7.04 -0.38
CA LEU A 14 8.46 -6.58 -1.76
C LEU A 14 9.71 -5.93 -2.34
N PRO A 15 9.89 -6.06 -3.67
CA PRO A 15 11.03 -5.48 -4.37
C PRO A 15 10.98 -3.96 -4.42
N LYS A 16 12.15 -3.33 -4.51
CA LYS A 16 12.24 -1.88 -4.57
C LYS A 16 11.41 -1.32 -5.73
N HIS A 17 11.39 -2.05 -6.84
CA HIS A 17 10.63 -1.64 -8.02
C HIS A 17 9.16 -1.44 -7.66
N ALA A 18 8.60 -2.36 -6.89
CA ALA A 18 7.21 -2.28 -6.48
C ALA A 18 7.00 -1.18 -5.45
N THR A 19 7.86 -1.14 -4.43
CA THR A 19 7.76 -0.14 -3.38
C THR A 19 7.89 1.26 -3.96
N ASN A 20 8.61 1.38 -5.07
CA ASN A 20 8.82 2.67 -5.71
C ASN A 20 7.49 3.28 -6.14
N VAL A 21 6.77 2.57 -7.00
CA VAL A 21 5.47 3.04 -7.49
C VAL A 21 4.56 3.42 -6.33
N MET A 22 4.29 2.46 -5.44
CA MET A 22 3.44 2.70 -4.29
C MET A 22 3.89 3.94 -3.52
N ARG A 23 5.18 3.99 -3.19
CA ARG A 23 5.74 5.11 -2.46
C ARG A 23 5.43 6.43 -3.16
N SER A 24 5.95 6.59 -4.37
CA SER A 24 5.73 7.80 -5.14
C SER A 24 4.26 8.20 -5.13
N TRP A 25 3.39 7.27 -5.50
CA TRP A 25 1.95 7.52 -5.53
C TRP A 25 1.48 8.08 -4.20
N LEU A 26 1.76 7.36 -3.11
CA LEU A 26 1.36 7.79 -1.78
C LEU A 26 1.75 9.24 -1.54
N PHE A 27 3.01 9.57 -1.78
CA PHE A 27 3.50 10.93 -1.59
C PHE A 27 2.69 11.92 -2.40
N GLN A 28 2.39 11.57 -3.64
CA GLN A 28 1.61 12.43 -4.52
C GLN A 28 0.22 12.69 -3.94
N HIS A 29 -0.29 11.71 -3.19
CA HIS A 29 -1.61 11.82 -2.58
C HIS A 29 -1.51 11.72 -1.06
N ILE A 30 -0.40 12.20 -0.51
CA ILE A 30 -0.19 12.15 0.93
C ILE A 30 -1.44 12.63 1.68
N GLY A 31 -2.02 13.73 1.22
CA GLY A 31 -3.21 14.28 1.86
C GLY A 31 -4.29 13.22 2.05
N HIS A 32 -4.60 12.50 0.98
CA HIS A 32 -5.63 11.47 1.04
C HIS A 32 -5.15 10.19 0.36
N PRO A 33 -4.41 9.36 1.12
CA PRO A 33 -3.87 8.09 0.61
C PRO A 33 -4.96 7.05 0.36
N TYR A 34 -5.67 7.20 -0.76
CA TYR A 34 -6.74 6.27 -1.11
C TYR A 34 -6.70 5.92 -2.59
N PRO A 35 -6.27 4.68 -2.88
CA PRO A 35 -6.17 4.19 -4.26
C PRO A 35 -7.54 3.98 -4.90
N THR A 36 -7.60 4.18 -6.22
CA THR A 36 -8.85 4.02 -6.95
C THR A 36 -8.91 2.67 -7.65
N GLU A 37 -10.09 2.08 -7.72
CA GLU A 37 -10.28 0.79 -8.36
C GLU A 37 -9.33 0.64 -9.55
N ASP A 38 -9.07 1.74 -10.23
CA ASP A 38 -8.19 1.72 -11.39
C ASP A 38 -6.73 1.63 -10.95
N GLU A 39 -6.32 2.53 -10.06
CA GLU A 39 -4.96 2.55 -9.57
C GLU A 39 -4.52 1.17 -9.09
N LYS A 40 -5.39 0.51 -8.34
CA LYS A 40 -5.10 -0.82 -7.82
C LYS A 40 -4.84 -1.80 -8.96
N LYS A 41 -5.55 -1.61 -10.07
CA LYS A 41 -5.39 -2.48 -11.23
C LYS A 41 -4.10 -2.16 -11.99
N GLN A 42 -3.95 -0.89 -12.36
CA GLN A 42 -2.76 -0.45 -13.09
C GLN A 42 -1.50 -0.70 -12.27
N ILE A 43 -1.48 -0.21 -11.04
CA ILE A 43 -0.34 -0.38 -10.16
C ILE A 43 0.07 -1.84 -10.09
N ALA A 44 -0.89 -2.72 -9.82
CA ALA A 44 -0.62 -4.15 -9.74
C ALA A 44 0.31 -4.61 -10.86
N ALA A 45 0.13 -4.02 -12.03
CA ALA A 45 0.97 -4.37 -13.18
C ALA A 45 2.37 -3.80 -13.04
N GLN A 46 2.47 -2.48 -13.01
CA GLN A 46 3.76 -1.81 -12.87
C GLN A 46 4.58 -2.44 -11.75
N THR A 47 3.92 -2.77 -10.65
CA THR A 47 4.60 -3.38 -9.52
C THR A 47 4.53 -4.91 -9.59
N ASN A 48 3.63 -5.41 -10.43
CA ASN A 48 3.47 -6.86 -10.59
C ASN A 48 2.90 -7.48 -9.32
N LEU A 49 2.01 -6.74 -8.64
CA LEU A 49 1.39 -7.23 -7.42
C LEU A 49 -0.10 -7.45 -7.62
N THR A 50 -0.69 -8.26 -6.74
CA THR A 50 -2.11 -8.56 -6.82
C THR A 50 -2.94 -7.52 -6.07
N LEU A 51 -4.14 -7.24 -6.56
CA LEU A 51 -5.02 -6.27 -5.93
C LEU A 51 -4.93 -6.34 -4.42
N LEU A 52 -4.77 -7.56 -3.91
CA LEU A 52 -4.66 -7.77 -2.47
C LEU A 52 -3.36 -7.20 -1.92
N GLN A 53 -2.25 -7.52 -2.59
CA GLN A 53 -0.94 -7.04 -2.17
C GLN A 53 -0.90 -5.52 -2.17
N VAL A 54 -1.16 -4.93 -3.33
CA VAL A 54 -1.15 -3.47 -3.48
C VAL A 54 -1.94 -2.81 -2.36
N ASN A 55 -3.05 -3.44 -1.97
CA ASN A 55 -3.89 -2.90 -0.90
C ASN A 55 -3.20 -3.04 0.45
N ASN A 56 -2.81 -4.26 0.79
CA ASN A 56 -2.14 -4.53 2.07
C ASN A 56 -1.03 -3.52 2.32
N TRP A 57 -0.11 -3.42 1.35
CA TRP A 57 1.02 -2.51 1.47
C TRP A 57 0.54 -1.11 1.84
N PHE A 58 -0.39 -0.58 1.04
CA PHE A 58 -0.93 0.75 1.28
C PHE A 58 -1.53 0.85 2.69
N ILE A 59 -2.46 -0.04 3.00
CA ILE A 59 -3.10 -0.05 4.31
C ILE A 59 -2.07 0.05 5.43
N ASN A 60 -0.97 -0.67 5.28
CA ASN A 60 0.10 -0.66 6.27
C ASN A 60 0.83 0.67 6.28
N ALA A 61 1.07 1.21 5.09
CA ALA A 61 1.76 2.50 4.96
C ALA A 61 0.98 3.61 5.65
N ARG A 62 -0.29 3.76 5.27
CA ARG A 62 -1.14 4.79 5.85
C ARG A 62 -1.01 4.81 7.38
N ARG A 63 -1.03 3.63 7.97
CA ARG A 63 -0.92 3.51 9.42
C ARG A 63 0.39 4.10 9.92
N ARG A 64 1.41 4.08 9.07
CA ARG A 64 2.72 4.61 9.42
C ARG A 64 2.70 6.13 9.40
N ILE A 65 2.31 6.70 8.26
CA ILE A 65 2.24 8.15 8.11
C ILE A 65 1.21 8.76 9.04
N LEU A 66 0.16 7.99 9.32
CA LEU A 66 -0.91 8.46 10.20
C LEU A 66 -0.38 8.69 11.62
N GLN A 67 0.33 7.70 12.15
CA GLN A 67 0.88 7.80 13.49
C GLN A 67 2.40 8.02 13.44
N SER A 68 2.80 9.29 13.36
CA SER A 68 4.21 9.63 13.31
C SER A 68 4.99 8.96 14.43
N GLY A 69 4.46 9.05 15.65
CA GLY A 69 5.11 8.45 16.79
C GLY A 69 5.45 9.46 17.87
N PRO A 70 6.26 9.04 18.84
CA PRO A 70 6.68 9.90 19.96
C PRO A 70 7.63 11.01 19.50
N SER A 71 7.96 11.01 18.22
CA SER A 71 8.86 12.01 17.67
C SER A 71 8.11 12.94 16.71
N SER A 72 8.24 14.25 16.94
CA SER A 72 7.59 15.24 16.10
C SER A 72 8.60 15.98 15.23
N GLY A 73 8.39 15.94 13.92
CA GLY A 73 9.28 16.61 13.00
C GLY A 73 8.56 17.52 12.03
N GLY A 1 -21.63 -6.24 0.61
CA GLY A 1 -20.38 -6.73 0.04
C GLY A 1 -19.18 -5.96 0.55
N SER A 2 -18.20 -6.68 1.09
CA SER A 2 -16.99 -6.06 1.61
C SER A 2 -15.78 -6.96 1.40
N SER A 3 -14.60 -6.43 1.68
CA SER A 3 -13.35 -7.18 1.52
C SER A 3 -12.78 -7.58 2.87
N GLY A 4 -12.44 -8.86 3.01
CA GLY A 4 -11.88 -9.34 4.26
C GLY A 4 -10.54 -10.01 4.07
N SER A 5 -9.52 -9.49 4.76
CA SER A 5 -8.17 -10.03 4.66
C SER A 5 -7.64 -10.42 6.04
N SER A 6 -7.49 -11.72 6.26
CA SER A 6 -6.99 -12.23 7.53
C SER A 6 -6.15 -13.48 7.33
N GLY A 7 -5.20 -13.71 8.23
CA GLY A 7 -4.34 -14.87 8.14
C GLY A 7 -2.94 -14.61 8.66
N LYS A 8 -2.35 -15.61 9.31
CA LYS A 8 -1.02 -15.47 9.86
C LYS A 8 0.00 -15.20 8.75
N ASN A 9 1.22 -14.85 9.15
CA ASN A 9 2.29 -14.57 8.20
C ASN A 9 3.65 -14.51 8.90
N LYS A 10 4.62 -15.24 8.34
CA LYS A 10 5.96 -15.27 8.91
C LYS A 10 6.85 -14.23 8.24
N ARG A 11 6.91 -14.26 6.92
CA ARG A 11 7.73 -13.31 6.17
C ARG A 11 7.11 -13.02 4.80
N GLY A 12 7.37 -11.82 4.28
CA GLY A 12 6.82 -11.45 2.99
C GLY A 12 7.28 -10.07 2.56
N VAL A 13 8.53 -9.97 2.10
CA VAL A 13 9.07 -8.70 1.66
C VAL A 13 8.78 -8.46 0.18
N LEU A 14 8.75 -7.18 -0.21
CA LEU A 14 8.48 -6.82 -1.60
C LEU A 14 9.71 -6.21 -2.25
N PRO A 15 9.77 -6.28 -3.59
CA PRO A 15 10.88 -5.73 -4.37
C PRO A 15 10.92 -4.22 -4.35
N LYS A 16 12.08 -3.66 -4.61
CA LYS A 16 12.26 -2.20 -4.63
C LYS A 16 11.36 -1.56 -5.68
N HIS A 17 11.26 -2.20 -6.84
CA HIS A 17 10.43 -1.69 -7.93
C HIS A 17 8.99 -1.49 -7.47
N ALA A 18 8.48 -2.44 -6.69
CA ALA A 18 7.13 -2.36 -6.19
C ALA A 18 6.95 -1.16 -5.26
N THR A 19 7.82 -1.06 -4.26
CA THR A 19 7.75 0.04 -3.31
C THR A 19 7.88 1.39 -4.02
N ASN A 20 8.66 1.41 -5.09
CA ASN A 20 8.86 2.64 -5.85
C ASN A 20 7.53 3.24 -6.28
N VAL A 21 6.78 2.49 -7.08
CA VAL A 21 5.48 2.94 -7.56
C VAL A 21 4.59 3.37 -6.41
N MET A 22 4.29 2.44 -5.51
CA MET A 22 3.45 2.74 -4.36
C MET A 22 3.94 3.98 -3.61
N ARG A 23 5.26 4.11 -3.50
CA ARG A 23 5.86 5.25 -2.82
C ARG A 23 5.47 6.56 -3.52
N SER A 24 5.83 6.67 -4.79
CA SER A 24 5.52 7.87 -5.56
C SER A 24 4.05 8.25 -5.42
N TRP A 25 3.17 7.29 -5.65
CA TRP A 25 1.74 7.52 -5.54
C TRP A 25 1.36 7.98 -4.14
N LEU A 26 1.73 7.19 -3.15
CA LEU A 26 1.43 7.53 -1.75
C LEU A 26 1.79 8.97 -1.46
N PHE A 27 3.01 9.37 -1.80
CA PHE A 27 3.48 10.73 -1.57
C PHE A 27 2.58 11.73 -2.27
N GLN A 28 2.22 11.44 -3.51
CA GLN A 28 1.36 12.32 -4.30
C GLN A 28 0.03 12.55 -3.59
N HIS A 29 -0.43 11.53 -2.86
CA HIS A 29 -1.69 11.63 -2.14
C HIS A 29 -1.47 11.41 -0.65
N ILE A 30 -0.33 11.86 -0.15
CA ILE A 30 0.00 11.71 1.26
C ILE A 30 -1.18 12.08 2.14
N GLY A 31 -1.84 13.20 1.81
CA GLY A 31 -2.99 13.65 2.58
C GLY A 31 -4.05 12.58 2.71
N HIS A 32 -4.36 11.93 1.59
CA HIS A 32 -5.38 10.89 1.58
C HIS A 32 -4.89 9.66 0.80
N PRO A 33 -4.12 8.80 1.48
CA PRO A 33 -3.57 7.58 0.87
C PRO A 33 -4.65 6.54 0.59
N TYR A 34 -5.38 6.73 -0.49
CA TYR A 34 -6.45 5.81 -0.88
C TYR A 34 -6.43 5.54 -2.37
N PRO A 35 -5.99 4.33 -2.74
CA PRO A 35 -5.91 3.91 -4.15
C PRO A 35 -7.29 3.72 -4.78
N THR A 36 -7.45 4.20 -6.01
CA THR A 36 -8.70 4.08 -6.72
C THR A 36 -8.84 2.71 -7.38
N GLU A 37 -10.07 2.21 -7.44
CA GLU A 37 -10.34 0.91 -8.05
C GLU A 37 -9.40 0.66 -9.23
N ASP A 38 -9.04 1.72 -9.93
CA ASP A 38 -8.15 1.62 -11.08
C ASP A 38 -6.69 1.54 -10.63
N GLU A 39 -6.26 2.54 -9.87
CA GLU A 39 -4.88 2.58 -9.39
C GLU A 39 -4.42 1.20 -8.95
N LYS A 40 -5.30 0.47 -8.27
CA LYS A 40 -4.98 -0.88 -7.81
C LYS A 40 -4.64 -1.80 -8.97
N LYS A 41 -5.44 -1.72 -10.04
CA LYS A 41 -5.22 -2.55 -11.21
C LYS A 41 -3.98 -2.09 -11.97
N GLN A 42 -3.91 -0.80 -12.28
CA GLN A 42 -2.77 -0.23 -12.99
C GLN A 42 -1.47 -0.50 -12.24
N ILE A 43 -1.43 -0.08 -10.98
CA ILE A 43 -0.25 -0.26 -10.16
C ILE A 43 0.16 -1.72 -10.10
N ALA A 44 -0.77 -2.57 -9.67
CA ALA A 44 -0.51 -4.00 -9.57
C ALA A 44 0.39 -4.48 -10.70
N ALA A 45 0.19 -3.90 -11.88
CA ALA A 45 0.99 -4.27 -13.05
C ALA A 45 2.40 -3.68 -12.96
N GLN A 46 2.47 -2.37 -12.76
CA GLN A 46 3.74 -1.67 -12.67
C GLN A 46 4.62 -2.29 -11.57
N THR A 47 3.97 -2.72 -10.49
CA THR A 47 4.68 -3.33 -9.37
C THR A 47 4.63 -4.85 -9.45
N ASN A 48 3.80 -5.36 -10.34
CA ASN A 48 3.65 -6.81 -10.51
C ASN A 48 3.09 -7.45 -9.25
N LEU A 49 2.22 -6.73 -8.55
CA LEU A 49 1.61 -7.22 -7.33
C LEU A 49 0.12 -7.49 -7.54
N THR A 50 -0.47 -8.28 -6.64
CA THR A 50 -1.89 -8.61 -6.72
C THR A 50 -2.74 -7.58 -5.98
N LEU A 51 -3.92 -7.30 -6.51
CA LEU A 51 -4.83 -6.35 -5.89
C LEU A 51 -4.72 -6.40 -4.37
N LEU A 52 -4.60 -7.61 -3.83
CA LEU A 52 -4.48 -7.79 -2.39
C LEU A 52 -3.22 -7.14 -1.85
N GLN A 53 -2.08 -7.50 -2.45
CA GLN A 53 -0.79 -6.95 -2.04
C GLN A 53 -0.81 -5.43 -2.10
N VAL A 54 -1.05 -4.89 -3.29
CA VAL A 54 -1.10 -3.44 -3.48
C VAL A 54 -1.94 -2.76 -2.40
N ASN A 55 -3.02 -3.42 -2.02
CA ASN A 55 -3.91 -2.88 -0.99
C ASN A 55 -3.25 -2.95 0.39
N ASN A 56 -2.88 -4.15 0.80
CA ASN A 56 -2.24 -4.34 2.11
C ASN A 56 -1.10 -3.35 2.30
N TRP A 57 -0.16 -3.34 1.36
CA TRP A 57 0.99 -2.45 1.42
C TRP A 57 0.55 -1.02 1.77
N PHE A 58 -0.41 -0.51 1.00
CA PHE A 58 -0.92 0.84 1.22
C PHE A 58 -1.58 0.96 2.60
N ILE A 59 -2.61 0.13 2.82
CA ILE A 59 -3.32 0.14 4.09
C ILE A 59 -2.35 0.19 5.27
N ASN A 60 -1.27 -0.57 5.16
CA ASN A 60 -0.26 -0.61 6.23
C ASN A 60 0.59 0.66 6.21
N ALA A 61 1.05 1.05 5.03
CA ALA A 61 1.87 2.24 4.88
C ALA A 61 1.16 3.47 5.43
N ARG A 62 -0.01 3.77 4.87
CA ARG A 62 -0.79 4.92 5.30
C ARG A 62 -0.95 4.93 6.81
N ARG A 63 -1.04 3.74 7.40
CA ARG A 63 -1.20 3.62 8.85
C ARG A 63 0.05 4.10 9.58
N ARG A 64 1.20 3.90 8.95
CA ARG A 64 2.47 4.31 9.55
C ARG A 64 2.58 5.83 9.58
N ILE A 65 2.43 6.45 8.42
CA ILE A 65 2.52 7.91 8.31
C ILE A 65 1.56 8.58 9.28
N LEU A 66 0.35 8.04 9.40
CA LEU A 66 -0.65 8.59 10.30
C LEU A 66 -0.31 8.30 11.75
N GLN A 67 -0.14 7.03 12.08
CA GLN A 67 0.20 6.63 13.44
C GLN A 67 1.66 6.96 13.75
N SER A 68 1.85 7.84 14.74
CA SER A 68 3.19 8.26 15.14
C SER A 68 3.93 8.91 13.98
N GLY A 69 3.22 9.77 13.25
CA GLY A 69 3.83 10.46 12.12
C GLY A 69 4.60 11.69 12.54
N PRO A 70 3.95 12.87 12.42
CA PRO A 70 4.57 14.15 12.78
C PRO A 70 4.76 14.29 14.28
N SER A 71 5.94 13.92 14.76
CA SER A 71 6.26 14.01 16.18
C SER A 71 7.00 15.30 16.49
N SER A 72 6.62 15.95 17.59
CA SER A 72 7.25 17.20 18.00
C SER A 72 8.57 16.93 18.73
N GLY A 73 9.68 17.22 18.07
CA GLY A 73 10.99 17.00 18.67
C GLY A 73 12.07 16.80 17.64
N GLY A 1 -13.03 -4.43 -6.62
CA GLY A 1 -13.74 -3.67 -5.60
C GLY A 1 -13.62 -4.28 -4.22
N SER A 2 -12.38 -4.52 -3.79
CA SER A 2 -12.14 -5.10 -2.48
C SER A 2 -11.32 -4.15 -1.60
N SER A 3 -11.86 -3.82 -0.44
CA SER A 3 -11.19 -2.92 0.49
C SER A 3 -9.91 -3.55 1.02
N GLY A 4 -10.01 -4.80 1.43
CA GLY A 4 -8.85 -5.51 1.96
C GLY A 4 -9.00 -5.87 3.42
N SER A 5 -10.17 -6.41 3.77
CA SER A 5 -10.45 -6.79 5.15
C SER A 5 -9.75 -8.10 5.49
N SER A 6 -9.90 -9.09 4.64
CA SER A 6 -9.29 -10.41 4.85
C SER A 6 -7.79 -10.36 4.55
N GLY A 7 -6.98 -10.43 5.59
CA GLY A 7 -5.54 -10.39 5.42
C GLY A 7 -4.95 -11.77 5.17
N LYS A 8 -5.16 -12.30 3.96
CA LYS A 8 -4.64 -13.62 3.60
C LYS A 8 -3.12 -13.59 3.47
N ASN A 9 -2.44 -14.32 4.34
CA ASN A 9 -0.99 -14.38 4.31
C ASN A 9 -0.38 -12.98 4.26
N LYS A 10 -0.91 -12.09 5.09
CA LYS A 10 -0.42 -10.71 5.15
C LYS A 10 1.10 -10.67 5.04
N ARG A 11 1.78 -11.36 5.94
CA ARG A 11 3.24 -11.40 5.94
C ARG A 11 3.77 -11.74 4.55
N GLY A 12 4.65 -10.87 4.04
CA GLY A 12 5.21 -11.09 2.72
C GLY A 12 6.21 -10.01 2.34
N VAL A 13 7.09 -10.33 1.38
CA VAL A 13 8.09 -9.38 0.93
C VAL A 13 7.79 -8.92 -0.50
N LEU A 14 8.06 -7.64 -0.76
CA LEU A 14 7.83 -7.06 -2.08
C LEU A 14 9.13 -6.51 -2.68
N PRO A 15 9.21 -6.49 -4.01
CA PRO A 15 10.38 -5.98 -4.73
C PRO A 15 10.53 -4.47 -4.59
N LYS A 16 11.75 -3.99 -4.77
CA LYS A 16 12.04 -2.56 -4.67
C LYS A 16 11.10 -1.76 -5.57
N HIS A 17 10.95 -2.21 -6.81
CA HIS A 17 10.09 -1.53 -7.77
C HIS A 17 8.69 -1.32 -7.18
N ALA A 18 8.10 -2.40 -6.68
CA ALA A 18 6.77 -2.33 -6.09
C ALA A 18 6.66 -1.18 -5.10
N THR A 19 7.62 -1.10 -4.19
CA THR A 19 7.63 -0.03 -3.19
C THR A 19 7.79 1.34 -3.84
N ASN A 20 8.62 1.40 -4.89
CA ASN A 20 8.86 2.64 -5.59
C ASN A 20 7.55 3.26 -6.07
N VAL A 21 6.83 2.53 -6.92
CA VAL A 21 5.57 3.00 -7.46
C VAL A 21 4.61 3.41 -6.34
N MET A 22 4.28 2.46 -5.47
CA MET A 22 3.38 2.72 -4.36
C MET A 22 3.84 3.94 -3.57
N ARG A 23 5.14 4.05 -3.35
CA ARG A 23 5.71 5.17 -2.60
C ARG A 23 5.34 6.49 -3.27
N SER A 24 5.80 6.68 -4.51
CA SER A 24 5.53 7.90 -5.26
C SER A 24 4.06 8.28 -5.16
N TRP A 25 3.19 7.34 -5.52
CA TRP A 25 1.75 7.58 -5.48
C TRP A 25 1.31 8.08 -4.10
N LEU A 26 1.64 7.30 -3.07
CA LEU A 26 1.30 7.67 -1.71
C LEU A 26 1.64 9.12 -1.42
N PHE A 27 2.86 9.52 -1.79
CA PHE A 27 3.30 10.89 -1.58
C PHE A 27 2.42 11.88 -2.32
N GLN A 28 2.12 11.58 -3.57
CA GLN A 28 1.28 12.43 -4.40
C GLN A 28 -0.07 12.66 -3.73
N HIS A 29 -0.55 11.66 -3.02
CA HIS A 29 -1.84 11.74 -2.34
C HIS A 29 -1.67 11.54 -0.83
N ILE A 30 -0.55 12.00 -0.30
CA ILE A 30 -0.26 11.88 1.12
C ILE A 30 -1.47 12.28 1.96
N GLY A 31 -2.06 13.42 1.62
CA GLY A 31 -3.23 13.90 2.35
C GLY A 31 -4.30 12.85 2.48
N HIS A 32 -4.59 12.16 1.38
CA HIS A 32 -5.61 11.12 1.36
C HIS A 32 -5.10 9.87 0.64
N PRO A 33 -4.39 9.01 1.39
CA PRO A 33 -3.84 7.76 0.84
C PRO A 33 -4.92 6.74 0.52
N TYR A 34 -5.58 6.92 -0.63
CA TYR A 34 -6.64 6.02 -1.05
C TYR A 34 -6.53 5.71 -2.54
N PRO A 35 -6.10 4.48 -2.86
CA PRO A 35 -5.95 4.03 -4.24
C PRO A 35 -7.29 3.85 -4.95
N THR A 36 -7.35 4.31 -6.20
CA THR A 36 -8.57 4.20 -6.98
C THR A 36 -8.67 2.84 -7.68
N GLU A 37 -9.89 2.32 -7.77
CA GLU A 37 -10.11 1.03 -8.41
C GLU A 37 -9.16 0.84 -9.60
N ASP A 38 -8.92 1.92 -10.33
CA ASP A 38 -8.03 1.87 -11.48
C ASP A 38 -6.57 1.78 -11.04
N GLU A 39 -6.19 2.59 -10.05
CA GLU A 39 -4.83 2.60 -9.54
C GLU A 39 -4.41 1.21 -9.10
N LYS A 40 -5.30 0.50 -8.41
CA LYS A 40 -5.02 -0.84 -7.92
C LYS A 40 -4.75 -1.79 -9.09
N LYS A 41 -5.53 -1.65 -10.16
CA LYS A 41 -5.37 -2.50 -11.33
C LYS A 41 -4.09 -2.15 -12.08
N GLN A 42 -3.94 -0.88 -12.43
CA GLN A 42 -2.75 -0.43 -13.15
C GLN A 42 -1.48 -0.70 -12.34
N ILE A 43 -1.46 -0.21 -11.10
CA ILE A 43 -0.32 -0.41 -10.23
C ILE A 43 0.07 -1.87 -10.14
N ALA A 44 -0.91 -2.73 -9.94
CA ALA A 44 -0.67 -4.17 -9.85
C ALA A 44 0.29 -4.63 -10.93
N ALA A 45 0.15 -4.06 -12.13
CA ALA A 45 1.01 -4.41 -13.25
C ALA A 45 2.41 -3.86 -13.07
N GLN A 46 2.52 -2.53 -13.07
CA GLN A 46 3.82 -1.88 -12.90
C GLN A 46 4.60 -2.50 -11.75
N THR A 47 3.89 -2.87 -10.70
CA THR A 47 4.52 -3.47 -9.52
C THR A 47 4.43 -5.00 -9.58
N ASN A 48 3.66 -5.50 -10.53
CA ASN A 48 3.49 -6.95 -10.70
C ASN A 48 2.95 -7.57 -9.40
N LEU A 49 2.09 -6.84 -8.71
CA LEU A 49 1.50 -7.33 -7.47
C LEU A 49 0.00 -7.57 -7.62
N THR A 50 -0.56 -8.39 -6.74
CA THR A 50 -1.98 -8.71 -6.79
C THR A 50 -2.80 -7.65 -6.03
N LEU A 51 -3.97 -7.34 -6.56
CA LEU A 51 -4.85 -6.35 -5.95
C LEU A 51 -4.74 -6.39 -4.44
N LEU A 52 -4.62 -7.60 -3.88
CA LEU A 52 -4.49 -7.77 -2.45
C LEU A 52 -3.19 -7.17 -1.93
N GLN A 53 -2.08 -7.53 -2.57
CA GLN A 53 -0.77 -7.02 -2.18
C GLN A 53 -0.75 -5.49 -2.22
N VAL A 54 -1.01 -4.93 -3.40
CA VAL A 54 -1.00 -3.49 -3.57
C VAL A 54 -1.79 -2.80 -2.45
N ASN A 55 -2.89 -3.42 -2.04
CA ASN A 55 -3.72 -2.87 -0.97
C ASN A 55 -3.05 -3.03 0.39
N ASN A 56 -2.68 -4.26 0.74
CA ASN A 56 -2.02 -4.53 2.01
C ASN A 56 -0.92 -3.52 2.27
N TRP A 57 0.02 -3.41 1.33
CA TRP A 57 1.13 -2.49 1.47
C TRP A 57 0.63 -1.09 1.82
N PHE A 58 -0.32 -0.60 1.05
CA PHE A 58 -0.89 0.73 1.29
C PHE A 58 -1.47 0.84 2.69
N ILE A 59 -2.41 -0.06 3.00
CA ILE A 59 -3.04 -0.06 4.31
C ILE A 59 -2.00 0.07 5.43
N ASN A 60 -0.90 -0.65 5.29
CA ASN A 60 0.16 -0.61 6.29
C ASN A 60 0.87 0.74 6.27
N ALA A 61 1.06 1.29 5.08
CA ALA A 61 1.72 2.58 4.92
C ALA A 61 0.95 3.68 5.65
N ARG A 62 -0.35 3.76 5.38
CA ARG A 62 -1.20 4.77 6.00
C ARG A 62 -0.96 4.83 7.51
N ARG A 63 -0.92 3.66 8.14
CA ARG A 63 -0.70 3.57 9.57
C ARG A 63 0.64 4.20 9.96
N ARG A 64 1.60 4.12 9.06
CA ARG A 64 2.92 4.68 9.31
C ARG A 64 2.89 6.20 9.25
N ILE A 65 2.39 6.74 8.15
CA ILE A 65 2.30 8.19 7.96
C ILE A 65 1.34 8.80 8.97
N LEU A 66 0.27 8.07 9.29
CA LEU A 66 -0.72 8.55 10.25
C LEU A 66 -0.16 8.57 11.66
N GLN A 67 0.47 7.46 12.06
CA GLN A 67 1.05 7.35 13.39
C GLN A 67 2.48 7.90 13.40
N SER A 68 2.61 9.14 13.85
CA SER A 68 3.92 9.79 13.90
C SER A 68 4.48 9.75 15.33
N GLY A 69 5.69 10.26 15.49
CA GLY A 69 6.33 10.28 16.79
C GLY A 69 7.39 9.21 16.94
N PRO A 70 8.28 9.38 17.93
CA PRO A 70 9.37 8.43 18.19
C PRO A 70 8.85 7.10 18.74
N SER A 71 7.68 7.13 19.35
CA SER A 71 7.08 5.93 19.92
C SER A 71 7.96 5.37 21.04
N SER A 72 8.49 6.24 21.87
CA SER A 72 9.35 5.84 22.98
C SER A 72 8.52 5.30 24.14
N GLY A 73 8.74 4.03 24.47
CA GLY A 73 8.01 3.42 25.56
C GLY A 73 8.62 2.10 26.01
N GLY A 1 -17.02 -8.84 7.23
CA GLY A 1 -18.24 -9.34 6.65
C GLY A 1 -18.75 -10.59 7.35
N SER A 2 -18.74 -11.71 6.64
CA SER A 2 -19.21 -12.97 7.19
C SER A 2 -18.04 -13.82 7.68
N SER A 3 -18.33 -14.78 8.55
CA SER A 3 -17.30 -15.65 9.10
C SER A 3 -16.42 -16.21 7.99
N GLY A 4 -15.18 -15.73 7.92
CA GLY A 4 -14.26 -16.20 6.91
C GLY A 4 -12.81 -15.93 7.28
N SER A 5 -12.31 -16.67 8.26
CA SER A 5 -10.93 -16.50 8.72
C SER A 5 -10.07 -17.69 8.30
N SER A 6 -8.93 -17.41 7.68
CA SER A 6 -8.03 -18.46 7.23
C SER A 6 -6.70 -18.40 7.99
N GLY A 7 -6.10 -19.57 8.20
CA GLY A 7 -4.83 -19.62 8.91
C GLY A 7 -3.64 -19.66 7.98
N LYS A 8 -3.34 -18.51 7.37
CA LYS A 8 -2.21 -18.42 6.44
C LYS A 8 -1.30 -17.25 6.81
N ASN A 9 -0.22 -17.54 7.53
CA ASN A 9 0.72 -16.51 7.94
C ASN A 9 1.97 -16.53 7.06
N LYS A 10 1.90 -15.82 5.94
CA LYS A 10 3.02 -15.74 5.01
C LYS A 10 3.60 -14.33 4.96
N ARG A 11 4.62 -14.09 5.77
CA ARG A 11 5.27 -12.78 5.81
C ARG A 11 6.49 -12.74 4.91
N GLY A 12 6.86 -11.54 4.46
CA GLY A 12 8.02 -11.40 3.59
C GLY A 12 8.30 -9.95 3.25
N VAL A 13 9.16 -9.73 2.25
CA VAL A 13 9.51 -8.39 1.83
C VAL A 13 9.28 -8.20 0.33
N LEU A 14 8.85 -7.00 -0.05
CA LEU A 14 8.59 -6.68 -1.44
C LEU A 14 9.79 -6.01 -2.08
N PRO A 15 9.89 -6.12 -3.41
CA PRO A 15 10.99 -5.53 -4.18
C PRO A 15 10.91 -4.00 -4.22
N LYS A 16 12.07 -3.35 -4.31
CA LYS A 16 12.12 -1.89 -4.37
C LYS A 16 11.30 -1.36 -5.53
N HIS A 17 11.38 -2.05 -6.67
CA HIS A 17 10.65 -1.64 -7.86
C HIS A 17 9.18 -1.42 -7.55
N ALA A 18 8.59 -2.34 -6.79
CA ALA A 18 7.19 -2.25 -6.42
C ALA A 18 6.97 -1.11 -5.43
N THR A 19 7.79 -1.05 -4.39
CA THR A 19 7.68 -0.01 -3.38
C THR A 19 7.79 1.37 -3.99
N ASN A 20 8.56 1.48 -5.07
CA ASN A 20 8.75 2.75 -5.76
C ASN A 20 7.41 3.33 -6.21
N VAL A 21 6.72 2.60 -7.07
CA VAL A 21 5.42 3.03 -7.57
C VAL A 21 4.49 3.44 -6.43
N MET A 22 4.21 2.49 -5.54
CA MET A 22 3.33 2.74 -4.41
C MET A 22 3.79 3.97 -3.63
N ARG A 23 5.08 4.03 -3.33
CA ARG A 23 5.66 5.15 -2.58
C ARG A 23 5.32 6.47 -3.27
N SER A 24 5.78 6.62 -4.51
CA SER A 24 5.53 7.84 -5.27
C SER A 24 4.07 8.25 -5.19
N TRP A 25 3.18 7.31 -5.50
CA TRP A 25 1.74 7.56 -5.47
C TRP A 25 1.32 8.10 -4.11
N LEU A 26 1.63 7.34 -3.07
CA LEU A 26 1.28 7.74 -1.70
C LEU A 26 1.66 9.19 -1.44
N PHE A 27 2.89 9.55 -1.79
CA PHE A 27 3.37 10.91 -1.60
C PHE A 27 2.51 11.91 -2.36
N GLN A 28 2.18 11.59 -3.60
CA GLN A 28 1.36 12.45 -4.42
C GLN A 28 0.00 12.70 -3.77
N HIS A 29 -0.49 11.70 -3.03
CA HIS A 29 -1.77 11.81 -2.36
C HIS A 29 -1.61 11.62 -0.85
N ILE A 30 -0.48 12.09 -0.33
CA ILE A 30 -0.19 11.98 1.10
C ILE A 30 -1.40 12.40 1.93
N GLY A 31 -2.00 13.54 1.56
CA GLY A 31 -3.16 14.02 2.29
C GLY A 31 -4.26 12.99 2.41
N HIS A 32 -4.55 12.31 1.29
CA HIS A 32 -5.59 11.29 1.29
C HIS A 32 -5.10 10.02 0.59
N PRO A 33 -4.38 9.18 1.33
CA PRO A 33 -3.83 7.91 0.80
C PRO A 33 -4.92 6.89 0.51
N TYR A 34 -5.60 7.06 -0.63
CA TYR A 34 -6.66 6.16 -1.03
C TYR A 34 -6.57 5.83 -2.52
N PRO A 35 -6.14 4.59 -2.83
CA PRO A 35 -6.00 4.13 -4.21
C PRO A 35 -7.35 3.95 -4.90
N THR A 36 -7.42 4.34 -6.18
CA THR A 36 -8.64 4.21 -6.95
C THR A 36 -8.71 2.86 -7.66
N GLU A 37 -9.91 2.30 -7.72
CA GLU A 37 -10.11 1.01 -8.38
C GLU A 37 -9.16 0.84 -9.56
N ASP A 38 -8.89 1.94 -10.26
CA ASP A 38 -7.99 1.92 -11.41
C ASP A 38 -6.53 1.81 -10.95
N GLU A 39 -6.15 2.66 -10.02
CA GLU A 39 -4.78 2.66 -9.50
C GLU A 39 -4.38 1.27 -9.03
N LYS A 40 -5.29 0.60 -8.33
CA LYS A 40 -5.04 -0.74 -7.82
C LYS A 40 -4.77 -1.72 -8.97
N LYS A 41 -5.53 -1.59 -10.05
CA LYS A 41 -5.38 -2.44 -11.21
C LYS A 41 -4.08 -2.14 -11.95
N GLN A 42 -3.90 -0.87 -12.32
CA GLN A 42 -2.70 -0.45 -13.02
C GLN A 42 -1.45 -0.73 -12.20
N ILE A 43 -1.43 -0.23 -10.97
CA ILE A 43 -0.30 -0.43 -10.08
C ILE A 43 0.09 -1.90 -10.01
N ALA A 44 -0.87 -2.74 -9.68
CA ALA A 44 -0.63 -4.18 -9.59
C ALA A 44 0.31 -4.66 -10.70
N ALA A 45 0.13 -4.09 -11.89
CA ALA A 45 0.97 -4.46 -13.03
C ALA A 45 2.39 -3.93 -12.87
N GLN A 46 2.54 -2.61 -12.90
CA GLN A 46 3.84 -1.98 -12.75
C GLN A 46 4.62 -2.60 -11.60
N THR A 47 3.92 -2.92 -10.52
CA THR A 47 4.54 -3.53 -9.35
C THR A 47 4.45 -5.04 -9.40
N ASN A 48 3.63 -5.55 -10.31
CA ASN A 48 3.46 -7.00 -10.46
C ASN A 48 2.88 -7.60 -9.18
N LEU A 49 2.02 -6.86 -8.51
CA LEU A 49 1.39 -7.32 -7.28
C LEU A 49 -0.10 -7.55 -7.48
N THR A 50 -0.69 -8.37 -6.61
CA THR A 50 -2.12 -8.67 -6.69
C THR A 50 -2.94 -7.63 -5.95
N LEU A 51 -4.12 -7.35 -6.47
CA LEU A 51 -5.01 -6.35 -5.85
C LEU A 51 -4.89 -6.40 -4.34
N LEU A 52 -4.81 -7.60 -3.79
CA LEU A 52 -4.70 -7.78 -2.35
C LEU A 52 -3.39 -7.19 -1.82
N GLN A 53 -2.28 -7.60 -2.42
CA GLN A 53 -0.96 -7.11 -2.02
C GLN A 53 -0.92 -5.58 -2.09
N VAL A 54 -1.19 -5.04 -3.27
CA VAL A 54 -1.18 -3.60 -3.46
C VAL A 54 -1.95 -2.88 -2.35
N ASN A 55 -3.06 -3.49 -1.92
CA ASN A 55 -3.88 -2.91 -0.88
C ASN A 55 -3.19 -2.99 0.48
N ASN A 56 -2.85 -4.21 0.89
CA ASN A 56 -2.16 -4.42 2.17
C ASN A 56 -1.01 -3.44 2.34
N TRP A 57 -0.12 -3.42 1.35
CA TRP A 57 1.04 -2.52 1.39
C TRP A 57 0.62 -1.10 1.71
N PHE A 58 -0.40 -0.61 1.00
CA PHE A 58 -0.90 0.74 1.21
C PHE A 58 -1.46 0.90 2.62
N ILE A 59 -2.38 0.00 2.99
CA ILE A 59 -2.98 0.04 4.31
C ILE A 59 -1.93 0.11 5.40
N ASN A 60 -0.78 -0.50 5.15
CA ASN A 60 0.31 -0.51 6.12
C ASN A 60 1.16 0.75 5.99
N ALA A 61 1.02 1.44 4.86
CA ALA A 61 1.77 2.66 4.61
C ALA A 61 1.02 3.88 5.12
N ARG A 62 -0.30 3.85 4.99
CA ARG A 62 -1.14 4.95 5.44
C ARG A 62 -1.27 4.97 6.96
N ARG A 63 -1.03 3.81 7.58
CA ARG A 63 -1.12 3.69 9.03
C ARG A 63 0.20 4.07 9.69
N ARG A 64 1.30 3.69 9.06
CA ARG A 64 2.63 4.00 9.59
C ARG A 64 2.92 5.49 9.49
N ILE A 65 2.49 6.11 8.39
CA ILE A 65 2.71 7.53 8.18
C ILE A 65 1.81 8.36 9.09
N LEU A 66 0.57 7.94 9.24
CA LEU A 66 -0.39 8.63 10.08
C LEU A 66 0.18 8.89 11.47
N GLN A 67 0.75 7.85 12.07
CA GLN A 67 1.34 7.95 13.39
C GLN A 67 2.51 8.95 13.39
N SER A 68 2.54 9.83 14.39
CA SER A 68 3.59 10.83 14.50
C SER A 68 4.96 10.16 14.56
N GLY A 69 5.73 10.30 13.49
CA GLY A 69 7.06 9.71 13.45
C GLY A 69 7.06 8.33 12.82
N PRO A 70 8.14 7.98 12.12
CA PRO A 70 8.28 6.68 11.46
C PRO A 70 8.47 5.54 12.46
N SER A 71 8.53 5.89 13.73
CA SER A 71 8.70 4.90 14.79
C SER A 71 7.35 4.36 15.26
N SER A 72 7.39 3.22 15.94
CA SER A 72 6.17 2.59 16.44
C SER A 72 6.03 2.78 17.95
N GLY A 73 7.16 3.06 18.60
CA GLY A 73 7.15 3.26 20.04
C GLY A 73 6.61 4.62 20.43
#